data_3RHN
# 
_entry.id   3RHN 
# 
_audit_conform.dict_name       mmcif_pdbx.dic 
_audit_conform.dict_version    5.387 
_audit_conform.dict_location   http://mmcif.pdb.org/dictionaries/ascii/mmcif_pdbx.dic 
# 
loop_
_database_2.database_id 
_database_2.database_code 
_database_2.pdbx_database_accession 
_database_2.pdbx_DOI 
PDB   3RHN         pdb_00003rhn 10.2210/pdb3rhn/pdb 
WWPDB D_1000179131 ?            ?                   
# 
loop_
_pdbx_audit_revision_history.ordinal 
_pdbx_audit_revision_history.data_content_type 
_pdbx_audit_revision_history.major_revision 
_pdbx_audit_revision_history.minor_revision 
_pdbx_audit_revision_history.revision_date 
1 'Structure model' 1 0 1997-06-16 
2 'Structure model' 1 1 2008-03-25 
3 'Structure model' 1 2 2011-07-13 
4 'Structure model' 1 3 2024-02-21 
# 
_pdbx_audit_revision_details.ordinal             1 
_pdbx_audit_revision_details.revision_ordinal    1 
_pdbx_audit_revision_details.data_content_type   'Structure model' 
_pdbx_audit_revision_details.provider            repository 
_pdbx_audit_revision_details.type                'Initial release' 
_pdbx_audit_revision_details.description         ? 
_pdbx_audit_revision_details.details             ? 
# 
loop_
_pdbx_audit_revision_group.ordinal 
_pdbx_audit_revision_group.revision_ordinal 
_pdbx_audit_revision_group.data_content_type 
_pdbx_audit_revision_group.group 
1 2 'Structure model' 'Version format compliance' 
2 3 'Structure model' 'Derived calculations'      
3 3 'Structure model' 'Version format compliance' 
4 4 'Structure model' 'Data collection'           
5 4 'Structure model' 'Database references'       
6 4 'Structure model' 'Derived calculations'      
7 4 'Structure model' Other                       
# 
loop_
_pdbx_audit_revision_category.ordinal 
_pdbx_audit_revision_category.revision_ordinal 
_pdbx_audit_revision_category.data_content_type 
_pdbx_audit_revision_category.category 
1 4 'Structure model' chem_comp_atom       
2 4 'Structure model' chem_comp_bond       
3 4 'Structure model' database_2           
4 4 'Structure model' pdbx_database_status 
5 4 'Structure model' struct_site          
# 
loop_
_pdbx_audit_revision_item.ordinal 
_pdbx_audit_revision_item.revision_ordinal 
_pdbx_audit_revision_item.data_content_type 
_pdbx_audit_revision_item.item 
1 4 'Structure model' '_database_2.pdbx_DOI'                
2 4 'Structure model' '_database_2.pdbx_database_accession' 
3 4 'Structure model' '_pdbx_database_status.process_site'  
4 4 'Structure model' '_struct_site.pdbx_auth_asym_id'      
5 4 'Structure model' '_struct_site.pdbx_auth_comp_id'      
6 4 'Structure model' '_struct_site.pdbx_auth_seq_id'       
# 
_pdbx_database_status.status_code                     REL 
_pdbx_database_status.entry_id                        3RHN 
_pdbx_database_status.recvd_initial_deposition_date   1997-02-11 
_pdbx_database_status.deposit_site                    ? 
_pdbx_database_status.process_site                    BNL 
_pdbx_database_status.status_code_sf                  REL 
_pdbx_database_status.status_code_mr                  ? 
_pdbx_database_status.SG_entry                        ? 
_pdbx_database_status.pdb_format_compatible           Y 
_pdbx_database_status.status_code_cs                  ? 
_pdbx_database_status.status_code_nmr_data            ? 
_pdbx_database_status.methods_development_category    ? 
# 
loop_
_audit_author.name 
_audit_author.pdbx_ordinal 
'Brenner, C.'      1 
'Garrison, P.'     2 
'Gilmour, J.'      3 
'Peisach, D.'      4 
'Ringe, D.'        5 
'Petsko, G.A.'     6 
'Lowenstein, J.M.' 7 
# 
_citation.id                        primary 
_citation.title                     
'Crystal structures of HINT demonstrate that histidine triad proteins are GalT-related nucleotide-binding proteins.' 
_citation.journal_abbrev            Nat.Struct.Biol. 
_citation.journal_volume            4 
_citation.page_first                231 
_citation.page_last                 238 
_citation.year                      1997 
_citation.journal_id_ASTM           NSBIEW 
_citation.country                   US 
_citation.journal_id_ISSN           1072-8368 
_citation.journal_id_CSD            2024 
_citation.book_publisher            ? 
_citation.pdbx_database_id_PubMed   9164465 
_citation.pdbx_database_id_DOI      10.1038/nsb0397-231 
# 
loop_
_citation_author.citation_id 
_citation_author.name 
_citation_author.ordinal 
_citation_author.identifier_ORCID 
primary 'Brenner, C.'      1 ? 
primary 'Garrison, P.'     2 ? 
primary 'Gilmour, J.'      3 ? 
primary 'Peisach, D.'      4 ? 
primary 'Ringe, D.'        5 ? 
primary 'Petsko, G.A.'     6 ? 
primary 'Lowenstein, J.M.' 7 ? 
# 
loop_
_entity.id 
_entity.type 
_entity.src_method 
_entity.pdbx_description 
_entity.formula_weight 
_entity.pdbx_number_of_molecules 
_entity.pdbx_ec 
_entity.pdbx_mutation 
_entity.pdbx_fragment 
_entity.details 
1 polymer     man 'HISTIDINE TRIAD NUCLEOTIDE-BINDING PROTEIN' 12584.530 1  ? ? ? ? 
2 non-polymer syn "GUANOSINE-5'-MONOPHOSPHATE"                 363.221   1  ? ? ? ? 
3 water       nat water                                        18.015    66 ? ? ? ? 
# 
_entity_name_com.entity_id   1 
_entity_name_com.name        HINT 
# 
_entity_poly.entity_id                      1 
_entity_poly.type                           'polypeptide(L)' 
_entity_poly.nstd_linkage                   no 
_entity_poly.nstd_monomer                   no 
_entity_poly.pdbx_seq_one_letter_code       
;RPGGDTIFGKIIRKEIPAKIIFEDDQCLAFHDISPQAPTHFLVIPKKHISQISAAEDADESLLGHLMIVGKKCAADLGLK
KGYRMVVNEGSDGGQSVYHVHLHVLGGRQMNWPPG
;
_entity_poly.pdbx_seq_one_letter_code_can   
;RPGGDTIFGKIIRKEIPAKIIFEDDQCLAFHDISPQAPTHFLVIPKKHISQISAAEDADESLLGHLMIVGKKCAADLGLK
KGYRMVVNEGSDGGQSVYHVHLHVLGGRQMNWPPG
;
_entity_poly.pdbx_strand_id                 A 
_entity_poly.pdbx_target_identifier         ? 
# 
loop_
_pdbx_entity_nonpoly.entity_id 
_pdbx_entity_nonpoly.name 
_pdbx_entity_nonpoly.comp_id 
2 "GUANOSINE-5'-MONOPHOSPHATE" 5GP 
3 water                        HOH 
# 
loop_
_entity_poly_seq.entity_id 
_entity_poly_seq.num 
_entity_poly_seq.mon_id 
_entity_poly_seq.hetero 
1 1   ARG n 
1 2   PRO n 
1 3   GLY n 
1 4   GLY n 
1 5   ASP n 
1 6   THR n 
1 7   ILE n 
1 8   PHE n 
1 9   GLY n 
1 10  LYS n 
1 11  ILE n 
1 12  ILE n 
1 13  ARG n 
1 14  LYS n 
1 15  GLU n 
1 16  ILE n 
1 17  PRO n 
1 18  ALA n 
1 19  LYS n 
1 20  ILE n 
1 21  ILE n 
1 22  PHE n 
1 23  GLU n 
1 24  ASP n 
1 25  ASP n 
1 26  GLN n 
1 27  CYS n 
1 28  LEU n 
1 29  ALA n 
1 30  PHE n 
1 31  HIS n 
1 32  ASP n 
1 33  ILE n 
1 34  SER n 
1 35  PRO n 
1 36  GLN n 
1 37  ALA n 
1 38  PRO n 
1 39  THR n 
1 40  HIS n 
1 41  PHE n 
1 42  LEU n 
1 43  VAL n 
1 44  ILE n 
1 45  PRO n 
1 46  LYS n 
1 47  LYS n 
1 48  HIS n 
1 49  ILE n 
1 50  SER n 
1 51  GLN n 
1 52  ILE n 
1 53  SER n 
1 54  ALA n 
1 55  ALA n 
1 56  GLU n 
1 57  ASP n 
1 58  ALA n 
1 59  ASP n 
1 60  GLU n 
1 61  SER n 
1 62  LEU n 
1 63  LEU n 
1 64  GLY n 
1 65  HIS n 
1 66  LEU n 
1 67  MET n 
1 68  ILE n 
1 69  VAL n 
1 70  GLY n 
1 71  LYS n 
1 72  LYS n 
1 73  CYS n 
1 74  ALA n 
1 75  ALA n 
1 76  ASP n 
1 77  LEU n 
1 78  GLY n 
1 79  LEU n 
1 80  LYS n 
1 81  LYS n 
1 82  GLY n 
1 83  TYR n 
1 84  ARG n 
1 85  MET n 
1 86  VAL n 
1 87  VAL n 
1 88  ASN n 
1 89  GLU n 
1 90  GLY n 
1 91  SER n 
1 92  ASP n 
1 93  GLY n 
1 94  GLY n 
1 95  GLN n 
1 96  SER n 
1 97  VAL n 
1 98  TYR n 
1 99  HIS n 
1 100 VAL n 
1 101 HIS n 
1 102 LEU n 
1 103 HIS n 
1 104 VAL n 
1 105 LEU n 
1 106 GLY n 
1 107 GLY n 
1 108 ARG n 
1 109 GLN n 
1 110 MET n 
1 111 ASN n 
1 112 TRP n 
1 113 PRO n 
1 114 PRO n 
1 115 GLY n 
# 
_entity_src_gen.entity_id                          1 
_entity_src_gen.pdbx_src_id                        1 
_entity_src_gen.pdbx_alt_source_flag               sample 
_entity_src_gen.pdbx_seq_type                      ? 
_entity_src_gen.pdbx_beg_seq_num                   ? 
_entity_src_gen.pdbx_end_seq_num                   ? 
_entity_src_gen.gene_src_common_name               rabbit 
_entity_src_gen.gene_src_genus                     Oryctolagus 
_entity_src_gen.pdbx_gene_src_gene                 HINT 
_entity_src_gen.gene_src_species                   ? 
_entity_src_gen.gene_src_strain                    ? 
_entity_src_gen.gene_src_tissue                    ? 
_entity_src_gen.gene_src_tissue_fraction           ? 
_entity_src_gen.gene_src_details                   ? 
_entity_src_gen.pdbx_gene_src_fragment             ? 
_entity_src_gen.pdbx_gene_src_scientific_name      'Oryctolagus cuniculus' 
_entity_src_gen.pdbx_gene_src_ncbi_taxonomy_id     9986 
_entity_src_gen.pdbx_gene_src_variant              ? 
_entity_src_gen.pdbx_gene_src_cell_line            ? 
_entity_src_gen.pdbx_gene_src_atcc                 ? 
_entity_src_gen.pdbx_gene_src_organ                HEART 
_entity_src_gen.pdbx_gene_src_organelle            ? 
_entity_src_gen.pdbx_gene_src_cell                 ? 
_entity_src_gen.pdbx_gene_src_cellular_location    ? 
_entity_src_gen.host_org_common_name               ? 
_entity_src_gen.pdbx_host_org_scientific_name      'Escherichia coli' 
_entity_src_gen.pdbx_host_org_ncbi_taxonomy_id     562 
_entity_src_gen.host_org_genus                     Escherichia 
_entity_src_gen.pdbx_host_org_gene                 HINT 
_entity_src_gen.pdbx_host_org_organ                ? 
_entity_src_gen.host_org_species                   ? 
_entity_src_gen.pdbx_host_org_tissue               ? 
_entity_src_gen.pdbx_host_org_tissue_fraction      ? 
_entity_src_gen.pdbx_host_org_strain               JM109/DE3/LACIQ 
_entity_src_gen.pdbx_host_org_variant              ? 
_entity_src_gen.pdbx_host_org_cell_line            ? 
_entity_src_gen.pdbx_host_org_atcc                 ? 
_entity_src_gen.pdbx_host_org_culture_collection   ? 
_entity_src_gen.pdbx_host_org_cell                 ? 
_entity_src_gen.pdbx_host_org_organelle            ? 
_entity_src_gen.pdbx_host_org_cellular_location    ? 
_entity_src_gen.pdbx_host_org_vector_type          LAC 
_entity_src_gen.pdbx_host_org_vector               PSGA02 
_entity_src_gen.host_org_details                   ? 
_entity_src_gen.expression_system_id               ? 
_entity_src_gen.plasmid_name                       PSGA02-HINT 
_entity_src_gen.plasmid_details                    ? 
_entity_src_gen.pdbx_description                   
;RABBIT HINT CDNA WAS CLONED FROM HEART LIBRARY, EXPRESSED IN ESCHERICHIA COLI, AND PURIFIED BY ADENOSINE-AGAROSE AFFINITY CHROMATOGRAPHY
;
# 
loop_
_chem_comp.id 
_chem_comp.type 
_chem_comp.mon_nstd_flag 
_chem_comp.name 
_chem_comp.pdbx_synonyms 
_chem_comp.formula 
_chem_comp.formula_weight 
5GP non-polymer         . "GUANOSINE-5'-MONOPHOSPHATE" ? 'C10 H14 N5 O8 P' 363.221 
ALA 'L-peptide linking' y ALANINE                      ? 'C3 H7 N O2'      89.093  
ARG 'L-peptide linking' y ARGININE                     ? 'C6 H15 N4 O2 1'  175.209 
ASN 'L-peptide linking' y ASPARAGINE                   ? 'C4 H8 N2 O3'     132.118 
ASP 'L-peptide linking' y 'ASPARTIC ACID'              ? 'C4 H7 N O4'      133.103 
CYS 'L-peptide linking' y CYSTEINE                     ? 'C3 H7 N O2 S'    121.158 
GLN 'L-peptide linking' y GLUTAMINE                    ? 'C5 H10 N2 O3'    146.144 
GLU 'L-peptide linking' y 'GLUTAMIC ACID'              ? 'C5 H9 N O4'      147.129 
GLY 'peptide linking'   y GLYCINE                      ? 'C2 H5 N O2'      75.067  
HIS 'L-peptide linking' y HISTIDINE                    ? 'C6 H10 N3 O2 1'  156.162 
HOH non-polymer         . WATER                        ? 'H2 O'            18.015  
ILE 'L-peptide linking' y ISOLEUCINE                   ? 'C6 H13 N O2'     131.173 
LEU 'L-peptide linking' y LEUCINE                      ? 'C6 H13 N O2'     131.173 
LYS 'L-peptide linking' y LYSINE                       ? 'C6 H15 N2 O2 1'  147.195 
MET 'L-peptide linking' y METHIONINE                   ? 'C5 H11 N O2 S'   149.211 
PHE 'L-peptide linking' y PHENYLALANINE                ? 'C9 H11 N O2'     165.189 
PRO 'L-peptide linking' y PROLINE                      ? 'C5 H9 N O2'      115.130 
SER 'L-peptide linking' y SERINE                       ? 'C3 H7 N O3'      105.093 
THR 'L-peptide linking' y THREONINE                    ? 'C4 H9 N O3'      119.119 
TRP 'L-peptide linking' y TRYPTOPHAN                   ? 'C11 H12 N2 O2'   204.225 
TYR 'L-peptide linking' y TYROSINE                     ? 'C9 H11 N O3'     181.189 
VAL 'L-peptide linking' y VALINE                       ? 'C5 H11 N O2'     117.146 
# 
loop_
_pdbx_poly_seq_scheme.asym_id 
_pdbx_poly_seq_scheme.entity_id 
_pdbx_poly_seq_scheme.seq_id 
_pdbx_poly_seq_scheme.mon_id 
_pdbx_poly_seq_scheme.ndb_seq_num 
_pdbx_poly_seq_scheme.pdb_seq_num 
_pdbx_poly_seq_scheme.auth_seq_num 
_pdbx_poly_seq_scheme.pdb_mon_id 
_pdbx_poly_seq_scheme.auth_mon_id 
_pdbx_poly_seq_scheme.pdb_strand_id 
_pdbx_poly_seq_scheme.pdb_ins_code 
_pdbx_poly_seq_scheme.hetero 
A 1 1   ARG 1   12  12  ARG ARG A . n 
A 1 2   PRO 2   13  13  PRO PRO A . n 
A 1 3   GLY 3   14  14  GLY GLY A . n 
A 1 4   GLY 4   15  15  GLY GLY A . n 
A 1 5   ASP 5   16  16  ASP ASP A . n 
A 1 6   THR 6   17  17  THR THR A . n 
A 1 7   ILE 7   18  18  ILE ILE A . n 
A 1 8   PHE 8   19  19  PHE PHE A . n 
A 1 9   GLY 9   20  20  GLY GLY A . n 
A 1 10  LYS 10  21  21  LYS LYS A . n 
A 1 11  ILE 11  22  22  ILE ILE A . n 
A 1 12  ILE 12  23  23  ILE ILE A . n 
A 1 13  ARG 13  24  24  ARG ARG A . n 
A 1 14  LYS 14  25  25  LYS LYS A . n 
A 1 15  GLU 15  26  26  GLU GLU A . n 
A 1 16  ILE 16  27  27  ILE ILE A . n 
A 1 17  PRO 17  28  28  PRO PRO A . n 
A 1 18  ALA 18  29  29  ALA ALA A . n 
A 1 19  LYS 19  30  30  LYS LYS A . n 
A 1 20  ILE 20  31  31  ILE ILE A . n 
A 1 21  ILE 21  32  32  ILE ILE A . n 
A 1 22  PHE 22  33  33  PHE PHE A . n 
A 1 23  GLU 23  34  34  GLU GLU A . n 
A 1 24  ASP 24  35  35  ASP ASP A . n 
A 1 25  ASP 25  36  36  ASP ASP A . n 
A 1 26  GLN 26  37  37  GLN GLN A . n 
A 1 27  CYS 27  38  38  CYS CYS A . n 
A 1 28  LEU 28  39  39  LEU LEU A . n 
A 1 29  ALA 29  40  40  ALA ALA A . n 
A 1 30  PHE 30  41  41  PHE PHE A . n 
A 1 31  HIS 31  42  42  HIS HIS A . n 
A 1 32  ASP 32  43  43  ASP ASP A . n 
A 1 33  ILE 33  44  44  ILE ILE A . n 
A 1 34  SER 34  45  45  SER SER A . n 
A 1 35  PRO 35  46  46  PRO PRO A . n 
A 1 36  GLN 36  47  47  GLN GLN A . n 
A 1 37  ALA 37  48  48  ALA ALA A . n 
A 1 38  PRO 38  49  49  PRO PRO A . n 
A 1 39  THR 39  50  50  THR THR A . n 
A 1 40  HIS 40  51  51  HIS HIS A . n 
A 1 41  PHE 41  52  52  PHE PHE A . n 
A 1 42  LEU 42  53  53  LEU LEU A . n 
A 1 43  VAL 43  54  54  VAL VAL A . n 
A 1 44  ILE 44  55  55  ILE ILE A . n 
A 1 45  PRO 45  56  56  PRO PRO A . n 
A 1 46  LYS 46  57  57  LYS LYS A . n 
A 1 47  LYS 47  58  58  LYS LYS A . n 
A 1 48  HIS 48  59  59  HIS HIS A . n 
A 1 49  ILE 49  60  60  ILE ILE A . n 
A 1 50  SER 50  61  61  SER SER A . n 
A 1 51  GLN 51  62  62  GLN GLN A . n 
A 1 52  ILE 52  63  63  ILE ILE A . n 
A 1 53  SER 53  64  64  SER SER A . n 
A 1 54  ALA 54  65  65  ALA ALA A . n 
A 1 55  ALA 55  66  66  ALA ALA A . n 
A 1 56  GLU 56  67  67  GLU GLU A . n 
A 1 57  ASP 57  68  68  ASP ASP A . n 
A 1 58  ALA 58  69  69  ALA ALA A . n 
A 1 59  ASP 59  70  70  ASP ASP A . n 
A 1 60  GLU 60  71  71  GLU GLU A . n 
A 1 61  SER 61  72  72  SER SER A . n 
A 1 62  LEU 62  73  73  LEU LEU A . n 
A 1 63  LEU 63  74  74  LEU LEU A . n 
A 1 64  GLY 64  75  75  GLY GLY A . n 
A 1 65  HIS 65  76  76  HIS HIS A . n 
A 1 66  LEU 66  77  77  LEU LEU A . n 
A 1 67  MET 67  78  78  MET MET A . n 
A 1 68  ILE 68  79  79  ILE ILE A . n 
A 1 69  VAL 69  80  80  VAL VAL A . n 
A 1 70  GLY 70  81  81  GLY GLY A . n 
A 1 71  LYS 71  82  82  LYS LYS A . n 
A 1 72  LYS 72  83  83  LYS LYS A . n 
A 1 73  CYS 73  84  84  CYS CYS A . n 
A 1 74  ALA 74  85  85  ALA ALA A . n 
A 1 75  ALA 75  86  86  ALA ALA A . n 
A 1 76  ASP 76  87  87  ASP ASP A . n 
A 1 77  LEU 77  88  88  LEU LEU A . n 
A 1 78  GLY 78  89  89  GLY GLY A . n 
A 1 79  LEU 79  90  90  LEU LEU A . n 
A 1 80  LYS 80  91  91  LYS LYS A . n 
A 1 81  LYS 81  92  92  LYS LYS A . n 
A 1 82  GLY 82  93  93  GLY GLY A . n 
A 1 83  TYR 83  94  94  TYR TYR A . n 
A 1 84  ARG 84  95  95  ARG ARG A . n 
A 1 85  MET 85  96  96  MET MET A . n 
A 1 86  VAL 86  97  97  VAL VAL A . n 
A 1 87  VAL 87  98  98  VAL VAL A . n 
A 1 88  ASN 88  99  99  ASN ASN A . n 
A 1 89  GLU 89  100 100 GLU GLU A . n 
A 1 90  GLY 90  101 101 GLY GLY A . n 
A 1 91  SER 91  102 102 SER SER A . n 
A 1 92  ASP 92  103 103 ASP ASP A . n 
A 1 93  GLY 93  104 104 GLY GLY A . n 
A 1 94  GLY 94  105 105 GLY GLY A . n 
A 1 95  GLN 95  106 106 GLN GLN A . n 
A 1 96  SER 96  107 107 SER SER A . n 
A 1 97  VAL 97  108 108 VAL VAL A . n 
A 1 98  TYR 98  109 109 TYR TYR A . n 
A 1 99  HIS 99  110 110 HIS HIS A . n 
A 1 100 VAL 100 111 111 VAL VAL A . n 
A 1 101 HIS 101 112 112 HIS HIS A . n 
A 1 102 LEU 102 113 113 LEU LEU A . n 
A 1 103 HIS 103 114 114 HIS HIS A . n 
A 1 104 VAL 104 115 115 VAL VAL A . n 
A 1 105 LEU 105 116 116 LEU LEU A . n 
A 1 106 GLY 106 117 117 GLY GLY A . n 
A 1 107 GLY 107 118 118 GLY GLY A . n 
A 1 108 ARG 108 119 119 ARG ARG A . n 
A 1 109 GLN 109 120 120 GLN GLN A . n 
A 1 110 MET 110 121 121 MET MET A . n 
A 1 111 ASN 111 122 122 ASN ASN A . n 
A 1 112 TRP 112 123 123 TRP TRP A . n 
A 1 113 PRO 113 124 124 PRO PRO A . n 
A 1 114 PRO 114 125 125 PRO PRO A . n 
A 1 115 GLY 115 126 126 GLY GLY A . n 
# 
loop_
_pdbx_nonpoly_scheme.asym_id 
_pdbx_nonpoly_scheme.entity_id 
_pdbx_nonpoly_scheme.mon_id 
_pdbx_nonpoly_scheme.ndb_seq_num 
_pdbx_nonpoly_scheme.pdb_seq_num 
_pdbx_nonpoly_scheme.auth_seq_num 
_pdbx_nonpoly_scheme.pdb_mon_id 
_pdbx_nonpoly_scheme.auth_mon_id 
_pdbx_nonpoly_scheme.pdb_strand_id 
_pdbx_nonpoly_scheme.pdb_ins_code 
B 2 5GP 1  201 201 5GP 5GP A . 
C 3 HOH 1  211 211 HOH HOH A . 
C 3 HOH 2  212 212 HOH HOH A . 
C 3 HOH 3  213 213 HOH HOH A . 
C 3 HOH 4  214 214 HOH HOH A . 
C 3 HOH 5  215 215 HOH HOH A . 
C 3 HOH 6  216 216 HOH HOH A . 
C 3 HOH 7  217 217 HOH HOH A . 
C 3 HOH 8  218 218 HOH HOH A . 
C 3 HOH 9  219 219 HOH HOH A . 
C 3 HOH 10 220 220 HOH HOH A . 
C 3 HOH 11 221 221 HOH HOH A . 
C 3 HOH 12 222 222 HOH HOH A . 
C 3 HOH 13 223 223 HOH HOH A . 
C 3 HOH 14 224 224 HOH HOH A . 
C 3 HOH 15 225 225 HOH HOH A . 
C 3 HOH 16 226 226 HOH HOH A . 
C 3 HOH 17 227 227 HOH HOH A . 
C 3 HOH 18 228 228 HOH HOH A . 
C 3 HOH 19 229 229 HOH HOH A . 
C 3 HOH 20 230 230 HOH HOH A . 
C 3 HOH 21 231 231 HOH HOH A . 
C 3 HOH 22 232 232 HOH HOH A . 
C 3 HOH 23 233 233 HOH HOH A . 
C 3 HOH 24 234 234 HOH HOH A . 
C 3 HOH 25 235 235 HOH HOH A . 
C 3 HOH 26 236 236 HOH HOH A . 
C 3 HOH 27 237 237 HOH HOH A . 
C 3 HOH 28 238 238 HOH HOH A . 
C 3 HOH 29 239 239 HOH HOH A . 
C 3 HOH 30 240 240 HOH HOH A . 
C 3 HOH 31 241 241 HOH HOH A . 
C 3 HOH 32 242 242 HOH HOH A . 
C 3 HOH 33 243 243 HOH HOH A . 
C 3 HOH 34 244 244 HOH HOH A . 
C 3 HOH 35 245 245 HOH HOH A . 
C 3 HOH 36 246 246 HOH HOH A . 
C 3 HOH 37 247 247 HOH HOH A . 
C 3 HOH 38 248 248 HOH HOH A . 
C 3 HOH 39 249 249 HOH HOH A . 
C 3 HOH 40 250 250 HOH HOH A . 
C 3 HOH 41 251 251 HOH HOH A . 
C 3 HOH 42 252 252 HOH HOH A . 
C 3 HOH 43 253 253 HOH HOH A . 
C 3 HOH 44 254 254 HOH HOH A . 
C 3 HOH 45 255 255 HOH HOH A . 
C 3 HOH 46 256 256 HOH HOH A . 
C 3 HOH 47 257 257 HOH HOH A . 
C 3 HOH 48 258 258 HOH HOH A . 
C 3 HOH 49 259 259 HOH HOH A . 
C 3 HOH 50 260 260 HOH HOH A . 
C 3 HOH 51 261 261 HOH HOH A . 
C 3 HOH 52 262 262 HOH HOH A . 
C 3 HOH 53 263 263 HOH HOH A . 
C 3 HOH 54 264 264 HOH HOH A . 
C 3 HOH 55 265 265 HOH HOH A . 
C 3 HOH 56 266 266 HOH HOH A . 
C 3 HOH 57 267 267 HOH HOH A . 
C 3 HOH 58 268 268 HOH HOH A . 
C 3 HOH 59 269 269 HOH HOH A . 
C 3 HOH 60 270 270 HOH HOH A . 
C 3 HOH 61 271 271 HOH HOH A . 
C 3 HOH 62 272 272 HOH HOH A . 
C 3 HOH 63 273 273 HOH HOH A . 
C 3 HOH 64 274 274 HOH HOH A . 
C 3 HOH 65 275 275 HOH HOH A . 
C 3 HOH 66 276 276 HOH HOH A . 
# 
loop_
_pdbx_unobs_or_zero_occ_atoms.id 
_pdbx_unobs_or_zero_occ_atoms.PDB_model_num 
_pdbx_unobs_or_zero_occ_atoms.polymer_flag 
_pdbx_unobs_or_zero_occ_atoms.occupancy_flag 
_pdbx_unobs_or_zero_occ_atoms.auth_asym_id 
_pdbx_unobs_or_zero_occ_atoms.auth_comp_id 
_pdbx_unobs_or_zero_occ_atoms.auth_seq_id 
_pdbx_unobs_or_zero_occ_atoms.PDB_ins_code 
_pdbx_unobs_or_zero_occ_atoms.auth_atom_id 
_pdbx_unobs_or_zero_occ_atoms.label_alt_id 
_pdbx_unobs_or_zero_occ_atoms.label_asym_id 
_pdbx_unobs_or_zero_occ_atoms.label_comp_id 
_pdbx_unobs_or_zero_occ_atoms.label_seq_id 
_pdbx_unobs_or_zero_occ_atoms.label_atom_id 
1 1 Y 1 A ARG 12 ? CG  ? A ARG 1 CG  
2 1 Y 1 A ARG 12 ? CD  ? A ARG 1 CD  
3 1 Y 1 A ARG 12 ? NE  ? A ARG 1 NE  
4 1 Y 1 A ARG 12 ? CZ  ? A ARG 1 CZ  
5 1 Y 1 A ARG 12 ? NH1 ? A ARG 1 NH1 
6 1 Y 1 A ARG 12 ? NH2 ? A ARG 1 NH2 
# 
loop_
_software.name 
_software.classification 
_software.version 
_software.citation_id 
_software.pdbx_ordinal 
PROTSYS 'model building' .   ? 1 
X-PLOR  'model building' 3.1 ? 2 
X-PLOR  refinement       3.1 ? 3 
XDS     'data reduction' .   ? 4 
XDS     'data scaling'   .   ? 5 
PROTSYS phasing          .   ? 6 
X-PLOR  phasing          3.1 ? 7 
# 
_cell.entry_id           3RHN 
_cell.length_a           50.850 
_cell.length_b           50.850 
_cell.length_c           81.830 
_cell.angle_alpha        90.00 
_cell.angle_beta         90.00 
_cell.angle_gamma        120.00 
_cell.Z_PDB              6 
_cell.pdbx_unique_axis   ? 
# 
_symmetry.entry_id                         3RHN 
_symmetry.space_group_name_H-M             'P 31 2 1' 
_symmetry.pdbx_full_space_group_name_H-M   ? 
_symmetry.cell_setting                     ? 
_symmetry.Int_Tables_number                152 
# 
_exptl.entry_id          3RHN 
_exptl.method            'X-RAY DIFFRACTION' 
_exptl.crystals_number   1 
# 
_exptl_crystal.id                    1 
_exptl_crystal.density_meas          ? 
_exptl_crystal.density_Matthews      2.23 
_exptl_crystal.density_percent_sol   45. 
_exptl_crystal.description           
'HINT-GMP, ISOMORPHOUS WITH HINT-ADENOSINE, WAS DETERMINED BY REFINEMENT FROM THE HINT-ADENOSINE COORDINATES.' 
# 
_exptl_crystal_grow.crystal_id      1 
_exptl_crystal_grow.method          ? 
_exptl_crystal_grow.temp            ? 
_exptl_crystal_grow.temp_details    ? 
_exptl_crystal_grow.pH              6.5 
_exptl_crystal_grow.pdbx_pH_range   ? 
_exptl_crystal_grow.pdbx_details    '30% POLYETHYLENE GLYCOL 8000, 0.1 M SODIUM ACETATE, 0.1 M SODIUM CACODYLATE, PH 6.5' 
# 
_diffrn.id                     1 
_diffrn.ambient_temp           277 
_diffrn.ambient_temp_details   ? 
_diffrn.crystal_id             1 
# 
_diffrn_detector.diffrn_id              1 
_diffrn_detector.detector               'IMAGE PLATE' 
_diffrn_detector.type                   RIGAKU 
_diffrn_detector.pdbx_collection_date   1994-11 
_diffrn_detector.details                COLLIMATOR 
# 
_diffrn_radiation.diffrn_id                        1 
_diffrn_radiation.wavelength_id                    1 
_diffrn_radiation.pdbx_monochromatic_or_laue_m_l   M 
_diffrn_radiation.monochromator                    'NI FILTER' 
_diffrn_radiation.pdbx_diffrn_protocol             ? 
_diffrn_radiation.pdbx_scattering_type             x-ray 
# 
_diffrn_radiation_wavelength.id           1 
_diffrn_radiation_wavelength.wavelength   1.5418 
_diffrn_radiation_wavelength.wt           1.0 
# 
_diffrn_source.diffrn_id                   1 
_diffrn_source.source                      'ROTATING ANODE' 
_diffrn_source.type                        'RIGAKU RUH2R' 
_diffrn_source.pdbx_synchrotron_site       ? 
_diffrn_source.pdbx_synchrotron_beamline   ? 
_diffrn_source.pdbx_wavelength             1.5418 
_diffrn_source.pdbx_wavelength_list        ? 
# 
_reflns.entry_id                     3RHN 
_reflns.observed_criterion_sigma_I   0. 
_reflns.observed_criterion_sigma_F   ? 
_reflns.d_resolution_low             27.74 
_reflns.d_resolution_high            2.10 
_reflns.number_obs                   49822 
_reflns.number_all                   ? 
_reflns.percent_possible_obs         99. 
_reflns.pdbx_Rmerge_I_obs            ? 
_reflns.pdbx_Rsym_value              0.0300000 
_reflns.pdbx_netI_over_sigmaI        13. 
_reflns.B_iso_Wilson_estimate        ? 
_reflns.pdbx_redundancy              6.7 
_reflns.pdbx_ordinal                 1 
_reflns.pdbx_diffrn_id               1 
# 
_reflns_shell.d_res_high             2.10 
_reflns_shell.d_res_low              2.21 
_reflns_shell.percent_possible_all   100. 
_reflns_shell.Rmerge_I_obs           ? 
_reflns_shell.pdbx_Rsym_value        0.0600000 
_reflns_shell.meanI_over_sigI_obs    5. 
_reflns_shell.pdbx_redundancy        4.0 
_reflns_shell.pdbx_ordinal           1 
_reflns_shell.pdbx_diffrn_id         1 
# 
_refine.entry_id                                 3RHN 
_refine.ls_number_reflns_obs                     7130 
_refine.ls_number_reflns_all                     ? 
_refine.pdbx_ls_sigma_I                          ? 
_refine.pdbx_ls_sigma_F                          0. 
_refine.pdbx_data_cutoff_high_absF               ? 
_refine.pdbx_data_cutoff_low_absF                ? 
_refine.pdbx_data_cutoff_high_rms_absF           ? 
_refine.ls_d_res_low                             10.00 
_refine.ls_d_res_high                            2.10 
_refine.ls_percent_reflns_obs                    99. 
_refine.ls_R_factor_obs                          0.1940000 
_refine.ls_R_factor_all                          ? 
_refine.ls_R_factor_R_work                       0.1940000 
_refine.ls_R_factor_R_free                       0.2540000 
_refine.ls_R_factor_R_free_error                 0.010 
_refine.ls_R_factor_R_free_error_details         ? 
_refine.ls_percent_reflns_R_free                 8. 
_refine.ls_number_reflns_R_free                  620 
_refine.ls_number_parameters                     ? 
_refine.ls_number_restraints                     ? 
_refine.occupancy_min                            ? 
_refine.occupancy_max                            ? 
_refine.B_iso_mean                               ? 
_refine.aniso_B[1][1]                            ? 
_refine.aniso_B[2][2]                            ? 
_refine.aniso_B[3][3]                            ? 
_refine.aniso_B[1][2]                            ? 
_refine.aniso_B[1][3]                            ? 
_refine.aniso_B[2][3]                            ? 
_refine.solvent_model_details                    ? 
_refine.solvent_model_param_ksol                 ? 
_refine.solvent_model_param_bsol                 ? 
_refine.pdbx_ls_cross_valid_method               ? 
_refine.details                                  ? 
_refine.pdbx_starting_model                      ? 
_refine.pdbx_method_to_determine_struct          'REFINEMENT FROM MIR STRUCTURE OF HINT-ADENOSINE' 
_refine.pdbx_isotropic_thermal_model             ? 
_refine.pdbx_stereochemistry_target_values       ? 
_refine.pdbx_stereochem_target_val_spec_case     ? 
_refine.pdbx_R_Free_selection_details            RANDOM 
_refine.pdbx_overall_ESU_R                       ? 
_refine.pdbx_overall_ESU_R_Free                  ? 
_refine.overall_SU_ML                            ? 
_refine.overall_SU_B                             ? 
_refine.pdbx_refine_id                           'X-RAY DIFFRACTION' 
_refine.pdbx_diffrn_id                           1 
_refine.pdbx_TLS_residual_ADP_flag               ? 
_refine.correlation_coeff_Fo_to_Fc               ? 
_refine.correlation_coeff_Fo_to_Fc_free          ? 
_refine.pdbx_solvent_vdw_probe_radii             ? 
_refine.pdbx_solvent_ion_probe_radii             ? 
_refine.pdbx_solvent_shrinkage_radii             ? 
_refine.pdbx_overall_phase_error                 ? 
_refine.overall_SU_R_Cruickshank_DPI             ? 
_refine.pdbx_overall_SU_R_free_Cruickshank_DPI   ? 
_refine.pdbx_overall_SU_R_Blow_DPI               ? 
_refine.pdbx_overall_SU_R_free_Blow_DPI          ? 
# 
_refine_hist.pdbx_refine_id                   'X-RAY DIFFRACTION' 
_refine_hist.cycle_id                         LAST 
_refine_hist.pdbx_number_atoms_protein        878 
_refine_hist.pdbx_number_atoms_nucleic_acid   0 
_refine_hist.pdbx_number_atoms_ligand         24 
_refine_hist.number_atoms_solvent             66 
_refine_hist.number_atoms_total               968 
_refine_hist.d_res_high                       2.10 
_refine_hist.d_res_low                        10.00 
# 
loop_
_refine_ls_restr.type 
_refine_ls_restr.dev_ideal 
_refine_ls_restr.dev_ideal_target 
_refine_ls_restr.weight 
_refine_ls_restr.number 
_refine_ls_restr.pdbx_refine_id 
_refine_ls_restr.pdbx_restraint_function 
x_bond_d                0.011 ? ? ? 'X-RAY DIFFRACTION' ? 
x_bond_d_na             ?     ? ? ? 'X-RAY DIFFRACTION' ? 
x_bond_d_prot           ?     ? ? ? 'X-RAY DIFFRACTION' ? 
x_angle_d               ?     ? ? ? 'X-RAY DIFFRACTION' ? 
x_angle_d_na            ?     ? ? ? 'X-RAY DIFFRACTION' ? 
x_angle_d_prot          ?     ? ? ? 'X-RAY DIFFRACTION' ? 
x_angle_deg             1.72  ? ? ? 'X-RAY DIFFRACTION' ? 
x_angle_deg_na          ?     ? ? ? 'X-RAY DIFFRACTION' ? 
x_angle_deg_prot        ?     ? ? ? 'X-RAY DIFFRACTION' ? 
x_dihedral_angle_d      25.3  ? ? ? 'X-RAY DIFFRACTION' ? 
x_dihedral_angle_d_na   ?     ? ? ? 'X-RAY DIFFRACTION' ? 
x_dihedral_angle_d_prot ?     ? ? ? 'X-RAY DIFFRACTION' ? 
x_improper_angle_d      1.41  ? ? ? 'X-RAY DIFFRACTION' ? 
x_improper_angle_d_na   ?     ? ? ? 'X-RAY DIFFRACTION' ? 
x_improper_angle_d_prot ?     ? ? ? 'X-RAY DIFFRACTION' ? 
x_mcbond_it             ?     ? ? ? 'X-RAY DIFFRACTION' ? 
x_mcangle_it            ?     ? ? ? 'X-RAY DIFFRACTION' ? 
x_scbond_it             ?     ? ? ? 'X-RAY DIFFRACTION' ? 
x_scangle_it            ?     ? ? ? 'X-RAY DIFFRACTION' ? 
# 
_refine_ls_shell.pdbx_total_number_of_bins_used   8 
_refine_ls_shell.d_res_high                       2.10 
_refine_ls_shell.d_res_low                        2.19 
_refine_ls_shell.number_reflns_R_work             767 
_refine_ls_shell.R_factor_R_work                  0.2740000 
_refine_ls_shell.percent_reflns_obs               100. 
_refine_ls_shell.R_factor_R_free                  0.3650000 
_refine_ls_shell.R_factor_R_free_error            0.044 
_refine_ls_shell.percent_reflns_R_free            8.3 
_refine_ls_shell.number_reflns_R_free             69 
_refine_ls_shell.pdbx_refine_id                   'X-RAY DIFFRACTION' 
_refine_ls_shell.number_reflns_all                ? 
_refine_ls_shell.R_factor_all                     ? 
# 
loop_
_pdbx_xplor_file.serial_no 
_pdbx_xplor_file.param_file 
_pdbx_xplor_file.topol_file 
_pdbx_xplor_file.pdbx_refine_id 
1 PARHCSDX.PRO TOPHCSDX.PRO 'X-RAY DIFFRACTION' 
2 GMPH.PAR     WATER.TOPH   'X-RAY DIFFRACTION' 
3 WATER.PARAM  GMPH.TOP     'X-RAY DIFFRACTION' 
# 
_struct.entry_id                  3RHN 
_struct.title                     'HISTIDINE TRIAD NUCLEOTIDE-BINDING PROTEIN (HINT) FROM RABBIT COMPLEXED WITH GMP' 
_struct.pdbx_model_details        ? 
_struct.pdbx_CASP_flag            ? 
_struct.pdbx_model_type_details   ? 
# 
_struct_keywords.entry_id        3RHN 
_struct_keywords.pdbx_keywords   'NUCLEOTIDE-BINDING PROTEIN' 
_struct_keywords.text            'HISTIDINE, NUCLEOTIDE-BINDING PROTEIN' 
# 
loop_
_struct_asym.id 
_struct_asym.pdbx_blank_PDB_chainid_flag 
_struct_asym.pdbx_modified 
_struct_asym.entity_id 
_struct_asym.details 
A N N 1 ? 
B N N 2 ? 
C N N 3 ? 
# 
_struct_ref.id                         1 
_struct_ref.db_name                    UNP 
_struct_ref.db_code                    HINT1_RABIT 
_struct_ref.entity_id                  1 
_struct_ref.pdbx_db_accession          P80912 
_struct_ref.pdbx_align_begin           1 
_struct_ref.pdbx_seq_one_letter_code   
;ADEIAKAQVARPGGDTIFGKIIRKEIPAKIIFEDDQCLAFHDISPQAPTHFLVIPKKHISQISAAEDADESLLGHLMIVG
KKCAADLGLKKGYRMVVNEGSDGGQSVYHVHLHVLGGRQMNWPPG
;
_struct_ref.pdbx_db_isoform            ? 
# 
_struct_ref_seq.align_id                      1 
_struct_ref_seq.ref_id                        1 
_struct_ref_seq.pdbx_PDB_id_code              3RHN 
_struct_ref_seq.pdbx_strand_id                A 
_struct_ref_seq.seq_align_beg                 1 
_struct_ref_seq.pdbx_seq_align_beg_ins_code   ? 
_struct_ref_seq.seq_align_end                 115 
_struct_ref_seq.pdbx_seq_align_end_ins_code   ? 
_struct_ref_seq.pdbx_db_accession             P80912 
_struct_ref_seq.db_align_beg                  11 
_struct_ref_seq.pdbx_db_align_beg_ins_code    ? 
_struct_ref_seq.db_align_end                  125 
_struct_ref_seq.pdbx_db_align_end_ins_code    ? 
_struct_ref_seq.pdbx_auth_seq_align_beg       12 
_struct_ref_seq.pdbx_auth_seq_align_end       126 
# 
_pdbx_struct_assembly.id                   1 
_pdbx_struct_assembly.details              author_and_software_defined_assembly 
_pdbx_struct_assembly.method_details       PISA,PQS 
_pdbx_struct_assembly.oligomeric_details   dimeric 
_pdbx_struct_assembly.oligomeric_count     2 
# 
loop_
_pdbx_struct_assembly_prop.biol_id 
_pdbx_struct_assembly_prop.type 
_pdbx_struct_assembly_prop.value 
_pdbx_struct_assembly_prop.details 
1 'ABSA (A^2)' 5250 ? 
1 MORE         -34  ? 
1 'SSA (A^2)'  9340 ? 
# 
_pdbx_struct_assembly_gen.assembly_id       1 
_pdbx_struct_assembly_gen.oper_expression   1,2 
_pdbx_struct_assembly_gen.asym_id_list      A,B,C 
# 
loop_
_pdbx_struct_oper_list.id 
_pdbx_struct_oper_list.type 
_pdbx_struct_oper_list.name 
_pdbx_struct_oper_list.symmetry_operation 
_pdbx_struct_oper_list.matrix[1][1] 
_pdbx_struct_oper_list.matrix[1][2] 
_pdbx_struct_oper_list.matrix[1][3] 
_pdbx_struct_oper_list.vector[1] 
_pdbx_struct_oper_list.matrix[2][1] 
_pdbx_struct_oper_list.matrix[2][2] 
_pdbx_struct_oper_list.matrix[2][3] 
_pdbx_struct_oper_list.vector[2] 
_pdbx_struct_oper_list.matrix[3][1] 
_pdbx_struct_oper_list.matrix[3][2] 
_pdbx_struct_oper_list.matrix[3][3] 
_pdbx_struct_oper_list.vector[3] 
1 'identity operation'         1_555 x,y,z              1.0000000000 0.0000000000 0.0000000000  0.0000000000   0.0000000000 1.0000000000  0.0000000000  0.0000000000  0.0000000000  0.0000000000  1.0000000000  0.0000000000  
2 'crystal symmetry operation' 6_765 -x+2,-x+y+1,-z+1/3 0.1026688508 0.9098906933 -0.4019428235 -12.4684976629 0.9098906933 -0.2491843103 -0.3316716837 13.6890846442 -0.4019428235 -0.3316716837 -0.8534845405 -3.2170079807 
# 
_struct_biol.id   1 
# 
loop_
_struct_conf.conf_type_id 
_struct_conf.id 
_struct_conf.pdbx_PDB_helix_id 
_struct_conf.beg_label_comp_id 
_struct_conf.beg_label_asym_id 
_struct_conf.beg_label_seq_id 
_struct_conf.pdbx_beg_PDB_ins_code 
_struct_conf.end_label_comp_id 
_struct_conf.end_label_asym_id 
_struct_conf.end_label_seq_id 
_struct_conf.pdbx_end_PDB_ins_code 
_struct_conf.beg_auth_comp_id 
_struct_conf.beg_auth_asym_id 
_struct_conf.beg_auth_seq_id 
_struct_conf.end_auth_comp_id 
_struct_conf.end_auth_asym_id 
_struct_conf.end_auth_seq_id 
_struct_conf.pdbx_PDB_helix_class 
_struct_conf.details 
_struct_conf.pdbx_PDB_helix_length 
HELX_P HELX_P1 A1 THR A 6  ? LYS A 14 ? THR A 17 LYS A 25 1 ? 9  
HELX_P HELX_P2 A2 ASP A 57 ? GLY A 78 ? ASP A 68 GLY A 89 1 ? 22 
# 
_struct_conf_type.id          HELX_P 
_struct_conf_type.criteria    ? 
_struct_conf_type.reference   ? 
# 
loop_
_struct_mon_prot_cis.pdbx_id 
_struct_mon_prot_cis.label_comp_id 
_struct_mon_prot_cis.label_seq_id 
_struct_mon_prot_cis.label_asym_id 
_struct_mon_prot_cis.label_alt_id 
_struct_mon_prot_cis.pdbx_PDB_ins_code 
_struct_mon_prot_cis.auth_comp_id 
_struct_mon_prot_cis.auth_seq_id 
_struct_mon_prot_cis.auth_asym_id 
_struct_mon_prot_cis.pdbx_label_comp_id_2 
_struct_mon_prot_cis.pdbx_label_seq_id_2 
_struct_mon_prot_cis.pdbx_label_asym_id_2 
_struct_mon_prot_cis.pdbx_PDB_ins_code_2 
_struct_mon_prot_cis.pdbx_auth_comp_id_2 
_struct_mon_prot_cis.pdbx_auth_seq_id_2 
_struct_mon_prot_cis.pdbx_auth_asym_id_2 
_struct_mon_prot_cis.pdbx_PDB_model_num 
_struct_mon_prot_cis.pdbx_omega_angle 
1 ARG 1   A . ? ARG 12  A PRO 2   A ? PRO 13  A 1 0.18  
2 TRP 112 A . ? TRP 123 A PRO 113 A ? PRO 124 A 1 -0.03 
# 
_struct_sheet.id               B 
_struct_sheet.type             ? 
_struct_sheet.number_strands   5 
_struct_sheet.details          ? 
# 
loop_
_struct_sheet_order.sheet_id 
_struct_sheet_order.range_id_1 
_struct_sheet_order.range_id_2 
_struct_sheet_order.offset 
_struct_sheet_order.sense 
B 1 2 ? anti-parallel 
B 2 3 ? anti-parallel 
B 3 4 ? anti-parallel 
B 4 5 ? anti-parallel 
# 
loop_
_struct_sheet_range.sheet_id 
_struct_sheet_range.id 
_struct_sheet_range.beg_label_comp_id 
_struct_sheet_range.beg_label_asym_id 
_struct_sheet_range.beg_label_seq_id 
_struct_sheet_range.pdbx_beg_PDB_ins_code 
_struct_sheet_range.end_label_comp_id 
_struct_sheet_range.end_label_asym_id 
_struct_sheet_range.end_label_seq_id 
_struct_sheet_range.pdbx_end_PDB_ins_code 
_struct_sheet_range.beg_auth_comp_id 
_struct_sheet_range.beg_auth_asym_id 
_struct_sheet_range.beg_auth_seq_id 
_struct_sheet_range.end_auth_comp_id 
_struct_sheet_range.end_auth_asym_id 
_struct_sheet_range.end_auth_seq_id 
B 1 TYR A 83  ? VAL A 86  ? TYR A 94  VAL A 97  
B 2 HIS A 101 ? GLY A 106 ? HIS A 112 GLY A 117 
B 3 THR A 39  ? PRO A 45  ? THR A 50  PRO A 56  
B 4 CYS A 27  ? HIS A 31  ? CYS A 38  HIS A 42  
B 5 ILE A 20  ? GLU A 23  ? ILE A 31  GLU A 34  
# 
loop_
_pdbx_struct_sheet_hbond.sheet_id 
_pdbx_struct_sheet_hbond.range_id_1 
_pdbx_struct_sheet_hbond.range_id_2 
_pdbx_struct_sheet_hbond.range_1_label_atom_id 
_pdbx_struct_sheet_hbond.range_1_label_comp_id 
_pdbx_struct_sheet_hbond.range_1_label_asym_id 
_pdbx_struct_sheet_hbond.range_1_label_seq_id 
_pdbx_struct_sheet_hbond.range_1_PDB_ins_code 
_pdbx_struct_sheet_hbond.range_1_auth_atom_id 
_pdbx_struct_sheet_hbond.range_1_auth_comp_id 
_pdbx_struct_sheet_hbond.range_1_auth_asym_id 
_pdbx_struct_sheet_hbond.range_1_auth_seq_id 
_pdbx_struct_sheet_hbond.range_2_label_atom_id 
_pdbx_struct_sheet_hbond.range_2_label_comp_id 
_pdbx_struct_sheet_hbond.range_2_label_asym_id 
_pdbx_struct_sheet_hbond.range_2_label_seq_id 
_pdbx_struct_sheet_hbond.range_2_PDB_ins_code 
_pdbx_struct_sheet_hbond.range_2_auth_atom_id 
_pdbx_struct_sheet_hbond.range_2_auth_comp_id 
_pdbx_struct_sheet_hbond.range_2_auth_asym_id 
_pdbx_struct_sheet_hbond.range_2_auth_seq_id 
B 1 2 O ARG A 84  ? O ARG A 95  N LEU A 105 ? N LEU A 116 
B 2 3 O LEU A 102 ? O LEU A 113 N VAL A 43  ? N VAL A 54  
B 3 4 O LEU A 42  ? O LEU A 53  N PHE A 30  ? N PHE A 41  
B 4 5 O ALA A 29  ? O ALA A 40  N PHE A 22  ? N PHE A 33  
# 
loop_
_struct_site.id 
_struct_site.pdbx_evidence_code 
_struct_site.pdbx_auth_asym_id 
_struct_site.pdbx_auth_comp_id 
_struct_site.pdbx_auth_seq_id 
_struct_site.pdbx_auth_ins_code 
_struct_site.pdbx_num_residues 
_struct_site.details 
HIT Unknown  ? ?   ?   ? 3  
'THE HISTIDINE TRIAD FORMS PART OF THE ALPHA PHOSPHATE-BINDING LOOP IN THE HIT PROTEIN SUPERFAMILY OF NUCLEOTIDE-BINDING PROTEINS.' 
AC1 Software A 5GP 201 ? 15 'BINDING SITE FOR RESIDUE 5GP A 201' 
# 
loop_
_struct_site_gen.id 
_struct_site_gen.site_id 
_struct_site_gen.pdbx_num_res 
_struct_site_gen.label_comp_id 
_struct_site_gen.label_asym_id 
_struct_site_gen.label_seq_id 
_struct_site_gen.pdbx_auth_ins_code 
_struct_site_gen.auth_comp_id 
_struct_site_gen.auth_asym_id 
_struct_site_gen.auth_seq_id 
_struct_site_gen.label_atom_id 
_struct_site_gen.label_alt_id 
_struct_site_gen.symmetry 
_struct_site_gen.details 
1  HIT 3  HIS A 99  ? HIS A 110 . ? 1_555 ? 
2  HIT 3  HIS A 101 ? HIS A 112 . ? 1_555 ? 
3  HIT 3  HIS A 103 ? HIS A 114 . ? 1_555 ? 
4  AC1 15 PHE A 8   ? PHE A 19  . ? 1_555 ? 
5  AC1 15 PHE A 30  ? PHE A 41  . ? 1_555 ? 
6  AC1 15 HIS A 31  ? HIS A 42  . ? 1_555 ? 
7  AC1 15 ASP A 32  ? ASP A 43  . ? 1_555 ? 
8  AC1 15 ILE A 33  ? ILE A 44  . ? 1_555 ? 
9  AC1 15 LEU A 42  ? LEU A 53  . ? 1_555 ? 
10 AC1 15 ASN A 88  ? ASN A 99  . ? 1_555 ? 
11 AC1 15 GLY A 94  ? GLY A 105 . ? 1_555 ? 
12 AC1 15 GLN A 95  ? GLN A 106 . ? 1_555 ? 
13 AC1 15 SER A 96  ? SER A 107 . ? 1_555 ? 
14 AC1 15 VAL A 97  ? VAL A 108 . ? 1_555 ? 
15 AC1 15 HIS A 101 ? HIS A 112 . ? 1_555 ? 
16 AC1 15 HIS A 103 ? HIS A 114 . ? 1_555 ? 
17 AC1 15 HOH C .   ? HOH A 219 . ? 1_555 ? 
18 AC1 15 HOH C .   ? HOH A 235 . ? 1_555 ? 
# 
_pdbx_validate_close_contact.id               1 
_pdbx_validate_close_contact.PDB_model_num    1 
_pdbx_validate_close_contact.auth_atom_id_1   C 
_pdbx_validate_close_contact.auth_asym_id_1   A 
_pdbx_validate_close_contact.auth_comp_id_1   GLU 
_pdbx_validate_close_contact.auth_seq_id_1    26 
_pdbx_validate_close_contact.PDB_ins_code_1   ? 
_pdbx_validate_close_contact.label_alt_id_1   ? 
_pdbx_validate_close_contact.auth_atom_id_2   O 
_pdbx_validate_close_contact.auth_asym_id_2   A 
_pdbx_validate_close_contact.auth_comp_id_2   HOH 
_pdbx_validate_close_contact.auth_seq_id_2    271 
_pdbx_validate_close_contact.PDB_ins_code_2   ? 
_pdbx_validate_close_contact.label_alt_id_2   ? 
_pdbx_validate_close_contact.dist             2.14 
# 
loop_
_chem_comp_atom.comp_id 
_chem_comp_atom.atom_id 
_chem_comp_atom.type_symbol 
_chem_comp_atom.pdbx_aromatic_flag 
_chem_comp_atom.pdbx_stereo_config 
_chem_comp_atom.pdbx_ordinal 
5GP P      P N N 1   
5GP O1P    O N N 2   
5GP O2P    O N N 3   
5GP O3P    O N N 4   
5GP "O5'"  O N N 5   
5GP "C5'"  C N N 6   
5GP "C4'"  C N R 7   
5GP "O4'"  O N N 8   
5GP "C3'"  C N S 9   
5GP "O3'"  O N N 10  
5GP "C2'"  C N R 11  
5GP "O2'"  O N N 12  
5GP "C1'"  C N R 13  
5GP N9     N Y N 14  
5GP C8     C Y N 15  
5GP N7     N Y N 16  
5GP C5     C Y N 17  
5GP C6     C N N 18  
5GP O6     O N N 19  
5GP N1     N N N 20  
5GP C2     C N N 21  
5GP N2     N N N 22  
5GP N3     N N N 23  
5GP C4     C Y N 24  
5GP HOP2   H N N 25  
5GP HOP3   H N N 26  
5GP "H5'1" H N N 27  
5GP "H5'2" H N N 28  
5GP "H4'"  H N N 29  
5GP "H3'"  H N N 30  
5GP "HO3'" H N N 31  
5GP "H2'"  H N N 32  
5GP "HO2'" H N N 33  
5GP "H1'"  H N N 34  
5GP H8     H N N 35  
5GP HN1    H N N 36  
5GP HN21   H N N 37  
5GP HN22   H N N 38  
ALA N      N N N 39  
ALA CA     C N S 40  
ALA C      C N N 41  
ALA O      O N N 42  
ALA CB     C N N 43  
ALA OXT    O N N 44  
ALA H      H N N 45  
ALA H2     H N N 46  
ALA HA     H N N 47  
ALA HB1    H N N 48  
ALA HB2    H N N 49  
ALA HB3    H N N 50  
ALA HXT    H N N 51  
ARG N      N N N 52  
ARG CA     C N S 53  
ARG C      C N N 54  
ARG O      O N N 55  
ARG CB     C N N 56  
ARG CG     C N N 57  
ARG CD     C N N 58  
ARG NE     N N N 59  
ARG CZ     C N N 60  
ARG NH1    N N N 61  
ARG NH2    N N N 62  
ARG OXT    O N N 63  
ARG H      H N N 64  
ARG H2     H N N 65  
ARG HA     H N N 66  
ARG HB2    H N N 67  
ARG HB3    H N N 68  
ARG HG2    H N N 69  
ARG HG3    H N N 70  
ARG HD2    H N N 71  
ARG HD3    H N N 72  
ARG HE     H N N 73  
ARG HH11   H N N 74  
ARG HH12   H N N 75  
ARG HH21   H N N 76  
ARG HH22   H N N 77  
ARG HXT    H N N 78  
ASN N      N N N 79  
ASN CA     C N S 80  
ASN C      C N N 81  
ASN O      O N N 82  
ASN CB     C N N 83  
ASN CG     C N N 84  
ASN OD1    O N N 85  
ASN ND2    N N N 86  
ASN OXT    O N N 87  
ASN H      H N N 88  
ASN H2     H N N 89  
ASN HA     H N N 90  
ASN HB2    H N N 91  
ASN HB3    H N N 92  
ASN HD21   H N N 93  
ASN HD22   H N N 94  
ASN HXT    H N N 95  
ASP N      N N N 96  
ASP CA     C N S 97  
ASP C      C N N 98  
ASP O      O N N 99  
ASP CB     C N N 100 
ASP CG     C N N 101 
ASP OD1    O N N 102 
ASP OD2    O N N 103 
ASP OXT    O N N 104 
ASP H      H N N 105 
ASP H2     H N N 106 
ASP HA     H N N 107 
ASP HB2    H N N 108 
ASP HB3    H N N 109 
ASP HD2    H N N 110 
ASP HXT    H N N 111 
CYS N      N N N 112 
CYS CA     C N R 113 
CYS C      C N N 114 
CYS O      O N N 115 
CYS CB     C N N 116 
CYS SG     S N N 117 
CYS OXT    O N N 118 
CYS H      H N N 119 
CYS H2     H N N 120 
CYS HA     H N N 121 
CYS HB2    H N N 122 
CYS HB3    H N N 123 
CYS HG     H N N 124 
CYS HXT    H N N 125 
GLN N      N N N 126 
GLN CA     C N S 127 
GLN C      C N N 128 
GLN O      O N N 129 
GLN CB     C N N 130 
GLN CG     C N N 131 
GLN CD     C N N 132 
GLN OE1    O N N 133 
GLN NE2    N N N 134 
GLN OXT    O N N 135 
GLN H      H N N 136 
GLN H2     H N N 137 
GLN HA     H N N 138 
GLN HB2    H N N 139 
GLN HB3    H N N 140 
GLN HG2    H N N 141 
GLN HG3    H N N 142 
GLN HE21   H N N 143 
GLN HE22   H N N 144 
GLN HXT    H N N 145 
GLU N      N N N 146 
GLU CA     C N S 147 
GLU C      C N N 148 
GLU O      O N N 149 
GLU CB     C N N 150 
GLU CG     C N N 151 
GLU CD     C N N 152 
GLU OE1    O N N 153 
GLU OE2    O N N 154 
GLU OXT    O N N 155 
GLU H      H N N 156 
GLU H2     H N N 157 
GLU HA     H N N 158 
GLU HB2    H N N 159 
GLU HB3    H N N 160 
GLU HG2    H N N 161 
GLU HG3    H N N 162 
GLU HE2    H N N 163 
GLU HXT    H N N 164 
GLY N      N N N 165 
GLY CA     C N N 166 
GLY C      C N N 167 
GLY O      O N N 168 
GLY OXT    O N N 169 
GLY H      H N N 170 
GLY H2     H N N 171 
GLY HA2    H N N 172 
GLY HA3    H N N 173 
GLY HXT    H N N 174 
HIS N      N N N 175 
HIS CA     C N S 176 
HIS C      C N N 177 
HIS O      O N N 178 
HIS CB     C N N 179 
HIS CG     C Y N 180 
HIS ND1    N Y N 181 
HIS CD2    C Y N 182 
HIS CE1    C Y N 183 
HIS NE2    N Y N 184 
HIS OXT    O N N 185 
HIS H      H N N 186 
HIS H2     H N N 187 
HIS HA     H N N 188 
HIS HB2    H N N 189 
HIS HB3    H N N 190 
HIS HD1    H N N 191 
HIS HD2    H N N 192 
HIS HE1    H N N 193 
HIS HE2    H N N 194 
HIS HXT    H N N 195 
HOH O      O N N 196 
HOH H1     H N N 197 
HOH H2     H N N 198 
ILE N      N N N 199 
ILE CA     C N S 200 
ILE C      C N N 201 
ILE O      O N N 202 
ILE CB     C N S 203 
ILE CG1    C N N 204 
ILE CG2    C N N 205 
ILE CD1    C N N 206 
ILE OXT    O N N 207 
ILE H      H N N 208 
ILE H2     H N N 209 
ILE HA     H N N 210 
ILE HB     H N N 211 
ILE HG12   H N N 212 
ILE HG13   H N N 213 
ILE HG21   H N N 214 
ILE HG22   H N N 215 
ILE HG23   H N N 216 
ILE HD11   H N N 217 
ILE HD12   H N N 218 
ILE HD13   H N N 219 
ILE HXT    H N N 220 
LEU N      N N N 221 
LEU CA     C N S 222 
LEU C      C N N 223 
LEU O      O N N 224 
LEU CB     C N N 225 
LEU CG     C N N 226 
LEU CD1    C N N 227 
LEU CD2    C N N 228 
LEU OXT    O N N 229 
LEU H      H N N 230 
LEU H2     H N N 231 
LEU HA     H N N 232 
LEU HB2    H N N 233 
LEU HB3    H N N 234 
LEU HG     H N N 235 
LEU HD11   H N N 236 
LEU HD12   H N N 237 
LEU HD13   H N N 238 
LEU HD21   H N N 239 
LEU HD22   H N N 240 
LEU HD23   H N N 241 
LEU HXT    H N N 242 
LYS N      N N N 243 
LYS CA     C N S 244 
LYS C      C N N 245 
LYS O      O N N 246 
LYS CB     C N N 247 
LYS CG     C N N 248 
LYS CD     C N N 249 
LYS CE     C N N 250 
LYS NZ     N N N 251 
LYS OXT    O N N 252 
LYS H      H N N 253 
LYS H2     H N N 254 
LYS HA     H N N 255 
LYS HB2    H N N 256 
LYS HB3    H N N 257 
LYS HG2    H N N 258 
LYS HG3    H N N 259 
LYS HD2    H N N 260 
LYS HD3    H N N 261 
LYS HE2    H N N 262 
LYS HE3    H N N 263 
LYS HZ1    H N N 264 
LYS HZ2    H N N 265 
LYS HZ3    H N N 266 
LYS HXT    H N N 267 
MET N      N N N 268 
MET CA     C N S 269 
MET C      C N N 270 
MET O      O N N 271 
MET CB     C N N 272 
MET CG     C N N 273 
MET SD     S N N 274 
MET CE     C N N 275 
MET OXT    O N N 276 
MET H      H N N 277 
MET H2     H N N 278 
MET HA     H N N 279 
MET HB2    H N N 280 
MET HB3    H N N 281 
MET HG2    H N N 282 
MET HG3    H N N 283 
MET HE1    H N N 284 
MET HE2    H N N 285 
MET HE3    H N N 286 
MET HXT    H N N 287 
PHE N      N N N 288 
PHE CA     C N S 289 
PHE C      C N N 290 
PHE O      O N N 291 
PHE CB     C N N 292 
PHE CG     C Y N 293 
PHE CD1    C Y N 294 
PHE CD2    C Y N 295 
PHE CE1    C Y N 296 
PHE CE2    C Y N 297 
PHE CZ     C Y N 298 
PHE OXT    O N N 299 
PHE H      H N N 300 
PHE H2     H N N 301 
PHE HA     H N N 302 
PHE HB2    H N N 303 
PHE HB3    H N N 304 
PHE HD1    H N N 305 
PHE HD2    H N N 306 
PHE HE1    H N N 307 
PHE HE2    H N N 308 
PHE HZ     H N N 309 
PHE HXT    H N N 310 
PRO N      N N N 311 
PRO CA     C N S 312 
PRO C      C N N 313 
PRO O      O N N 314 
PRO CB     C N N 315 
PRO CG     C N N 316 
PRO CD     C N N 317 
PRO OXT    O N N 318 
PRO H      H N N 319 
PRO HA     H N N 320 
PRO HB2    H N N 321 
PRO HB3    H N N 322 
PRO HG2    H N N 323 
PRO HG3    H N N 324 
PRO HD2    H N N 325 
PRO HD3    H N N 326 
PRO HXT    H N N 327 
SER N      N N N 328 
SER CA     C N S 329 
SER C      C N N 330 
SER O      O N N 331 
SER CB     C N N 332 
SER OG     O N N 333 
SER OXT    O N N 334 
SER H      H N N 335 
SER H2     H N N 336 
SER HA     H N N 337 
SER HB2    H N N 338 
SER HB3    H N N 339 
SER HG     H N N 340 
SER HXT    H N N 341 
THR N      N N N 342 
THR CA     C N S 343 
THR C      C N N 344 
THR O      O N N 345 
THR CB     C N R 346 
THR OG1    O N N 347 
THR CG2    C N N 348 
THR OXT    O N N 349 
THR H      H N N 350 
THR H2     H N N 351 
THR HA     H N N 352 
THR HB     H N N 353 
THR HG1    H N N 354 
THR HG21   H N N 355 
THR HG22   H N N 356 
THR HG23   H N N 357 
THR HXT    H N N 358 
TRP N      N N N 359 
TRP CA     C N S 360 
TRP C      C N N 361 
TRP O      O N N 362 
TRP CB     C N N 363 
TRP CG     C Y N 364 
TRP CD1    C Y N 365 
TRP CD2    C Y N 366 
TRP NE1    N Y N 367 
TRP CE2    C Y N 368 
TRP CE3    C Y N 369 
TRP CZ2    C Y N 370 
TRP CZ3    C Y N 371 
TRP CH2    C Y N 372 
TRP OXT    O N N 373 
TRP H      H N N 374 
TRP H2     H N N 375 
TRP HA     H N N 376 
TRP HB2    H N N 377 
TRP HB3    H N N 378 
TRP HD1    H N N 379 
TRP HE1    H N N 380 
TRP HE3    H N N 381 
TRP HZ2    H N N 382 
TRP HZ3    H N N 383 
TRP HH2    H N N 384 
TRP HXT    H N N 385 
TYR N      N N N 386 
TYR CA     C N S 387 
TYR C      C N N 388 
TYR O      O N N 389 
TYR CB     C N N 390 
TYR CG     C Y N 391 
TYR CD1    C Y N 392 
TYR CD2    C Y N 393 
TYR CE1    C Y N 394 
TYR CE2    C Y N 395 
TYR CZ     C Y N 396 
TYR OH     O N N 397 
TYR OXT    O N N 398 
TYR H      H N N 399 
TYR H2     H N N 400 
TYR HA     H N N 401 
TYR HB2    H N N 402 
TYR HB3    H N N 403 
TYR HD1    H N N 404 
TYR HD2    H N N 405 
TYR HE1    H N N 406 
TYR HE2    H N N 407 
TYR HH     H N N 408 
TYR HXT    H N N 409 
VAL N      N N N 410 
VAL CA     C N S 411 
VAL C      C N N 412 
VAL O      O N N 413 
VAL CB     C N N 414 
VAL CG1    C N N 415 
VAL CG2    C N N 416 
VAL OXT    O N N 417 
VAL H      H N N 418 
VAL H2     H N N 419 
VAL HA     H N N 420 
VAL HB     H N N 421 
VAL HG11   H N N 422 
VAL HG12   H N N 423 
VAL HG13   H N N 424 
VAL HG21   H N N 425 
VAL HG22   H N N 426 
VAL HG23   H N N 427 
VAL HXT    H N N 428 
# 
loop_
_chem_comp_bond.comp_id 
_chem_comp_bond.atom_id_1 
_chem_comp_bond.atom_id_2 
_chem_comp_bond.value_order 
_chem_comp_bond.pdbx_aromatic_flag 
_chem_comp_bond.pdbx_stereo_config 
_chem_comp_bond.pdbx_ordinal 
5GP P     O1P    doub N N 1   
5GP P     O2P    sing N N 2   
5GP P     O3P    sing N N 3   
5GP P     "O5'"  sing N N 4   
5GP O2P   HOP2   sing N N 5   
5GP O3P   HOP3   sing N N 6   
5GP "O5'" "C5'"  sing N N 7   
5GP "C5'" "C4'"  sing N N 8   
5GP "C5'" "H5'1" sing N N 9   
5GP "C5'" "H5'2" sing N N 10  
5GP "C4'" "O4'"  sing N N 11  
5GP "C4'" "C3'"  sing N N 12  
5GP "C4'" "H4'"  sing N N 13  
5GP "O4'" "C1'"  sing N N 14  
5GP "C3'" "O3'"  sing N N 15  
5GP "C3'" "C2'"  sing N N 16  
5GP "C3'" "H3'"  sing N N 17  
5GP "O3'" "HO3'" sing N N 18  
5GP "C2'" "O2'"  sing N N 19  
5GP "C2'" "C1'"  sing N N 20  
5GP "C2'" "H2'"  sing N N 21  
5GP "O2'" "HO2'" sing N N 22  
5GP "C1'" N9     sing N N 23  
5GP "C1'" "H1'"  sing N N 24  
5GP N9    C8     sing Y N 25  
5GP N9    C4     sing Y N 26  
5GP C8    N7     doub Y N 27  
5GP C8    H8     sing N N 28  
5GP N7    C5     sing Y N 29  
5GP C5    C6     sing N N 30  
5GP C5    C4     doub Y N 31  
5GP C6    O6     doub N N 32  
5GP C6    N1     sing N N 33  
5GP N1    C2     sing N N 34  
5GP N1    HN1    sing N N 35  
5GP C2    N2     sing N N 36  
5GP C2    N3     doub N N 37  
5GP N2    HN21   sing N N 38  
5GP N2    HN22   sing N N 39  
5GP N3    C4     sing N N 40  
ALA N     CA     sing N N 41  
ALA N     H      sing N N 42  
ALA N     H2     sing N N 43  
ALA CA    C      sing N N 44  
ALA CA    CB     sing N N 45  
ALA CA    HA     sing N N 46  
ALA C     O      doub N N 47  
ALA C     OXT    sing N N 48  
ALA CB    HB1    sing N N 49  
ALA CB    HB2    sing N N 50  
ALA CB    HB3    sing N N 51  
ALA OXT   HXT    sing N N 52  
ARG N     CA     sing N N 53  
ARG N     H      sing N N 54  
ARG N     H2     sing N N 55  
ARG CA    C      sing N N 56  
ARG CA    CB     sing N N 57  
ARG CA    HA     sing N N 58  
ARG C     O      doub N N 59  
ARG C     OXT    sing N N 60  
ARG CB    CG     sing N N 61  
ARG CB    HB2    sing N N 62  
ARG CB    HB3    sing N N 63  
ARG CG    CD     sing N N 64  
ARG CG    HG2    sing N N 65  
ARG CG    HG3    sing N N 66  
ARG CD    NE     sing N N 67  
ARG CD    HD2    sing N N 68  
ARG CD    HD3    sing N N 69  
ARG NE    CZ     sing N N 70  
ARG NE    HE     sing N N 71  
ARG CZ    NH1    sing N N 72  
ARG CZ    NH2    doub N N 73  
ARG NH1   HH11   sing N N 74  
ARG NH1   HH12   sing N N 75  
ARG NH2   HH21   sing N N 76  
ARG NH2   HH22   sing N N 77  
ARG OXT   HXT    sing N N 78  
ASN N     CA     sing N N 79  
ASN N     H      sing N N 80  
ASN N     H2     sing N N 81  
ASN CA    C      sing N N 82  
ASN CA    CB     sing N N 83  
ASN CA    HA     sing N N 84  
ASN C     O      doub N N 85  
ASN C     OXT    sing N N 86  
ASN CB    CG     sing N N 87  
ASN CB    HB2    sing N N 88  
ASN CB    HB3    sing N N 89  
ASN CG    OD1    doub N N 90  
ASN CG    ND2    sing N N 91  
ASN ND2   HD21   sing N N 92  
ASN ND2   HD22   sing N N 93  
ASN OXT   HXT    sing N N 94  
ASP N     CA     sing N N 95  
ASP N     H      sing N N 96  
ASP N     H2     sing N N 97  
ASP CA    C      sing N N 98  
ASP CA    CB     sing N N 99  
ASP CA    HA     sing N N 100 
ASP C     O      doub N N 101 
ASP C     OXT    sing N N 102 
ASP CB    CG     sing N N 103 
ASP CB    HB2    sing N N 104 
ASP CB    HB3    sing N N 105 
ASP CG    OD1    doub N N 106 
ASP CG    OD2    sing N N 107 
ASP OD2   HD2    sing N N 108 
ASP OXT   HXT    sing N N 109 
CYS N     CA     sing N N 110 
CYS N     H      sing N N 111 
CYS N     H2     sing N N 112 
CYS CA    C      sing N N 113 
CYS CA    CB     sing N N 114 
CYS CA    HA     sing N N 115 
CYS C     O      doub N N 116 
CYS C     OXT    sing N N 117 
CYS CB    SG     sing N N 118 
CYS CB    HB2    sing N N 119 
CYS CB    HB3    sing N N 120 
CYS SG    HG     sing N N 121 
CYS OXT   HXT    sing N N 122 
GLN N     CA     sing N N 123 
GLN N     H      sing N N 124 
GLN N     H2     sing N N 125 
GLN CA    C      sing N N 126 
GLN CA    CB     sing N N 127 
GLN CA    HA     sing N N 128 
GLN C     O      doub N N 129 
GLN C     OXT    sing N N 130 
GLN CB    CG     sing N N 131 
GLN CB    HB2    sing N N 132 
GLN CB    HB3    sing N N 133 
GLN CG    CD     sing N N 134 
GLN CG    HG2    sing N N 135 
GLN CG    HG3    sing N N 136 
GLN CD    OE1    doub N N 137 
GLN CD    NE2    sing N N 138 
GLN NE2   HE21   sing N N 139 
GLN NE2   HE22   sing N N 140 
GLN OXT   HXT    sing N N 141 
GLU N     CA     sing N N 142 
GLU N     H      sing N N 143 
GLU N     H2     sing N N 144 
GLU CA    C      sing N N 145 
GLU CA    CB     sing N N 146 
GLU CA    HA     sing N N 147 
GLU C     O      doub N N 148 
GLU C     OXT    sing N N 149 
GLU CB    CG     sing N N 150 
GLU CB    HB2    sing N N 151 
GLU CB    HB3    sing N N 152 
GLU CG    CD     sing N N 153 
GLU CG    HG2    sing N N 154 
GLU CG    HG3    sing N N 155 
GLU CD    OE1    doub N N 156 
GLU CD    OE2    sing N N 157 
GLU OE2   HE2    sing N N 158 
GLU OXT   HXT    sing N N 159 
GLY N     CA     sing N N 160 
GLY N     H      sing N N 161 
GLY N     H2     sing N N 162 
GLY CA    C      sing N N 163 
GLY CA    HA2    sing N N 164 
GLY CA    HA3    sing N N 165 
GLY C     O      doub N N 166 
GLY C     OXT    sing N N 167 
GLY OXT   HXT    sing N N 168 
HIS N     CA     sing N N 169 
HIS N     H      sing N N 170 
HIS N     H2     sing N N 171 
HIS CA    C      sing N N 172 
HIS CA    CB     sing N N 173 
HIS CA    HA     sing N N 174 
HIS C     O      doub N N 175 
HIS C     OXT    sing N N 176 
HIS CB    CG     sing N N 177 
HIS CB    HB2    sing N N 178 
HIS CB    HB3    sing N N 179 
HIS CG    ND1    sing Y N 180 
HIS CG    CD2    doub Y N 181 
HIS ND1   CE1    doub Y N 182 
HIS ND1   HD1    sing N N 183 
HIS CD2   NE2    sing Y N 184 
HIS CD2   HD2    sing N N 185 
HIS CE1   NE2    sing Y N 186 
HIS CE1   HE1    sing N N 187 
HIS NE2   HE2    sing N N 188 
HIS OXT   HXT    sing N N 189 
HOH O     H1     sing N N 190 
HOH O     H2     sing N N 191 
ILE N     CA     sing N N 192 
ILE N     H      sing N N 193 
ILE N     H2     sing N N 194 
ILE CA    C      sing N N 195 
ILE CA    CB     sing N N 196 
ILE CA    HA     sing N N 197 
ILE C     O      doub N N 198 
ILE C     OXT    sing N N 199 
ILE CB    CG1    sing N N 200 
ILE CB    CG2    sing N N 201 
ILE CB    HB     sing N N 202 
ILE CG1   CD1    sing N N 203 
ILE CG1   HG12   sing N N 204 
ILE CG1   HG13   sing N N 205 
ILE CG2   HG21   sing N N 206 
ILE CG2   HG22   sing N N 207 
ILE CG2   HG23   sing N N 208 
ILE CD1   HD11   sing N N 209 
ILE CD1   HD12   sing N N 210 
ILE CD1   HD13   sing N N 211 
ILE OXT   HXT    sing N N 212 
LEU N     CA     sing N N 213 
LEU N     H      sing N N 214 
LEU N     H2     sing N N 215 
LEU CA    C      sing N N 216 
LEU CA    CB     sing N N 217 
LEU CA    HA     sing N N 218 
LEU C     O      doub N N 219 
LEU C     OXT    sing N N 220 
LEU CB    CG     sing N N 221 
LEU CB    HB2    sing N N 222 
LEU CB    HB3    sing N N 223 
LEU CG    CD1    sing N N 224 
LEU CG    CD2    sing N N 225 
LEU CG    HG     sing N N 226 
LEU CD1   HD11   sing N N 227 
LEU CD1   HD12   sing N N 228 
LEU CD1   HD13   sing N N 229 
LEU CD2   HD21   sing N N 230 
LEU CD2   HD22   sing N N 231 
LEU CD2   HD23   sing N N 232 
LEU OXT   HXT    sing N N 233 
LYS N     CA     sing N N 234 
LYS N     H      sing N N 235 
LYS N     H2     sing N N 236 
LYS CA    C      sing N N 237 
LYS CA    CB     sing N N 238 
LYS CA    HA     sing N N 239 
LYS C     O      doub N N 240 
LYS C     OXT    sing N N 241 
LYS CB    CG     sing N N 242 
LYS CB    HB2    sing N N 243 
LYS CB    HB3    sing N N 244 
LYS CG    CD     sing N N 245 
LYS CG    HG2    sing N N 246 
LYS CG    HG3    sing N N 247 
LYS CD    CE     sing N N 248 
LYS CD    HD2    sing N N 249 
LYS CD    HD3    sing N N 250 
LYS CE    NZ     sing N N 251 
LYS CE    HE2    sing N N 252 
LYS CE    HE3    sing N N 253 
LYS NZ    HZ1    sing N N 254 
LYS NZ    HZ2    sing N N 255 
LYS NZ    HZ3    sing N N 256 
LYS OXT   HXT    sing N N 257 
MET N     CA     sing N N 258 
MET N     H      sing N N 259 
MET N     H2     sing N N 260 
MET CA    C      sing N N 261 
MET CA    CB     sing N N 262 
MET CA    HA     sing N N 263 
MET C     O      doub N N 264 
MET C     OXT    sing N N 265 
MET CB    CG     sing N N 266 
MET CB    HB2    sing N N 267 
MET CB    HB3    sing N N 268 
MET CG    SD     sing N N 269 
MET CG    HG2    sing N N 270 
MET CG    HG3    sing N N 271 
MET SD    CE     sing N N 272 
MET CE    HE1    sing N N 273 
MET CE    HE2    sing N N 274 
MET CE    HE3    sing N N 275 
MET OXT   HXT    sing N N 276 
PHE N     CA     sing N N 277 
PHE N     H      sing N N 278 
PHE N     H2     sing N N 279 
PHE CA    C      sing N N 280 
PHE CA    CB     sing N N 281 
PHE CA    HA     sing N N 282 
PHE C     O      doub N N 283 
PHE C     OXT    sing N N 284 
PHE CB    CG     sing N N 285 
PHE CB    HB2    sing N N 286 
PHE CB    HB3    sing N N 287 
PHE CG    CD1    doub Y N 288 
PHE CG    CD2    sing Y N 289 
PHE CD1   CE1    sing Y N 290 
PHE CD1   HD1    sing N N 291 
PHE CD2   CE2    doub Y N 292 
PHE CD2   HD2    sing N N 293 
PHE CE1   CZ     doub Y N 294 
PHE CE1   HE1    sing N N 295 
PHE CE2   CZ     sing Y N 296 
PHE CE2   HE2    sing N N 297 
PHE CZ    HZ     sing N N 298 
PHE OXT   HXT    sing N N 299 
PRO N     CA     sing N N 300 
PRO N     CD     sing N N 301 
PRO N     H      sing N N 302 
PRO CA    C      sing N N 303 
PRO CA    CB     sing N N 304 
PRO CA    HA     sing N N 305 
PRO C     O      doub N N 306 
PRO C     OXT    sing N N 307 
PRO CB    CG     sing N N 308 
PRO CB    HB2    sing N N 309 
PRO CB    HB3    sing N N 310 
PRO CG    CD     sing N N 311 
PRO CG    HG2    sing N N 312 
PRO CG    HG3    sing N N 313 
PRO CD    HD2    sing N N 314 
PRO CD    HD3    sing N N 315 
PRO OXT   HXT    sing N N 316 
SER N     CA     sing N N 317 
SER N     H      sing N N 318 
SER N     H2     sing N N 319 
SER CA    C      sing N N 320 
SER CA    CB     sing N N 321 
SER CA    HA     sing N N 322 
SER C     O      doub N N 323 
SER C     OXT    sing N N 324 
SER CB    OG     sing N N 325 
SER CB    HB2    sing N N 326 
SER CB    HB3    sing N N 327 
SER OG    HG     sing N N 328 
SER OXT   HXT    sing N N 329 
THR N     CA     sing N N 330 
THR N     H      sing N N 331 
THR N     H2     sing N N 332 
THR CA    C      sing N N 333 
THR CA    CB     sing N N 334 
THR CA    HA     sing N N 335 
THR C     O      doub N N 336 
THR C     OXT    sing N N 337 
THR CB    OG1    sing N N 338 
THR CB    CG2    sing N N 339 
THR CB    HB     sing N N 340 
THR OG1   HG1    sing N N 341 
THR CG2   HG21   sing N N 342 
THR CG2   HG22   sing N N 343 
THR CG2   HG23   sing N N 344 
THR OXT   HXT    sing N N 345 
TRP N     CA     sing N N 346 
TRP N     H      sing N N 347 
TRP N     H2     sing N N 348 
TRP CA    C      sing N N 349 
TRP CA    CB     sing N N 350 
TRP CA    HA     sing N N 351 
TRP C     O      doub N N 352 
TRP C     OXT    sing N N 353 
TRP CB    CG     sing N N 354 
TRP CB    HB2    sing N N 355 
TRP CB    HB3    sing N N 356 
TRP CG    CD1    doub Y N 357 
TRP CG    CD2    sing Y N 358 
TRP CD1   NE1    sing Y N 359 
TRP CD1   HD1    sing N N 360 
TRP CD2   CE2    doub Y N 361 
TRP CD2   CE3    sing Y N 362 
TRP NE1   CE2    sing Y N 363 
TRP NE1   HE1    sing N N 364 
TRP CE2   CZ2    sing Y N 365 
TRP CE3   CZ3    doub Y N 366 
TRP CE3   HE3    sing N N 367 
TRP CZ2   CH2    doub Y N 368 
TRP CZ2   HZ2    sing N N 369 
TRP CZ3   CH2    sing Y N 370 
TRP CZ3   HZ3    sing N N 371 
TRP CH2   HH2    sing N N 372 
TRP OXT   HXT    sing N N 373 
TYR N     CA     sing N N 374 
TYR N     H      sing N N 375 
TYR N     H2     sing N N 376 
TYR CA    C      sing N N 377 
TYR CA    CB     sing N N 378 
TYR CA    HA     sing N N 379 
TYR C     O      doub N N 380 
TYR C     OXT    sing N N 381 
TYR CB    CG     sing N N 382 
TYR CB    HB2    sing N N 383 
TYR CB    HB3    sing N N 384 
TYR CG    CD1    doub Y N 385 
TYR CG    CD2    sing Y N 386 
TYR CD1   CE1    sing Y N 387 
TYR CD1   HD1    sing N N 388 
TYR CD2   CE2    doub Y N 389 
TYR CD2   HD2    sing N N 390 
TYR CE1   CZ     doub Y N 391 
TYR CE1   HE1    sing N N 392 
TYR CE2   CZ     sing Y N 393 
TYR CE2   HE2    sing N N 394 
TYR CZ    OH     sing N N 395 
TYR OH    HH     sing N N 396 
TYR OXT   HXT    sing N N 397 
VAL N     CA     sing N N 398 
VAL N     H      sing N N 399 
VAL N     H2     sing N N 400 
VAL CA    C      sing N N 401 
VAL CA    CB     sing N N 402 
VAL CA    HA     sing N N 403 
VAL C     O      doub N N 404 
VAL C     OXT    sing N N 405 
VAL CB    CG1    sing N N 406 
VAL CB    CG2    sing N N 407 
VAL CB    HB     sing N N 408 
VAL CG1   HG11   sing N N 409 
VAL CG1   HG12   sing N N 410 
VAL CG1   HG13   sing N N 411 
VAL CG2   HG21   sing N N 412 
VAL CG2   HG22   sing N N 413 
VAL CG2   HG23   sing N N 414 
VAL OXT   HXT    sing N N 415 
# 
_atom_sites.entry_id                    3RHN 
_atom_sites.fract_transf_matrix[1][1]   -0.01398502 
_atom_sites.fract_transf_matrix[1][2]   0.01778921 
_atom_sites.fract_transf_matrix[1][3]   0.00190477 
_atom_sites.fract_transf_matrix[2][1]   0.00760978 
_atom_sites.fract_transf_matrix[2][2]   0.02094383 
_atom_sites.fract_transf_matrix[2][3]   -0.00437040 
_atom_sites.fract_transf_matrix[3][1]   -0.00321905 
_atom_sites.fract_transf_matrix[3][2]   -0.00127584 
_atom_sites.fract_transf_matrix[3][3]   -0.01171914 
_atom_sites.fract_transf_vector[1]      0.794131 
_atom_sites.fract_transf_vector[2]      0.451172 
_atom_sites.fract_transf_vector[3]      0.136474 
# 
loop_
_atom_type.symbol 
C 
N 
O 
P 
S 
# 
loop_
_atom_site.group_PDB 
_atom_site.id 
_atom_site.type_symbol 
_atom_site.label_atom_id 
_atom_site.label_alt_id 
_atom_site.label_comp_id 
_atom_site.label_asym_id 
_atom_site.label_entity_id 
_atom_site.label_seq_id 
_atom_site.pdbx_PDB_ins_code 
_atom_site.Cartn_x 
_atom_site.Cartn_y 
_atom_site.Cartn_z 
_atom_site.occupancy 
_atom_site.B_iso_or_equiv 
_atom_site.pdbx_formal_charge 
_atom_site.auth_seq_id 
_atom_site.auth_comp_id 
_atom_site.auth_asym_id 
_atom_site.auth_atom_id 
_atom_site.pdbx_PDB_model_num 
ATOM   1   N N     . ARG A 1 1   ? -1.714  -17.442 -7.351  1.00 71.63 ? 12  ARG A N     1 
ATOM   2   C CA    . ARG A 1 1   ? -0.705  -18.465 -6.952  1.00 71.82 ? 12  ARG A CA    1 
ATOM   3   C C     . ARG A 1 1   ? -0.846  -19.148 -5.550  1.00 70.46 ? 12  ARG A C     1 
ATOM   4   O O     . ARG A 1 1   ? -0.383  -20.296 -5.380  1.00 73.27 ? 12  ARG A O     1 
ATOM   5   C CB    . ARG A 1 1   ? 0.727   -17.908 -7.165  1.00 69.80 ? 12  ARG A CB    1 
ATOM   6   N N     . PRO A 1 2   ? -1.517  -18.507 -4.554  1.00 65.78 ? 13  PRO A N     1 
ATOM   7   C CA    . PRO A 1 2   ? -2.230  -17.226 -4.382  1.00 61.34 ? 13  PRO A CA    1 
ATOM   8   C C     . PRO A 1 2   ? -1.334  -16.035 -4.003  1.00 57.09 ? 13  PRO A C     1 
ATOM   9   O O     . PRO A 1 2   ? -0.268  -16.205 -3.410  1.00 55.59 ? 13  PRO A O     1 
ATOM   10  C CB    . PRO A 1 2   ? -3.204  -17.522 -3.226  1.00 62.93 ? 13  PRO A CB    1 
ATOM   11  C CG    . PRO A 1 2   ? -3.140  -19.037 -3.023  1.00 63.51 ? 13  PRO A CG    1 
ATOM   12  C CD    . PRO A 1 2   ? -1.711  -19.329 -3.347  1.00 64.36 ? 13  PRO A CD    1 
ATOM   13  N N     . GLY A 1 3   ? -1.823  -14.827 -4.277  1.00 51.20 ? 14  GLY A N     1 
ATOM   14  C CA    . GLY A 1 3   ? -1.062  -13.628 -3.977  1.00 44.62 ? 14  GLY A CA    1 
ATOM   15  C C     . GLY A 1 3   ? -0.694  -12.869 -5.242  1.00 40.70 ? 14  GLY A C     1 
ATOM   16  O O     . GLY A 1 3   ? -0.434  -11.673 -5.202  1.00 39.71 ? 14  GLY A O     1 
ATOM   17  N N     . GLY A 1 4   ? -0.659  -13.569 -6.372  1.00 38.87 ? 15  GLY A N     1 
ATOM   18  C CA    . GLY A 1 4   ? -0.328  -12.928 -7.633  1.00 33.78 ? 15  GLY A CA    1 
ATOM   19  C C     . GLY A 1 4   ? 1.082   -13.244 -8.064  1.00 31.77 ? 15  GLY A C     1 
ATOM   20  O O     . GLY A 1 4   ? 1.864   -13.760 -7.286  1.00 30.93 ? 15  GLY A O     1 
ATOM   21  N N     . ASP A 1 5   ? 1.425   -12.886 -9.293  1.00 33.66 ? 16  ASP A N     1 
ATOM   22  C CA    . ASP A 1 5   ? 2.756   -13.182 -9.812  1.00 34.45 ? 16  ASP A CA    1 
ATOM   23  C C     . ASP A 1 5   ? 3.758   -12.021 -9.763  1.00 30.08 ? 16  ASP A C     1 
ATOM   24  O O     . ASP A 1 5   ? 4.833   -12.127 -10.347 1.00 30.16 ? 16  ASP A O     1 
ATOM   25  C CB    . ASP A 1 5   ? 2.654   -13.747 -11.248 1.00 42.75 ? 16  ASP A CB    1 
ATOM   26  C CG    . ASP A 1 5   ? 1.615   -14.880 -11.378 1.00 46.99 ? 16  ASP A CG    1 
ATOM   27  O OD1   . ASP A 1 5   ? 0.427   -14.581 -11.649 1.00 47.10 ? 16  ASP A OD1   1 
ATOM   28  O OD2   . ASP A 1 5   ? 1.994   -16.065 -11.229 1.00 50.35 ? 16  ASP A OD2   1 
ATOM   29  N N     . THR A 1 6   ? 3.410   -10.913 -9.107  1.00 25.45 ? 17  THR A N     1 
ATOM   30  C CA    . THR A 1 6   ? 4.336   -9.781  -8.992  1.00 23.59 ? 17  THR A CA    1 
ATOM   31  C C     . THR A 1 6   ? 5.191   -10.021 -7.741  1.00 24.48 ? 17  THR A C     1 
ATOM   32  O O     . THR A 1 6   ? 4.975   -11.027 -7.053  1.00 27.40 ? 17  THR A O     1 
ATOM   33  C CB    . THR A 1 6   ? 3.568   -8.451  -8.853  1.00 21.52 ? 17  THR A CB    1 
ATOM   34  O OG1   . THR A 1 6   ? 2.813   -8.457  -7.642  1.00 19.63 ? 17  THR A OG1   1 
ATOM   35  C CG2   . THR A 1 6   ? 2.606   -8.274  -9.996  1.00 17.14 ? 17  THR A CG2   1 
ATOM   36  N N     . ILE A 1 7   ? 6.154   -9.136  -7.437  1.00 25.87 ? 18  ILE A N     1 
ATOM   37  C CA    . ILE A 1 7   ? 6.983   -9.314  -6.221  1.00 26.92 ? 18  ILE A CA    1 
ATOM   38  C C     . ILE A 1 7   ? 6.123   -9.228  -4.974  1.00 24.60 ? 18  ILE A C     1 
ATOM   39  O O     . ILE A 1 7   ? 6.494   -9.752  -3.924  1.00 25.72 ? 18  ILE A O     1 
ATOM   40  C CB    . ILE A 1 7   ? 8.079   -8.254  -6.005  1.00 26.53 ? 18  ILE A CB    1 
ATOM   41  C CG1   . ILE A 1 7   ? 7.986   -7.150  -7.031  1.00 32.27 ? 18  ILE A CG1   1 
ATOM   42  C CG2   . ILE A 1 7   ? 9.445   -8.915  -5.832  1.00 28.04 ? 18  ILE A CG2   1 
ATOM   43  C CD1   . ILE A 1 7   ? 6.937   -6.140  -6.689  1.00 31.42 ? 18  ILE A CD1   1 
ATOM   44  N N     . PHE A 1 8   ? 5.002   -8.515  -5.089  1.00 23.49 ? 19  PHE A N     1 
ATOM   45  C CA    . PHE A 1 8   ? 4.087   -8.359  -3.966  1.00 22.13 ? 19  PHE A CA    1 
ATOM   46  C C     . PHE A 1 8   ? 3.510   -9.726  -3.622  1.00 21.56 ? 19  PHE A C     1 
ATOM   47  O O     . PHE A 1 8   ? 3.340   -10.047 -2.450  1.00 26.10 ? 19  PHE A O     1 
ATOM   48  C CB    . PHE A 1 8   ? 2.990   -7.309  -4.260  1.00 17.04 ? 19  PHE A CB    1 
ATOM   49  C CG    . PHE A 1 8   ? 3.479   -5.864  -4.244  1.00 17.01 ? 19  PHE A CG    1 
ATOM   50  C CD1   . PHE A 1 8   ? 4.824   -5.551  -4.019  1.00 14.88 ? 19  PHE A CD1   1 
ATOM   51  C CD2   . PHE A 1 8   ? 2.592   -4.823  -4.465  1.00 13.31 ? 19  PHE A CD2   1 
ATOM   52  C CE1   . PHE A 1 8   ? 5.271   -4.219  -4.021  1.00 14.72 ? 19  PHE A CE1   1 
ATOM   53  C CE2   . PHE A 1 8   ? 3.034   -3.488  -4.469  1.00 14.16 ? 19  PHE A CE2   1 
ATOM   54  C CZ    . PHE A 1 8   ? 4.370   -3.191  -4.248  1.00 14.94 ? 19  PHE A CZ    1 
ATOM   55  N N     . GLY A 1 9   ? 3.297   -10.564 -4.633  1.00 18.39 ? 20  GLY A N     1 
ATOM   56  C CA    . GLY A 1 9   ? 2.781   -11.890 -4.374  1.00 16.50 ? 20  GLY A CA    1 
ATOM   57  C C     . GLY A 1 9   ? 3.827   -12.682 -3.609  1.00 25.48 ? 20  GLY A C     1 
ATOM   58  O O     . GLY A 1 9   ? 3.488   -13.433 -2.687  1.00 26.14 ? 20  GLY A O     1 
ATOM   59  N N     . LYS A 1 10  ? 5.105   -12.496 -3.960  1.00 23.99 ? 21  LYS A N     1 
ATOM   60  C CA    . LYS A 1 10  ? 6.198   -13.196 -3.276  1.00 25.04 ? 21  LYS A CA    1 
ATOM   61  C C     . LYS A 1 10  ? 6.315   -12.755 -1.809  1.00 27.62 ? 21  LYS A C     1 
ATOM   62  O O     . LYS A 1 10  ? 6.601   -13.559 -0.912  1.00 25.77 ? 21  LYS A O     1 
ATOM   63  C CB    . LYS A 1 10  ? 7.523   -12.976 -4.009  1.00 24.72 ? 21  LYS A CB    1 
ATOM   64  C CG    . LYS A 1 10  ? 7.545   -13.573 -5.386  1.00 27.41 ? 21  LYS A CG    1 
ATOM   65  C CD    . LYS A 1 10  ? 8.879   -13.367 -6.055  1.00 33.58 ? 21  LYS A CD    1 
ATOM   66  C CE    . LYS A 1 10  ? 8.841   -13.849 -7.503  1.00 38.62 ? 21  LYS A CE    1 
ATOM   67  N NZ    . LYS A 1 10  ? 10.038  -13.454 -8.321  1.00 40.96 ? 21  LYS A NZ    1 
ATOM   68  N N     . ILE A 1 11  ? 6.072   -11.472 -1.568  1.00 28.09 ? 22  ILE A N     1 
ATOM   69  C CA    . ILE A 1 11  ? 6.128   -10.930 -0.219  1.00 27.08 ? 22  ILE A CA    1 
ATOM   70  C C     . ILE A 1 11  ? 4.989   -11.529 0.615   1.00 26.08 ? 22  ILE A C     1 
ATOM   71  O O     . ILE A 1 11  ? 5.218   -12.045 1.704   1.00 28.58 ? 22  ILE A O     1 
ATOM   72  C CB    . ILE A 1 11  ? 6.094   -9.393  -0.284  1.00 22.76 ? 22  ILE A CB    1 
ATOM   73  C CG1   . ILE A 1 11  ? 7.458   -8.893  -0.755  1.00 16.51 ? 22  ILE A CG1   1 
ATOM   74  C CG2   . ILE A 1 11  ? 5.729   -8.814  1.047   1.00 23.91 ? 22  ILE A CG2   1 
ATOM   75  C CD1   . ILE A 1 11  ? 7.561   -7.405  -0.917  1.00 13.12 ? 22  ILE A CD1   1 
ATOM   76  N N     . ILE A 1 12  ? 3.791   -11.561 0.041   1.00 27.43 ? 23  ILE A N     1 
ATOM   77  C CA    . ILE A 1 12  ? 2.610   -12.115 0.700   1.00 25.70 ? 23  ILE A CA    1 
ATOM   78  C C     . ILE A 1 12  ? 2.849   -13.572 1.078   1.00 28.55 ? 23  ILE A C     1 
ATOM   79  O O     . ILE A 1 12  ? 2.452   -14.017 2.155   1.00 29.82 ? 23  ILE A O     1 
ATOM   80  C CB    . ILE A 1 12  ? 1.364   -12.000 -0.226  1.00 22.60 ? 23  ILE A CB    1 
ATOM   81  C CG1   . ILE A 1 12  ? 0.826   -10.567 -0.183  1.00 18.28 ? 23  ILE A CG1   1 
ATOM   82  C CG2   . ILE A 1 12  ? 0.293   -13.011 0.162   1.00 18.76 ? 23  ILE A CG2   1 
ATOM   83  C CD1   . ILE A 1 12  ? -0.094  -10.222 -1.335  1.00 19.90 ? 23  ILE A CD1   1 
ATOM   84  N N     . ARG A 1 13  ? 3.511   -14.305 0.191   1.00 31.31 ? 24  ARG A N     1 
ATOM   85  C CA    . ARG A 1 13  ? 3.813   -15.712 0.420   1.00 34.25 ? 24  ARG A CA    1 
ATOM   86  C C     . ARG A 1 13  ? 5.097   -15.936 1.221   1.00 35.34 ? 24  ARG A C     1 
ATOM   87  O O     . ARG A 1 13  ? 5.506   -17.077 1.426   1.00 38.78 ? 24  ARG A O     1 
ATOM   88  C CB    . ARG A 1 13  ? 3.902   -16.459 -0.904  1.00 35.10 ? 24  ARG A CB    1 
ATOM   89  C CG    . ARG A 1 13  ? 2.590   -16.597 -1.622  1.00 37.25 ? 24  ARG A CG    1 
ATOM   90  C CD    . ARG A 1 13  ? 2.769   -17.386 -2.892  1.00 38.33 ? 24  ARG A CD    1 
ATOM   91  N NE    . ARG A 1 13  ? 2.462   -16.574 -4.059  1.00 43.92 ? 24  ARG A NE    1 
ATOM   92  C CZ    . ARG A 1 13  ? 3.358   -16.170 -4.948  1.00 41.04 ? 24  ARG A CZ    1 
ATOM   93  N NH1   . ARG A 1 13  ? 4.632   -16.491 -4.824  1.00 41.25 ? 24  ARG A NH1   1 
ATOM   94  N NH2   . ARG A 1 13  ? 2.966   -15.464 -5.986  1.00 50.20 ? 24  ARG A NH2   1 
ATOM   95  N N     . LYS A 1 14  ? 5.727   -14.849 1.656   1.00 38.72 ? 25  LYS A N     1 
ATOM   96  C CA    . LYS A 1 14  ? 6.958   -14.915 2.445   1.00 41.81 ? 25  LYS A CA    1 
ATOM   97  C C     . LYS A 1 14  ? 8.150   -15.571 1.743   1.00 42.63 ? 25  LYS A C     1 
ATOM   98  O O     . LYS A 1 14  ? 9.038   -16.137 2.396   1.00 44.47 ? 25  LYS A O     1 
ATOM   99  C CB    . LYS A 1 14  ? 6.701   -15.607 3.791   1.00 47.02 ? 25  LYS A CB    1 
ATOM   100 C CG    . LYS A 1 14  ? 6.198   -14.691 4.905   1.00 51.07 ? 25  LYS A CG    1 
ATOM   101 C CD    . LYS A 1 14  ? 4.761   -14.278 4.685   1.00 55.26 ? 25  LYS A CD    1 
ATOM   102 C CE    . LYS A 1 14  ? 4.238   -13.404 5.813   1.00 53.78 ? 25  LYS A CE    1 
ATOM   103 N NZ    . LYS A 1 14  ? 2.921   -12.857 5.418   1.00 58.29 ? 25  LYS A NZ    1 
ATOM   104 N N     . GLU A 1 15  ? 8.167   -15.459 0.416   1.00 40.73 ? 26  GLU A N     1 
ATOM   105 C CA    . GLU A 1 15  ? 9.226   -16.019 -0.422  1.00 39.42 ? 26  GLU A CA    1 
ATOM   106 C C     . GLU A 1 15  ? 10.436  -15.102 -0.504  1.00 38.61 ? 26  GLU A C     1 
ATOM   107 O O     . GLU A 1 15  ? 11.533  -15.533 -0.848  1.00 40.39 ? 26  GLU A O     1 
ATOM   108 C CB    . GLU A 1 15  ? 8.672   -16.346 -1.804  1.00 40.27 ? 26  GLU A CB    1 
ATOM   109 C CG    . GLU A 1 15  ? 7.689   -17.516 -1.774  1.00 43.01 ? 26  GLU A CG    1 
ATOM   110 C CD    . GLU A 1 15  ? 6.891   -17.689 -3.060  1.00 43.49 ? 26  GLU A CD    1 
ATOM   111 O OE1   . GLU A 1 15  ? 7.214   -17.038 -4.077  1.00 43.96 ? 26  GLU A OE1   1 
ATOM   112 O OE2   . GLU A 1 15  ? 5.927   -18.486 -3.044  1.00 46.15 ? 26  GLU A OE2   1 
ATOM   113 N N     . ILE A 1 16  ? 10.192  -13.815 -0.301  1.00 39.13 ? 27  ILE A N     1 
ATOM   114 C CA    . ILE A 1 16  ? 11.253  -12.821 -0.253  1.00 39.04 ? 27  ILE A CA    1 
ATOM   115 C C     . ILE A 1 16  ? 10.856  -11.943 0.936   1.00 40.46 ? 27  ILE A C     1 
ATOM   116 O O     . ILE A 1 16  ? 9.661   -11.710 1.170   1.00 39.02 ? 27  ILE A O     1 
ATOM   117 C CB    . ILE A 1 16  ? 11.410  -11.982 -1.550  1.00 37.18 ? 27  ILE A CB    1 
ATOM   118 C CG1   . ILE A 1 16  ? 10.254  -11.007 -1.729  1.00 35.12 ? 27  ILE A CG1   1 
ATOM   119 C CG2   . ILE A 1 16  ? 11.577  -12.898 -2.753  1.00 39.72 ? 27  ILE A CG2   1 
ATOM   120 C CD1   . ILE A 1 16  ? 10.625  -9.789  -2.568  1.00 37.09 ? 27  ILE A CD1   1 
ATOM   121 N N     . PRO A 1 17  ? 11.841  -11.539 1.764   1.00 41.71 ? 28  PRO A N     1 
ATOM   122 C CA    . PRO A 1 17  ? 11.587  -10.699 2.948   1.00 42.74 ? 28  PRO A CA    1 
ATOM   123 C C     . PRO A 1 17  ? 11.186  -9.233  2.738   1.00 40.81 ? 28  PRO A C     1 
ATOM   124 O O     . PRO A 1 17  ? 11.485  -8.614  1.703   1.00 44.00 ? 28  PRO A O     1 
ATOM   125 C CB    . PRO A 1 17  ? 12.896  -10.812 3.734   1.00 40.57 ? 28  PRO A CB    1 
ATOM   126 C CG    . PRO A 1 17  ? 13.928  -10.943 2.658   1.00 40.73 ? 28  PRO A CG    1 
ATOM   127 C CD    . PRO A 1 17  ? 13.259  -11.944 1.706   1.00 43.09 ? 28  PRO A CD    1 
ATOM   128 N N     . ALA A 1 18  ? 10.476  -8.703  3.727   1.00 34.03 ? 29  ALA A N     1 
ATOM   129 C CA    . ALA A 1 18  ? 10.032  -7.322  3.727   1.00 29.87 ? 29  ALA A CA    1 
ATOM   130 C C     . ALA A 1 18  ? 9.855   -6.984  5.180   1.00 33.44 ? 29  ALA A C     1 
ATOM   131 O O     . ALA A 1 18  ? 9.707   -7.884  6.012   1.00 37.01 ? 29  ALA A O     1 
ATOM   132 C CB    . ALA A 1 18  ? 8.721   -7.193  3.018   1.00 26.97 ? 29  ALA A CB    1 
ATOM   133 N N     . LYS A 1 19  ? 9.904   -5.696  5.495   1.00 30.92 ? 30  LYS A N     1 
ATOM   134 C CA    . LYS A 1 19  ? 9.720   -5.256  6.866   1.00 30.63 ? 30  LYS A CA    1 
ATOM   135 C C     . LYS A 1 19  ? 8.215   -5.101  7.069   1.00 26.26 ? 30  LYS A C     1 
ATOM   136 O O     . LYS A 1 19  ? 7.633   -4.054  6.771   1.00 21.74 ? 30  LYS A O     1 
ATOM   137 C CB    . LYS A 1 19  ? 10.459  -3.935  7.095   1.00 38.73 ? 30  LYS A CB    1 
ATOM   138 C CG    . LYS A 1 19  ? 11.830  -3.881  6.399   1.00 49.53 ? 30  LYS A CG    1 
ATOM   139 C CD    . LYS A 1 19  ? 12.007  -2.583  5.561   1.00 57.99 ? 30  LYS A CD    1 
ATOM   140 C CE    . LYS A 1 19  ? 12.886  -2.760  4.288   1.00 57.38 ? 30  LYS A CE    1 
ATOM   141 N NZ    . LYS A 1 19  ? 13.124  -1.466  3.556   1.00 53.95 ? 30  LYS A NZ    1 
ATOM   142 N N     . ILE A 1 20  ? 7.593   -6.197  7.504   1.00 25.01 ? 31  ILE A N     1 
ATOM   143 C CA    . ILE A 1 20  ? 6.153   -6.280  7.755   1.00 25.92 ? 31  ILE A CA    1 
ATOM   144 C C     . ILE A 1 20  ? 5.729   -5.628  9.075   1.00 25.27 ? 31  ILE A C     1 
ATOM   145 O O     . ILE A 1 20  ? 6.208   -5.981  10.162  1.00 27.09 ? 31  ILE A O     1 
ATOM   146 C CB    . ILE A 1 20  ? 5.653   -7.762  7.657   1.00 26.93 ? 31  ILE A CB    1 
ATOM   147 C CG1   . ILE A 1 20  ? 5.856   -8.278  6.219   1.00 29.86 ? 31  ILE A CG1   1 
ATOM   148 C CG2   . ILE A 1 20  ? 4.174   -7.868  8.049   1.00 25.49 ? 31  ILE A CG2   1 
ATOM   149 C CD1   . ILE A 1 20  ? 5.417   -9.724  5.992   1.00 28.41 ? 31  ILE A CD1   1 
ATOM   150 N N     . ILE A 1 21  ? 4.818   -4.666  8.947   1.00 21.63 ? 32  ILE A N     1 
ATOM   151 C CA    . ILE A 1 21  ? 4.282   -3.875  10.051  1.00 17.95 ? 32  ILE A CA    1 
ATOM   152 C C     . ILE A 1 21  ? 3.026   -4.489  10.649  1.00 18.62 ? 32  ILE A C     1 
ATOM   153 O O     . ILE A 1 21  ? 2.811   -4.445  11.852  1.00 20.71 ? 32  ILE A O     1 
ATOM   154 C CB    . ILE A 1 21  ? 3.857   -2.486  9.530   1.00 17.91 ? 32  ILE A CB    1 
ATOM   155 C CG1   . ILE A 1 21  ? 5.013   -1.788  8.834   1.00 18.89 ? 32  ILE A CG1   1 
ATOM   156 C CG2   . ILE A 1 21  ? 3.283   -1.635  10.648  1.00 20.70 ? 32  ILE A CG2   1 
ATOM   157 C CD1   . ILE A 1 21  ? 4.539   -0.600  8.018   1.00 19.81 ? 32  ILE A CD1   1 
ATOM   158 N N     . PHE A 1 22  ? 2.160   -4.994  9.781   1.00 15.82 ? 33  PHE A N     1 
ATOM   159 C CA    . PHE A 1 22  ? 0.893   -5.560  10.205  1.00 15.45 ? 33  PHE A CA    1 
ATOM   160 C C     . PHE A 1 22  ? 0.374   -6.489  9.127   1.00 17.81 ? 33  PHE A C     1 
ATOM   161 O O     . PHE A 1 22  ? 0.682   -6.320  7.948   1.00 18.02 ? 33  PHE A O     1 
ATOM   162 C CB    . PHE A 1 22  ? -0.105  -4.425  10.434  1.00 14.67 ? 33  PHE A CB    1 
ATOM   163 C CG    . PHE A 1 22  ? -1.529  -4.877  10.577  1.00 20.56 ? 33  PHE A CG    1 
ATOM   164 C CD1   . PHE A 1 22  ? -2.017  -5.309  11.800  1.00 24.55 ? 33  PHE A CD1   1 
ATOM   165 C CD2   . PHE A 1 22  ? -2.386  -4.887  9.471   1.00 19.15 ? 33  PHE A CD2   1 
ATOM   166 C CE1   . PHE A 1 22  ? -3.346  -5.746  11.920  1.00 24.70 ? 33  PHE A CE1   1 
ATOM   167 C CE2   . PHE A 1 22  ? -3.698  -5.314  9.590   1.00 19.29 ? 33  PHE A CE2   1 
ATOM   168 C CZ    . PHE A 1 22  ? -4.177  -5.746  10.816  1.00 23.11 ? 33  PHE A CZ    1 
ATOM   169 N N     . GLU A 1 23  ? -0.442  -7.451  9.534   1.00 17.31 ? 34  GLU A N     1 
ATOM   170 C CA    . GLU A 1 23  ? -1.029  -8.387  8.600   1.00 14.92 ? 34  GLU A CA    1 
ATOM   171 C C     . GLU A 1 23  ? -2.290  -8.981  9.160   1.00 15.27 ? 34  GLU A C     1 
ATOM   172 O O     . GLU A 1 23  ? -2.367  -9.265  10.341  1.00 20.29 ? 34  GLU A O     1 
ATOM   173 C CB    . GLU A 1 23  ? -0.042  -9.494  8.316   1.00 16.67 ? 34  GLU A CB    1 
ATOM   174 C CG    . GLU A 1 23  ? -0.594  -10.607 7.490   1.00 13.98 ? 34  GLU A CG    1 
ATOM   175 C CD    . GLU A 1 23  ? 0.453   -11.637 7.162   1.00 20.10 ? 34  GLU A CD    1 
ATOM   176 O OE1   . GLU A 1 23  ? 1.641   -11.415 7.467   1.00 26.17 ? 34  GLU A OE1   1 
ATOM   177 O OE2   . GLU A 1 23  ? 0.091   -12.679 6.594   1.00 29.27 ? 34  GLU A OE2   1 
ATOM   178 N N     . ASP A 1 24  ? -3.317  -9.072  8.339   1.00 17.60 ? 35  ASP A N     1 
ATOM   179 C CA    . ASP A 1 24  ? -4.559  -9.698  8.761   1.00 14.25 ? 35  ASP A CA    1 
ATOM   180 C C     . ASP A 1 24  ? -5.019  -10.613 7.618   1.00 15.36 ? 35  ASP A C     1 
ATOM   181 O O     . ASP A 1 24  ? -4.235  -10.911 6.725   1.00 16.35 ? 35  ASP A O     1 
ATOM   182 C CB    . ASP A 1 24  ? -5.604  -8.664  9.180   1.00 12.87 ? 35  ASP A CB    1 
ATOM   183 C CG    . ASP A 1 24  ? -6.003  -7.721  8.065   1.00 17.03 ? 35  ASP A CG    1 
ATOM   184 O OD1   . ASP A 1 24  ? -5.820  -8.026  6.874   1.00 16.41 ? 35  ASP A OD1   1 
ATOM   185 O OD2   . ASP A 1 24  ? -6.547  -6.658  8.390   1.00 18.13 ? 35  ASP A OD2   1 
ATOM   186 N N     . ASP A 1 25  ? -6.264  -11.067 7.640   1.00 18.08 ? 36  ASP A N     1 
ATOM   187 C CA    . ASP A 1 25  ? -6.771  -11.971 6.599   1.00 19.70 ? 36  ASP A CA    1 
ATOM   188 C C     . ASP A 1 25  ? -6.930  -11.380 5.196   1.00 18.39 ? 36  ASP A C     1 
ATOM   189 O O     . ASP A 1 25  ? -6.947  -12.107 4.204   1.00 17.85 ? 36  ASP A O     1 
ATOM   190 C CB    . ASP A 1 25  ? -8.104  -12.564 7.052   1.00 17.14 ? 36  ASP A CB    1 
ATOM   191 C CG    . ASP A 1 25  ? -9.124  -11.504 7.406   1.00 25.06 ? 36  ASP A CG    1 
ATOM   192 O OD1   . ASP A 1 25  ? -8.790  -10.517 8.093   1.00 25.01 ? 36  ASP A OD1   1 
ATOM   193 O OD2   . ASP A 1 25  ? -10.293 -11.660 6.999   1.00 34.72 ? 36  ASP A OD2   1 
ATOM   194 N N     . GLN A 1 26  ? -7.003  -10.060 5.124   1.00 16.40 ? 37  GLN A N     1 
ATOM   195 C CA    . GLN A 1 26  ? -7.222  -9.361  3.867   1.00 15.74 ? 37  GLN A CA    1 
ATOM   196 C C     . GLN A 1 26  ? -6.054  -8.609  3.273   1.00 17.08 ? 37  GLN A C     1 
ATOM   197 O O     . GLN A 1 26  ? -5.988  -8.408  2.054   1.00 17.95 ? 37  GLN A O     1 
ATOM   198 C CB    . GLN A 1 26  ? -8.335  -8.352  4.047   1.00 16.16 ? 37  GLN A CB    1 
ATOM   199 C CG    . GLN A 1 26  ? -9.675  -8.925  4.354   1.00 20.78 ? 37  GLN A CG    1 
ATOM   200 C CD    . GLN A 1 26  ? -10.722 -7.843  4.437   1.00 25.60 ? 37  GLN A CD    1 
ATOM   201 O OE1   . GLN A 1 26  ? -10.911 -7.231  5.490   1.00 28.91 ? 37  GLN A OE1   1 
ATOM   202 N NE2   . GLN A 1 26  ? -11.389 -7.570  3.318   1.00 28.88 ? 37  GLN A NE2   1 
ATOM   203 N N     . CYS A 1 27  ? -5.131  -8.185  4.124   1.00 14.88 ? 38  CYS A N     1 
ATOM   204 C CA    . CYS A 1 27  ? -4.025  -7.383  3.649   1.00 14.64 ? 38  CYS A CA    1 
ATOM   205 C C     . CYS A 1 27  ? -2.739  -7.520  4.436   1.00 18.14 ? 38  CYS A C     1 
ATOM   206 O O     . CYS A 1 27  ? -2.670  -8.232  5.449   1.00 20.24 ? 38  CYS A O     1 
ATOM   207 C CB    . CYS A 1 27  ? -4.448  -5.906  3.601   1.00 17.98 ? 38  CYS A CB    1 
ATOM   208 S SG    . CYS A 1 27  ? -4.710  -5.117  5.218   1.00 17.57 ? 38  CYS A SG    1 
ATOM   209 N N     . LEU A 1 28  ? -1.740  -6.772  3.988   1.00 14.35 ? 39  LEU A N     1 
ATOM   210 C CA    . LEU A 1 28  ? -0.423  -6.797  4.589   1.00 15.91 ? 39  LEU A CA    1 
ATOM   211 C C     . LEU A 1 28  ? 0.120   -5.381  4.429   1.00 17.67 ? 39  LEU A C     1 
ATOM   212 O O     . LEU A 1 28  ? -0.193  -4.720  3.431   1.00 18.28 ? 39  LEU A O     1 
ATOM   213 C CB    . LEU A 1 28  ? 0.413   -7.806  3.784   1.00 22.54 ? 39  LEU A CB    1 
ATOM   214 C CG    . LEU A 1 28  ? 1.683   -8.487  4.261   1.00 24.95 ? 39  LEU A CG    1 
ATOM   215 C CD1   . LEU A 1 28  ? 1.682   -9.883  3.709   1.00 28.57 ? 39  LEU A CD1   1 
ATOM   216 C CD2   . LEU A 1 28  ? 2.882   -7.758  3.759   1.00 29.85 ? 39  LEU A CD2   1 
ATOM   217 N N     . ALA A 1 29  ? 0.855   -4.891  5.428   1.00 11.50 ? 40  ALA A N     1 
ATOM   218 C CA    . ALA A 1 29  ? 1.456   -3.571  5.364   1.00 9.35  ? 40  ALA A CA    1 
ATOM   219 C C     . ALA A 1 29  ? 2.947   -3.767  5.608   1.00 12.58 ? 40  ALA A C     1 
ATOM   220 O O     . ALA A 1 29  ? 3.328   -4.515  6.490   1.00 16.42 ? 40  ALA A O     1 
ATOM   221 C CB    . ALA A 1 29  ? 0.835   -2.657  6.411   1.00 6.43  ? 40  ALA A CB    1 
ATOM   222 N N     . PHE A 1 30  ? 3.791   -3.181  4.769   1.00 15.17 ? 41  PHE A N     1 
ATOM   223 C CA    . PHE A 1 30  ? 5.237   -3.345  4.927   1.00 15.38 ? 41  PHE A CA    1 
ATOM   224 C C     . PHE A 1 30  ? 5.942   -2.097  4.460   1.00 17.62 ? 41  PHE A C     1 
ATOM   225 O O     . PHE A 1 30  ? 5.392   -1.351  3.651   1.00 20.39 ? 41  PHE A O     1 
ATOM   226 C CB    . PHE A 1 30  ? 5.746   -4.570  4.154   1.00 18.73 ? 41  PHE A CB    1 
ATOM   227 C CG    . PHE A 1 30  ? 5.408   -4.557  2.691   1.00 19.80 ? 41  PHE A CG    1 
ATOM   228 C CD1   . PHE A 1 30  ? 4.118   -4.895  2.250   1.00 21.21 ? 41  PHE A CD1   1 
ATOM   229 C CD2   . PHE A 1 30  ? 6.359   -4.174  1.748   1.00 22.60 ? 41  PHE A CD2   1 
ATOM   230 C CE1   . PHE A 1 30  ? 3.783   -4.841  0.884   1.00 22.72 ? 41  PHE A CE1   1 
ATOM   231 C CE2   . PHE A 1 30  ? 6.031   -4.116  0.372   1.00 22.46 ? 41  PHE A CE2   1 
ATOM   232 C CZ    . PHE A 1 30  ? 4.740   -4.451  -0.048  1.00 20.32 ? 41  PHE A CZ    1 
ATOM   233 N N     . HIS A 1 31  ? 7.161   -1.861  4.940   1.00 15.29 ? 42  HIS A N     1 
ATOM   234 C CA    . HIS A 1 31  ? 7.887   -0.658  4.541   1.00 17.91 ? 42  HIS A CA    1 
ATOM   235 C C     . HIS A 1 31  ? 8.394   -0.669  3.110   1.00 20.01 ? 42  HIS A C     1 
ATOM   236 O O     . HIS A 1 31  ? 8.818   -1.709  2.589   1.00 19.11 ? 42  HIS A O     1 
ATOM   237 C CB    . HIS A 1 31  ? 9.049   -0.374  5.484   1.00 19.44 ? 42  HIS A CB    1 
ATOM   238 C CG    . HIS A 1 31  ? 8.621   0.058   6.852   1.00 22.01 ? 42  HIS A CG    1 
ATOM   239 N ND1   . HIS A 1 31  ? 8.333   1.370   7.164   1.00 26.44 ? 42  HIS A ND1   1 
ATOM   240 C CD2   . HIS A 1 31  ? 8.411   -0.654  7.986   1.00 22.22 ? 42  HIS A CD2   1 
ATOM   241 C CE1   . HIS A 1 31  ? 7.954   1.449   8.428   1.00 24.09 ? 42  HIS A CE1   1 
ATOM   242 N NE2   . HIS A 1 31  ? 7.992   0.235   8.949   1.00 27.19 ? 42  HIS A NE2   1 
ATOM   243 N N     . ASP A 1 32  ? 8.352   0.510   2.491   1.00 20.22 ? 43  ASP A N     1 
ATOM   244 C CA    . ASP A 1 32  ? 8.823   0.670   1.123   1.00 22.74 ? 43  ASP A CA    1 
ATOM   245 C C     . ASP A 1 32  ? 10.361  0.628   1.117   1.00 24.84 ? 43  ASP A C     1 
ATOM   246 O O     . ASP A 1 32  ? 11.018  1.220   1.975   1.00 25.34 ? 43  ASP A O     1 
ATOM   247 C CB    . ASP A 1 32  ? 8.306   1.985   0.543   1.00 19.25 ? 43  ASP A CB    1 
ATOM   248 C CG    . ASP A 1 32  ? 8.329   2.002   -0.975  1.00 19.49 ? 43  ASP A CG    1 
ATOM   249 O OD1   . ASP A 1 32  ? 9.398   2.185   -1.564  1.00 21.57 ? 43  ASP A OD1   1 
ATOM   250 O OD2   . ASP A 1 32  ? 7.270   1.851   -1.595  1.00 20.35 ? 43  ASP A OD2   1 
ATOM   251 N N     . ILE A 1 33  ? 10.916  -0.087  0.139   1.00 25.35 ? 44  ILE A N     1 
ATOM   252 C CA    . ILE A 1 33  ? 12.354  -0.268  -0.015  1.00 26.68 ? 44  ILE A CA    1 
ATOM   253 C C     . ILE A 1 33  ? 13.069  1.016   -0.418  1.00 29.26 ? 44  ILE A C     1 
ATOM   254 O O     . ILE A 1 33  ? 14.285  1.135   -0.253  1.00 32.88 ? 44  ILE A O     1 
ATOM   255 C CB    . ILE A 1 33  ? 12.628  -1.413  -1.021  1.00 28.18 ? 44  ILE A CB    1 
ATOM   256 C CG1   . ILE A 1 33  ? 14.040  -1.971  -0.856  1.00 29.54 ? 44  ILE A CG1   1 
ATOM   257 C CG2   . ILE A 1 33  ? 12.345  -0.957  -2.452  1.00 24.00 ? 44  ILE A CG2   1 
ATOM   258 C CD1   . ILE A 1 33  ? 14.188  -3.367  -1.435  1.00 30.83 ? 44  ILE A CD1   1 
ATOM   259 N N     . SER A 1 34  ? 12.305  1.959   -0.973  1.00 31.72 ? 45  SER A N     1 
ATOM   260 C CA    . SER A 1 34  ? 12.803  3.276   -1.384  1.00 31.49 ? 45  SER A CA    1 
ATOM   261 C C     . SER A 1 34  ? 11.901  4.372   -0.819  1.00 29.42 ? 45  SER A C     1 
ATOM   262 O O     . SER A 1 34  ? 11.110  4.967   -1.553  1.00 24.65 ? 45  SER A O     1 
ATOM   263 C CB    . SER A 1 34  ? 12.849  3.409   -2.905  1.00 31.92 ? 45  SER A CB    1 
ATOM   264 O OG    . SER A 1 34  ? 13.978  2.733   -3.416  1.00 43.32 ? 45  SER A OG    1 
ATOM   265 N N     . PRO A 1 35  ? 12.031  4.670   0.494   1.00 28.58 ? 46  PRO A N     1 
ATOM   266 C CA    . PRO A 1 35  ? 11.230  5.694   1.172   1.00 26.17 ? 46  PRO A CA    1 
ATOM   267 C C     . PRO A 1 35  ? 11.355  7.080   0.543   1.00 22.54 ? 46  PRO A C     1 
ATOM   268 O O     . PRO A 1 35  ? 12.449  7.503   0.194   1.00 25.94 ? 46  PRO A O     1 
ATOM   269 C CB    . PRO A 1 35  ? 11.810  5.693   2.594   1.00 25.16 ? 46  PRO A CB    1 
ATOM   270 C CG    . PRO A 1 35  ? 12.291  4.314   2.771   1.00 27.32 ? 46  PRO A CG    1 
ATOM   271 C CD    . PRO A 1 35  ? 12.960  4.041   1.448   1.00 28.76 ? 46  PRO A CD    1 
ATOM   272 N N     . GLN A 1 36  ? 10.231  7.777   0.416   1.00 20.77 ? 47  GLN A N     1 
ATOM   273 C CA    . GLN A 1 36  ? 10.186  9.131   -0.133  1.00 20.50 ? 47  GLN A CA    1 
ATOM   274 C C     . GLN A 1 36  ? 9.886   10.120  0.997   1.00 20.77 ? 47  GLN A C     1 
ATOM   275 O O     . GLN A 1 36  ? 9.681   11.311  0.768   1.00 23.40 ? 47  GLN A O     1 
ATOM   276 C CB    . GLN A 1 36  ? 9.135   9.235   -1.236  1.00 18.88 ? 47  GLN A CB    1 
ATOM   277 C CG    . GLN A 1 36  ? 9.433   8.336   -2.405  1.00 19.32 ? 47  GLN A CG    1 
ATOM   278 C CD    . GLN A 1 36  ? 10.746  8.680   -3.086  1.00 21.07 ? 47  GLN A CD    1 
ATOM   279 O OE1   . GLN A 1 36  ? 10.953  9.817   -3.507  1.00 25.22 ? 47  GLN A OE1   1 
ATOM   280 N NE2   . GLN A 1 36  ? 11.635  7.698   -3.204  1.00 19.83 ? 47  GLN A NE2   1 
ATOM   281 N N     . ALA A 1 37  ? 9.868   9.594   2.215   1.00 19.07 ? 48  ALA A N     1 
ATOM   282 C CA    . ALA A 1 37  ? 9.628   10.380  3.415   1.00 18.23 ? 48  ALA A CA    1 
ATOM   283 C C     . ALA A 1 37  ? 10.184  9.522   4.556   1.00 20.05 ? 48  ALA A C     1 
ATOM   284 O O     . ALA A 1 37  ? 10.570  8.371   4.321   1.00 20.10 ? 48  ALA A O     1 
ATOM   285 C CB    . ALA A 1 37  ? 8.141   10.612  3.595   1.00 18.09 ? 48  ALA A CB    1 
ATOM   286 N N     . PRO A 1 38  ? 10.321  10.088  5.780   1.00 21.34 ? 49  PRO A N     1 
ATOM   287 C CA    . PRO A 1 38  ? 10.841  9.312   6.917   1.00 18.72 ? 49  PRO A CA    1 
ATOM   288 C C     . PRO A 1 38  ? 10.075  8.013   7.165   1.00 17.32 ? 49  PRO A C     1 
ATOM   289 O O     . PRO A 1 38  ? 10.672  6.993   7.526   1.00 19.14 ? 49  PRO A O     1 
ATOM   290 C CB    . PRO A 1 38  ? 10.737  10.303  8.070   1.00 20.18 ? 49  PRO A CB    1 
ATOM   291 C CG    . PRO A 1 38  ? 11.089  11.597  7.396   1.00 19.91 ? 49  PRO A CG    1 
ATOM   292 C CD    . PRO A 1 38  ? 10.287  11.528  6.106   1.00 19.47 ? 49  PRO A CD    1 
ATOM   293 N N     . THR A 1 39  ? 8.754   8.053   6.994   1.00 16.65 ? 50  THR A N     1 
ATOM   294 C CA    . THR A 1 39  ? 7.933   6.856   7.133   1.00 16.01 ? 50  THR A CA    1 
ATOM   295 C C     . THR A 1 39  ? 7.228   6.690   5.795   1.00 18.42 ? 50  THR A C     1 
ATOM   296 O O     . THR A 1 39  ? 6.565   7.601   5.314   1.00 17.20 ? 50  THR A O     1 
ATOM   297 C CB    . THR A 1 39  ? 6.883   6.995   8.248   1.00 18.24 ? 50  THR A CB    1 
ATOM   298 O OG1   . THR A 1 39  ? 7.552   7.166   9.499   1.00 23.12 ? 50  THR A OG1   1 
ATOM   299 C CG2   . THR A 1 39  ? 6.016   5.740   8.340   1.00 15.57 ? 50  THR A CG2   1 
ATOM   300 N N     . HIS A 1 40  ? 7.457   5.563   5.145   1.00 18.83 ? 51  HIS A N     1 
ATOM   301 C CA    . HIS A 1 40  ? 6.830   5.326   3.873   1.00 17.15 ? 51  HIS A CA    1 
ATOM   302 C C     . HIS A 1 40  ? 6.576   3.855   3.747   1.00 13.76 ? 51  HIS A C     1 
ATOM   303 O O     . HIS A 1 40  ? 7.484   3.084   3.505   1.00 14.96 ? 51  HIS A O     1 
ATOM   304 C CB    . HIS A 1 40  ? 7.732   5.814   2.737   1.00 20.39 ? 51  HIS A CB    1 
ATOM   305 C CG    . HIS A 1 40  ? 7.175   5.573   1.364   1.00 18.52 ? 51  HIS A CG    1 
ATOM   306 N ND1   . HIS A 1 40  ? 7.793   5.968   0.201   1.00 15.10 ? 51  HIS A ND1   1 
ATOM   307 C CD2   . HIS A 1 40  ? 6.026   4.963   0.974   1.00 17.87 ? 51  HIS A CD2   1 
ATOM   308 C CE1   . HIS A 1 40  ? 7.022   5.595   -0.829  1.00 19.17 ? 51  HIS A CE1   1 
ATOM   309 N NE2   . HIS A 1 40  ? 5.934   4.978   -0.412  1.00 18.57 ? 51  HIS A NE2   1 
ATOM   310 N N     . PHE A 1 41  ? 5.331   3.464   3.991   1.00 13.35 ? 52  PHE A N     1 
ATOM   311 C CA    . PHE A 1 41  ? 4.956   2.064   3.861   1.00 12.76 ? 52  PHE A CA    1 
ATOM   312 C C     . PHE A 1 41  ? 3.825   1.859   2.828   1.00 9.57  ? 52  PHE A C     1 
ATOM   313 O O     . PHE A 1 41  ? 3.200   2.813   2.362   1.00 12.40 ? 52  PHE A O     1 
ATOM   314 C CB    . PHE A 1 41  ? 4.592   1.447   5.226   1.00 10.29 ? 52  PHE A CB    1 
ATOM   315 C CG    . PHE A 1 41  ? 3.421   2.090   5.904   1.00 11.60 ? 52  PHE A CG    1 
ATOM   316 C CD1   . PHE A 1 41  ? 3.596   3.223   6.683   1.00 11.26 ? 52  PHE A CD1   1 
ATOM   317 C CD2   . PHE A 1 41  ? 2.143   1.549   5.785   1.00 12.40 ? 52  PHE A CD2   1 
ATOM   318 C CE1   . PHE A 1 41  ? 2.516   3.814   7.340   1.00 8.77  ? 52  PHE A CE1   1 
ATOM   319 C CE2   . PHE A 1 41  ? 1.066   2.129   6.438   1.00 8.27  ? 52  PHE A CE2   1 
ATOM   320 C CZ    . PHE A 1 41  ? 1.264   3.268   7.221   1.00 12.11 ? 52  PHE A CZ    1 
ATOM   321 N N     . LEU A 1 42  ? 3.565   0.602   2.507   1.00 11.80 ? 53  LEU A N     1 
ATOM   322 C CA    . LEU A 1 42  ? 2.542   0.228   1.545   1.00 12.41 ? 53  LEU A CA    1 
ATOM   323 C C     . LEU A 1 42  ? 1.551   -0.709  2.195   1.00 12.52 ? 53  LEU A C     1 
ATOM   324 O O     . LEU A 1 42  ? 1.928   -1.510  3.053   1.00 12.89 ? 53  LEU A O     1 
ATOM   325 C CB    . LEU A 1 42  ? 3.216   -0.533  0.394   1.00 13.18 ? 53  LEU A CB    1 
ATOM   326 C CG    . LEU A 1 42  ? 4.341   0.162   -0.365  1.00 12.79 ? 53  LEU A CG    1 
ATOM   327 C CD1   . LEU A 1 42  ? 5.187   -0.835  -1.160  1.00 16.05 ? 53  LEU A CD1   1 
ATOM   328 C CD2   . LEU A 1 42  ? 3.697   1.169   -1.273  1.00 13.28 ? 53  LEU A CD2   1 
ATOM   329 N N     . VAL A 1 43  ? 0.282   -0.576  1.831   1.00 11.84 ? 54  VAL A N     1 
ATOM   330 C CA    . VAL A 1 43  ? -0.740  -1.496  2.314   1.00 9.44  ? 54  VAL A CA    1 
ATOM   331 C C     . VAL A 1 43  ? -1.262  -2.188  1.043   1.00 13.70 ? 54  VAL A C     1 
ATOM   332 O O     . VAL A 1 43  ? -1.777  -1.529  0.128   1.00 13.19 ? 54  VAL A O     1 
ATOM   333 C CB    . VAL A 1 43  ? -1.910  -0.789  3.022   1.00 11.23 ? 54  VAL A CB    1 
ATOM   334 C CG1   . VAL A 1 43  ? -2.809  -1.828  3.645   1.00 9.06  ? 54  VAL A CG1   1 
ATOM   335 C CG2   . VAL A 1 43  ? -1.408  0.167   4.089   1.00 11.59 ? 54  VAL A CG2   1 
ATOM   336 N N     . ILE A 1 44  ? -1.110  -3.501  0.957   1.00 14.88 ? 55  ILE A N     1 
ATOM   337 C CA    . ILE A 1 44  ? -1.560  -4.211  -0.231  1.00 15.25 ? 55  ILE A CA    1 
ATOM   338 C C     . ILE A 1 44  ? -2.561  -5.305  0.105   1.00 19.11 ? 55  ILE A C     1 
ATOM   339 O O     . ILE A 1 44  ? -2.516  -5.872  1.206   1.00 17.65 ? 55  ILE A O     1 
ATOM   340 C CB    . ILE A 1 44  ? -0.378  -4.870  -0.972  1.00 15.59 ? 55  ILE A CB    1 
ATOM   341 C CG1   . ILE A 1 44  ? 0.189   -6.019  -0.139  1.00 15.64 ? 55  ILE A CG1   1 
ATOM   342 C CG2   . ILE A 1 44  ? 0.713   -3.854  -1.240  1.00 13.73 ? 55  ILE A CG2   1 
ATOM   343 C CD1   . ILE A 1 44  ? 1.175   -6.888  -0.904  1.00 14.85 ? 55  ILE A CD1   1 
ATOM   344 N N     . PRO A 1 45  ? -3.521  -5.576  -0.814  1.00 17.31 ? 56  PRO A N     1 
ATOM   345 C CA    . PRO A 1 45  ? -4.500  -6.633  -0.542  1.00 14.11 ? 56  PRO A CA    1 
ATOM   346 C C     . PRO A 1 45  ? -3.875  -7.987  -0.866  1.00 12.23 ? 56  PRO A C     1 
ATOM   347 O O     . PRO A 1 45  ? -2.893  -8.053  -1.614  1.00 14.27 ? 56  PRO A O     1 
ATOM   348 C CB    . PRO A 1 45  ? -5.644  -6.290  -1.496  1.00 13.42 ? 56  PRO A CB    1 
ATOM   349 C CG    . PRO A 1 45  ? -4.950  -5.736  -2.663  1.00 14.77 ? 56  PRO A CG    1 
ATOM   350 C CD    . PRO A 1 45  ? -3.861  -4.854  -2.052  1.00 13.84 ? 56  PRO A CD    1 
ATOM   351 N N     . LYS A 1 46  ? -4.376  -9.050  -0.236  1.00 14.30 ? 57  LYS A N     1 
ATOM   352 C CA    . LYS A 1 46  ? -3.871  -10.399 -0.506  1.00 19.85 ? 57  LYS A CA    1 
ATOM   353 C C     . LYS A 1 46  ? -4.465  -10.916 -1.816  1.00 20.37 ? 57  LYS A C     1 
ATOM   354 O O     . LYS A 1 46  ? -3.880  -11.771 -2.472  1.00 22.12 ? 57  LYS A O     1 
ATOM   355 C CB    . LYS A 1 46  ? -4.157  -11.355 0.651   1.00 18.43 ? 57  LYS A CB    1 
ATOM   356 C CG    . LYS A 1 46  ? -3.238  -11.092 1.837   1.00 18.90 ? 57  LYS A CG    1 
ATOM   357 C CD    . LYS A 1 46  ? -3.485  -12.037 2.985   1.00 18.01 ? 57  LYS A CD    1 
ATOM   358 C CE    . LYS A 1 46  ? -2.495  -11.744 4.097   1.00 18.39 ? 57  LYS A CE    1 
ATOM   359 N NZ    . LYS A 1 46  ? -2.673  -12.687 5.226   1.00 20.09 ? 57  LYS A NZ    1 
ATOM   360 N N     . LYS A 1 47  ? -5.630  -10.379 -2.175  1.00 22.13 ? 58  LYS A N     1 
ATOM   361 C CA    . LYS A 1 47  ? -6.309  -10.714 -3.417  1.00 21.61 ? 58  LYS A CA    1 
ATOM   362 C C     . LYS A 1 47  ? -5.611  -9.907  -4.505  1.00 22.02 ? 58  LYS A C     1 
ATOM   363 O O     . LYS A 1 47  ? -5.433  -8.695  -4.356  1.00 22.31 ? 58  LYS A O     1 
ATOM   364 C CB    . LYS A 1 47  ? -7.770  -10.276 -3.358  1.00 23.63 ? 58  LYS A CB    1 
ATOM   365 C CG    . LYS A 1 47  ? -8.548  -10.563 -4.651  1.00 25.57 ? 58  LYS A CG    1 
ATOM   366 C CD    . LYS A 1 47  ? -9.850  -9.794  -4.720  1.00 24.69 ? 58  LYS A CD    1 
ATOM   367 C CE    . LYS A 1 47  ? -10.653 -10.230 -5.927  1.00 33.02 ? 58  LYS A CE    1 
ATOM   368 N NZ    . LYS A 1 47  ? -11.944 -9.498  -6.121  1.00 38.94 ? 58  LYS A NZ    1 
ATOM   369 N N     . HIS A 1 48  ? -5.208  -10.551 -5.595  1.00 21.16 ? 59  HIS A N     1 
ATOM   370 C CA    . HIS A 1 48  ? -4.554  -9.806  -6.646  1.00 23.52 ? 59  HIS A CA    1 
ATOM   371 C C     . HIS A 1 48  ? -5.531  -9.042  -7.516  1.00 24.85 ? 59  HIS A C     1 
ATOM   372 O O     . HIS A 1 48  ? -6.418  -9.641  -8.112  1.00 27.77 ? 59  HIS A O     1 
ATOM   373 C CB    . HIS A 1 48  ? -3.701  -10.716 -7.539  1.00 30.29 ? 59  HIS A CB    1 
ATOM   374 C CG    . HIS A 1 48  ? -3.053  -9.998  -8.694  1.00 37.62 ? 59  HIS A CG    1 
ATOM   375 N ND1   . HIS A 1 48  ? -3.504  -10.111 -9.995  1.00 38.83 ? 59  HIS A ND1   1 
ATOM   376 C CD2   . HIS A 1 48  ? -1.991  -9.157  -8.746  1.00 36.04 ? 59  HIS A CD2   1 
ATOM   377 C CE1   . HIS A 1 48  ? -2.751  -9.374  -10.792 1.00 37.52 ? 59  HIS A CE1   1 
ATOM   378 N NE2   . HIS A 1 48  ? -1.825  -8.785  -10.056 1.00 37.21 ? 59  HIS A NE2   1 
ATOM   379 N N     . ILE A 1 49  ? -5.414  -7.717  -7.508  1.00 21.25 ? 60  ILE A N     1 
ATOM   380 C CA    . ILE A 1 49  ? -6.207  -6.845  -8.369  1.00 17.39 ? 60  ILE A CA    1 
ATOM   381 C C     . ILE A 1 49  ? -5.057  -6.097  -9.015  1.00 17.77 ? 60  ILE A C     1 
ATOM   382 O O     . ILE A 1 49  ? -4.225  -5.511  -8.327  1.00 15.23 ? 60  ILE A O     1 
ATOM   383 C CB    . ILE A 1 49  ? -7.081  -5.863  -7.608  1.00 18.38 ? 60  ILE A CB    1 
ATOM   384 C CG1   . ILE A 1 49  ? -8.060  -6.606  -6.695  1.00 15.83 ? 60  ILE A CG1   1 
ATOM   385 C CG2   . ILE A 1 49  ? -7.828  -4.979  -8.595  1.00 17.19 ? 60  ILE A CG2   1 
ATOM   386 C CD1   . ILE A 1 49  ? -8.834  -5.673  -5.780  1.00 14.85 ? 60  ILE A CD1   1 
ATOM   387 N N     . SER A 1 50  ? -4.963  -6.158  -10.332 1.00 14.58 ? 61  SER A N     1 
ATOM   388 C CA    . SER A 1 50  ? -3.839  -5.531  -11.010 1.00 14.90 ? 61  SER A CA    1 
ATOM   389 C C     . SER A 1 50  ? -3.781  -4.018  -11.044 1.00 13.75 ? 61  SER A C     1 
ATOM   390 O O     . SER A 1 50  ? -2.692  -3.431  -11.028 1.00 13.59 ? 61  SER A O     1 
ATOM   391 C CB    . SER A 1 50  ? -3.752  -6.052  -12.446 1.00 21.04 ? 61  SER A CB    1 
ATOM   392 O OG    . SER A 1 50  ? -4.970  -5.820  -13.126 1.00 20.61 ? 61  SER A OG    1 
ATOM   393 N N     . GLN A 1 51  ? -4.946  -3.386  -11.077 1.00 11.37 ? 62  GLN A N     1 
ATOM   394 C CA    . GLN A 1 51  ? -5.015  -1.945  -11.217 1.00 13.51 ? 62  GLN A CA    1 
ATOM   395 C C     . GLN A 1 51  ? -6.281  -1.527  -10.551 1.00 10.74 ? 62  GLN A C     1 
ATOM   396 O O     . GLN A 1 51  ? -7.183  -2.328  -10.453 1.00 16.43 ? 62  GLN A O     1 
ATOM   397 C CB    . GLN A 1 51  ? -5.111  -1.605  -12.717 1.00 15.44 ? 62  GLN A CB    1 
ATOM   398 C CG    . GLN A 1 51  ? -3.842  -1.901  -13.506 1.00 26.92 ? 62  GLN A CG    1 
ATOM   399 C CD    . GLN A 1 51  ? -4.092  -2.168  -14.986 1.00 26.61 ? 62  GLN A CD    1 
ATOM   400 O OE1   . GLN A 1 51  ? -4.291  -3.299  -15.400 1.00 26.43 ? 62  GLN A OE1   1 
ATOM   401 N NE2   . GLN A 1 51  ? -4.033  -1.121  -15.785 1.00 25.93 ? 62  GLN A NE2   1 
ATOM   402 N N     . ILE A 1 52  ? -6.353  -0.261  -10.141 1.00 12.15 ? 63  ILE A N     1 
ATOM   403 C CA    . ILE A 1 52  ? -7.533  0.277   -9.475  1.00 16.18 ? 63  ILE A CA    1 
ATOM   404 C C     . ILE A 1 52  ? -8.668  0.452   -10.476 1.00 21.71 ? 63  ILE A C     1 
ATOM   405 O O     . ILE A 1 52  ? -9.839  0.477   -10.098 1.00 25.28 ? 63  ILE A O     1 
ATOM   406 C CB    . ILE A 1 52  ? -7.243  1.618   -8.747  1.00 18.49 ? 63  ILE A CB    1 
ATOM   407 C CG1   . ILE A 1 52  ? -8.359  1.912   -7.739  1.00 24.66 ? 63  ILE A CG1   1 
ATOM   408 C CG2   . ILE A 1 52  ? -7.130  2.774   -9.726  1.00 18.21 ? 63  ILE A CG2   1 
ATOM   409 C CD1   . ILE A 1 52  ? -8.355  0.954   -6.561  1.00 22.17 ? 63  ILE A CD1   1 
ATOM   410 N N     . SER A 1 53  ? -8.312  0.551   -11.758 1.00 23.09 ? 64  SER A N     1 
ATOM   411 C CA    . SER A 1 53  ? -9.299  0.688   -12.829 1.00 21.77 ? 64  SER A CA    1 
ATOM   412 C C     . SER A 1 53  ? -9.961  -0.659  -13.070 1.00 19.68 ? 64  SER A C     1 
ATOM   413 O O     . SER A 1 53  ? -11.046 -0.724  -13.622 1.00 24.44 ? 64  SER A O     1 
ATOM   414 C CB    . SER A 1 53  ? -8.643  1.201   -14.105 1.00 21.29 ? 64  SER A CB    1 
ATOM   415 O OG    . SER A 1 53  ? -7.539  0.384   -14.444 1.00 22.89 ? 64  SER A OG    1 
ATOM   416 N N     . ALA A 1 54  ? -9.297  -1.729  -12.646 1.00 19.87 ? 65  ALA A N     1 
ATOM   417 C CA    . ALA A 1 54  ? -9.800  -3.097  -12.766 1.00 16.75 ? 65  ALA A CA    1 
ATOM   418 C C     . ALA A 1 54  ? -10.575 -3.608  -11.535 1.00 22.60 ? 65  ALA A C     1 
ATOM   419 O O     . ALA A 1 54  ? -11.119 -4.707  -11.572 1.00 24.01 ? 65  ALA A O     1 
ATOM   420 C CB    . ALA A 1 54  ? -8.650  -4.057  -13.084 1.00 15.18 ? 65  ALA A CB    1 
ATOM   421 N N     . ALA A 1 55  ? -10.594 -2.843  -10.437 1.00 21.81 ? 66  ALA A N     1 
ATOM   422 C CA    . ALA A 1 55  ? -11.324 -3.251  -9.232  1.00 22.78 ? 66  ALA A CA    1 
ATOM   423 C C     . ALA A 1 55  ? -12.827 -3.309  -9.511  1.00 23.49 ? 66  ALA A C     1 
ATOM   424 O O     . ALA A 1 55  ? -13.347 -2.509  -10.275 1.00 24.99 ? 66  ALA A O     1 
ATOM   425 C CB    . ALA A 1 55  ? -11.041 -2.270  -8.087  1.00 17.53 ? 66  ALA A CB    1 
ATOM   426 N N     . GLU A 1 56  ? -13.524 -4.269  -8.915  1.00 26.65 ? 67  GLU A N     1 
ATOM   427 C CA    . GLU A 1 56  ? -14.968 -4.385  -9.120  1.00 30.46 ? 67  GLU A CA    1 
ATOM   428 C C     . GLU A 1 56  ? -15.765 -3.695  -8.007  1.00 27.66 ? 67  GLU A C     1 
ATOM   429 O O     . GLU A 1 56  ? -15.218 -3.298  -6.982  1.00 26.41 ? 67  GLU A O     1 
ATOM   430 C CB    . GLU A 1 56  ? -15.361 -5.857  -9.177  1.00 38.65 ? 67  GLU A CB    1 
ATOM   431 C CG    . GLU A 1 56  ? -14.519 -6.701  -10.124 1.00 53.10 ? 67  GLU A CG    1 
ATOM   432 C CD    . GLU A 1 56  ? -14.601 -8.187  -9.801  1.00 61.78 ? 67  GLU A CD    1 
ATOM   433 O OE1   . GLU A 1 56  ? -13.878 -8.647  -8.879  1.00 66.23 ? 67  GLU A OE1   1 
ATOM   434 O OE2   . GLU A 1 56  ? -15.389 -8.894  -10.471 1.00 68.67 ? 67  GLU A OE2   1 
ATOM   435 N N     . ASP A 1 57  ? -17.069 -3.579  -8.212  1.00 27.40 ? 68  ASP A N     1 
ATOM   436 C CA    . ASP A 1 57  ? -17.941 -2.964  -7.214  1.00 30.57 ? 68  ASP A CA    1 
ATOM   437 C C     . ASP A 1 57  ? -17.874 -3.762  -5.915  1.00 27.89 ? 68  ASP A C     1 
ATOM   438 O O     . ASP A 1 57  ? -18.075 -3.220  -4.835  1.00 27.27 ? 68  ASP A O     1 
ATOM   439 C CB    . ASP A 1 57  ? -19.399 -2.936  -7.697  1.00 34.84 ? 68  ASP A CB    1 
ATOM   440 C CG    . ASP A 1 57  ? -19.635 -1.967  -8.847  1.00 40.75 ? 68  ASP A CG    1 
ATOM   441 O OD1   . ASP A 1 57  ? -18.708 -1.225  -9.241  1.00 38.25 ? 68  ASP A OD1   1 
ATOM   442 O OD2   . ASP A 1 57  ? -20.779 -1.954  -9.359  1.00 48.90 ? 68  ASP A OD2   1 
ATOM   443 N N     . ALA A 1 58  ? -17.589 -5.053  -6.039  1.00 26.74 ? 69  ALA A N     1 
ATOM   444 C CA    . ALA A 1 58  ? -17.495 -5.963  -4.899  1.00 26.70 ? 69  ALA A CA    1 
ATOM   445 C C     . ALA A 1 58  ? -16.218 -5.811  -4.092  1.00 25.86 ? 69  ALA A C     1 
ATOM   446 O O     . ALA A 1 58  ? -16.129 -6.355  -3.001  1.00 24.61 ? 69  ALA A O     1 
ATOM   447 C CB    . ALA A 1 58  ? -17.621 -7.412  -5.380  1.00 28.95 ? 69  ALA A CB    1 
ATOM   448 N N     . ASP A 1 59  ? -15.228 -5.131  -4.665  1.00 23.78 ? 70  ASP A N     1 
ATOM   449 C CA    . ASP A 1 59  ? -13.934 -4.896  -4.025  1.00 19.75 ? 70  ASP A CA    1 
ATOM   450 C C     . ASP A 1 59  ? -13.924 -3.627  -3.198  1.00 21.62 ? 70  ASP A C     1 
ATOM   451 O O     . ASP A 1 59  ? -12.896 -3.219  -2.677  1.00 23.25 ? 70  ASP A O     1 
ATOM   452 C CB    . ASP A 1 59  ? -12.839 -4.786  -5.073  1.00 17.85 ? 70  ASP A CB    1 
ATOM   453 C CG    . ASP A 1 59  ? -12.588 -6.078  -5.770  1.00 19.01 ? 70  ASP A CG    1 
ATOM   454 O OD1   . ASP A 1 59  ? -12.670 -7.136  -5.119  1.00 20.37 ? 70  ASP A OD1   1 
ATOM   455 O OD2   . ASP A 1 59  ? -12.310 -6.036  -6.975  1.00 22.40 ? 70  ASP A OD2   1 
ATOM   456 N N     . GLU A 1 60  ? -15.083 -3.007  -3.105  1.00 20.99 ? 71  GLU A N     1 
ATOM   457 C CA    . GLU A 1 60  ? -15.275 -1.784  -2.360  1.00 18.96 ? 71  GLU A CA    1 
ATOM   458 C C     . GLU A 1 60  ? -14.840 -1.833  -0.882  1.00 19.94 ? 71  GLU A C     1 
ATOM   459 O O     . GLU A 1 60  ? -14.114 -0.942  -0.425  1.00 19.80 ? 71  GLU A O     1 
ATOM   460 C CB    . GLU A 1 60  ? -16.736 -1.448  -2.470  1.00 18.80 ? 71  GLU A CB    1 
ATOM   461 C CG    . GLU A 1 60  ? -17.163 -0.187  -1.867  1.00 19.66 ? 71  GLU A CG    1 
ATOM   462 C CD    . GLU A 1 60  ? -18.563 0.122   -2.284  1.00 24.39 ? 71  GLU A CD    1 
ATOM   463 O OE1   . GLU A 1 60  ? -18.726 0.624   -3.421  1.00 24.28 ? 71  GLU A OE1   1 
ATOM   464 O OE2   . GLU A 1 60  ? -19.493 -0.187  -1.508  1.00 29.66 ? 71  GLU A OE2   1 
ATOM   465 N N     . SER A 1 61  ? -15.320 -2.831  -0.134  1.00 18.18 ? 72  SER A N     1 
ATOM   466 C CA    . SER A 1 61  ? -14.961 -2.992  1.290   1.00 19.47 ? 72  SER A CA    1 
ATOM   467 C C     . SER A 1 61  ? -13.469 -3.241  1.431   1.00 18.24 ? 72  SER A C     1 
ATOM   468 O O     . SER A 1 61  ? -12.814 -2.653  2.292   1.00 19.97 ? 72  SER A O     1 
ATOM   469 C CB    . SER A 1 61  ? -15.696 -4.174  1.935   1.00 18.28 ? 72  SER A CB    1 
ATOM   470 O OG    . SER A 1 61  ? -17.081 -3.926  2.017   1.00 26.89 ? 72  SER A OG    1 
ATOM   471 N N     . LEU A 1 62  ? -12.943 -4.122  0.580   1.00 14.75 ? 73  LEU A N     1 
ATOM   472 C CA    . LEU A 1 62  ? -11.529 -4.454  0.581   1.00 16.27 ? 73  LEU A CA    1 
ATOM   473 C C     . LEU A 1 62  ? -10.691 -3.196  0.413   1.00 16.36 ? 73  LEU A C     1 
ATOM   474 O O     . LEU A 1 62  ? -9.743  -2.967  1.161   1.00 16.67 ? 73  LEU A O     1 
ATOM   475 C CB    . LEU A 1 62  ? -11.203 -5.443  -0.543  1.00 15.46 ? 73  LEU A CB    1 
ATOM   476 C CG    . LEU A 1 62  ? -9.716  -5.737  -0.776  1.00 18.45 ? 73  LEU A CG    1 
ATOM   477 C CD1   . LEU A 1 62  ? -9.088  -6.399  0.486   1.00 17.99 ? 73  LEU A CD1   1 
ATOM   478 C CD2   . LEU A 1 62  ? -9.553  -6.623  -1.989  1.00 14.52 ? 73  LEU A CD2   1 
ATOM   479 N N     . LEU A 1 63  ? -11.068 -2.368  -0.557  1.00 13.56 ? 74  LEU A N     1 
ATOM   480 C CA    . LEU A 1 63  ? -10.346 -1.140  -0.831  1.00 13.91 ? 74  LEU A CA    1 
ATOM   481 C C     . LEU A 1 63  ? -10.419 -0.205  0.369   1.00 12.30 ? 74  LEU A C     1 
ATOM   482 O O     . LEU A 1 63  ? -9.438  0.420   0.727   1.00 11.56 ? 74  LEU A O     1 
ATOM   483 C CB    . LEU A 1 63  ? -10.896 -0.470  -2.104  1.00 17.72 ? 74  LEU A CB    1 
ATOM   484 C CG    . LEU A 1 63  ? -10.663 -1.261  -3.403  1.00 19.58 ? 74  LEU A CG    1 
ATOM   485 C CD1   . LEU A 1 63  ? -11.347 -0.567  -4.580  1.00 19.70 ? 74  LEU A CD1   1 
ATOM   486 C CD2   . LEU A 1 63  ? -9.161  -1.396  -3.658  1.00 16.80 ? 74  LEU A CD2   1 
ATOM   487 N N     . GLY A 1 64  ? -11.594 -0.101  0.968   1.00 10.61 ? 75  GLY A N     1 
ATOM   488 C CA    . GLY A 1 64  ? -11.760 0.735   2.147   1.00 14.58 ? 75  GLY A CA    1 
ATOM   489 C C     . GLY A 1 64  ? -10.970 0.161   3.316   1.00 14.71 ? 75  GLY A C     1 
ATOM   490 O O     . GLY A 1 64  ? -10.471 0.889   4.168   1.00 15.43 ? 75  GLY A O     1 
ATOM   491 N N     . HIS A 1 65  ? -10.798 -1.152  3.327   1.00 14.20 ? 76  HIS A N     1 
ATOM   492 C CA    . HIS A 1 65  ? -10.047 -1.784  4.386   1.00 12.01 ? 76  HIS A CA    1 
ATOM   493 C C     . HIS A 1 65  ? -8.567  -1.426  4.347   1.00 16.26 ? 76  HIS A C     1 
ATOM   494 O O     . HIS A 1 65  ? -7.915  -1.396  5.398   1.00 15.13 ? 76  HIS A O     1 
ATOM   495 C CB    . HIS A 1 65  ? -10.209 -3.283  4.329   1.00 10.61 ? 76  HIS A CB    1 
ATOM   496 C CG    . HIS A 1 65  ? -9.661  -3.985  5.530   1.00 14.87 ? 76  HIS A CG    1 
ATOM   497 N ND1   . HIS A 1 65  ? -8.575  -4.830  5.464   1.00 18.52 ? 76  HIS A ND1   1 
ATOM   498 C CD2   . HIS A 1 65  ? -10.056 -3.979  6.822   1.00 13.98 ? 76  HIS A CD2   1 
ATOM   499 C CE1   . HIS A 1 65  ? -8.329  -5.317  6.665   1.00 15.97 ? 76  HIS A CE1   1 
ATOM   500 N NE2   . HIS A 1 65  ? -9.213  -4.816  7.506   1.00 16.81 ? 76  HIS A NE2   1 
ATOM   501 N N     . LEU A 1 66  ? -8.030  -1.187  3.149   1.00 13.17 ? 77  LEU A N     1 
ATOM   502 C CA    . LEU A 1 66  ? -6.619  -0.819  3.001   1.00 12.23 ? 77  LEU A CA    1 
ATOM   503 C C     . LEU A 1 66  ? -6.390  0.537   3.634   1.00 12.35 ? 77  LEU A C     1 
ATOM   504 O O     . LEU A 1 66  ? -5.311  0.822   4.148   1.00 13.07 ? 77  LEU A O     1 
ATOM   505 C CB    . LEU A 1 66  ? -6.208  -0.731  1.537   1.00 12.59 ? 77  LEU A CB    1 
ATOM   506 C CG    . LEU A 1 66  ? -6.449  -1.940  0.644   1.00 13.70 ? 77  LEU A CG    1 
ATOM   507 C CD1   . LEU A 1 66  ? -5.877  -1.632  -0.715  1.00 16.30 ? 77  LEU A CD1   1 
ATOM   508 C CD2   . LEU A 1 66  ? -5.793  -3.177  1.217   1.00 14.33 ? 77  LEU A CD2   1 
ATOM   509 N N     . MET A 1 67  ? -7.392  1.402   3.530   1.00 14.07 ? 78  MET A N     1 
ATOM   510 C CA    . MET A 1 67  ? -7.302  2.737   4.109   1.00 16.63 ? 78  MET A CA    1 
ATOM   511 C C     . MET A 1 67  ? -7.442  2.710   5.628   1.00 14.34 ? 78  MET A C     1 
ATOM   512 O O     . MET A 1 67  ? -6.746  3.439   6.313   1.00 16.57 ? 78  MET A O     1 
ATOM   513 C CB    . MET A 1 67  ? -8.345  3.673   3.508   1.00 16.51 ? 78  MET A CB    1 
ATOM   514 C CG    . MET A 1 67  ? -7.973  4.226   2.141   1.00 24.80 ? 78  MET A CG    1 
ATOM   515 S SD    . MET A 1 67  ? -9.337  5.203   1.406   1.00 29.82 ? 78  MET A SD    1 
ATOM   516 C CE    . MET A 1 67  ? -9.103  6.737   2.123   1.00 29.83 ? 78  MET A CE    1 
ATOM   517 N N     . ILE A 1 68  ? -8.336  1.880   6.155   1.00 11.74 ? 79  ILE A N     1 
ATOM   518 C CA    . ILE A 1 68  ? -8.503  1.802   7.604   1.00 15.20 ? 79  ILE A CA    1 
ATOM   519 C C     . ILE A 1 68  ? -7.229  1.232   8.224   1.00 16.14 ? 79  ILE A C     1 
ATOM   520 O O     . ILE A 1 68  ? -6.725  1.749   9.220   1.00 15.55 ? 79  ILE A O     1 
ATOM   521 C CB    . ILE A 1 68  ? -9.725  0.953   7.999   1.00 16.21 ? 79  ILE A CB    1 
ATOM   522 C CG1   . ILE A 1 68  ? -11.026 1.659   7.581   1.00 11.62 ? 79  ILE A CG1   1 
ATOM   523 C CG2   . ILE A 1 68  ? -9.708  0.677   9.499   1.00 14.33 ? 79  ILE A CG2   1 
ATOM   524 C CD1   . ILE A 1 68  ? -11.334 2.940   8.311   1.00 11.28 ? 79  ILE A CD1   1 
ATOM   525 N N     . VAL A 1 69  ? -6.678  0.202   7.593   1.00 14.03 ? 80  VAL A N     1 
ATOM   526 C CA    . VAL A 1 69  ? -5.446  -0.392  8.063   1.00 12.41 ? 80  VAL A CA    1 
ATOM   527 C C     . VAL A 1 69  ? -4.302  0.611   7.920   1.00 14.90 ? 80  VAL A C     1 
ATOM   528 O O     . VAL A 1 69  ? -3.419  0.669   8.772   1.00 15.50 ? 80  VAL A O     1 
ATOM   529 C CB    . VAL A 1 69  ? -5.123  -1.672  7.298   1.00 13.54 ? 80  VAL A CB    1 
ATOM   530 C CG1   . VAL A 1 69  ? -3.682  -2.110  7.564   1.00 12.70 ? 80  VAL A CG1   1 
ATOM   531 C CG2   . VAL A 1 69  ? -6.060  -2.748  7.739   1.00 11.92 ? 80  VAL A CG2   1 
ATOM   532 N N     . GLY A 1 70  ? -4.333  1.405   6.855   1.00 12.40 ? 81  GLY A N     1 
ATOM   533 C CA    . GLY A 1 70  ? -3.314  2.413   6.635   1.00 10.27 ? 81  GLY A CA    1 
ATOM   534 C C     . GLY A 1 70  ? -3.313  3.465   7.733   1.00 14.43 ? 81  GLY A C     1 
ATOM   535 O O     . GLY A 1 70  ? -2.247  3.855   8.217   1.00 18.09 ? 81  GLY A O     1 
ATOM   536 N N     . LYS A 1 71  ? -4.490  3.925   8.154   1.00 14.59 ? 82  LYS A N     1 
ATOM   537 C CA    . LYS A 1 71  ? -4.554  4.921   9.224   1.00 16.07 ? 82  LYS A CA    1 
ATOM   538 C C     . LYS A 1 71  ? -4.144  4.341   10.606  1.00 17.60 ? 82  LYS A C     1 
ATOM   539 O O     . LYS A 1 71  ? -3.526  5.037   11.414  1.00 21.26 ? 82  LYS A O     1 
ATOM   540 C CB    . LYS A 1 71  ? -5.928  5.576   9.295   1.00 16.15 ? 82  LYS A CB    1 
ATOM   541 C CG    . LYS A 1 71  ? -6.989  4.725   9.930   1.00 23.13 ? 82  LYS A CG    1 
ATOM   542 C CD    . LYS A 1 71  ? -7.674  5.453   11.053  1.00 19.28 ? 82  LYS A CD    1 
ATOM   543 C CE    . LYS A 1 71  ? -8.513  4.505   11.861  1.00 23.27 ? 82  LYS A CE    1 
ATOM   544 N NZ    . LYS A 1 71  ? -9.314  5.216   12.907  1.00 30.36 ? 82  LYS A NZ    1 
ATOM   545 N N     . LYS A 1 72  ? -4.469  3.077   10.874  1.00 16.94 ? 83  LYS A N     1 
ATOM   546 C CA    . LYS A 1 72  ? -4.094  2.452   12.136  1.00 17.15 ? 83  LYS A CA    1 
ATOM   547 C C     . LYS A 1 72  ? -2.580  2.248   12.218  1.00 19.15 ? 83  LYS A C     1 
ATOM   548 O O     . LYS A 1 72  ? -1.985  2.456   13.269  1.00 18.17 ? 83  LYS A O     1 
ATOM   549 C CB    . LYS A 1 72  ? -4.815  1.121   12.324  1.00 19.05 ? 83  LYS A CB    1 
ATOM   550 C CG    . LYS A 1 72  ? -6.315  1.266   12.495  1.00 22.08 ? 83  LYS A CG    1 
ATOM   551 C CD    . LYS A 1 72  ? -6.998  -0.095  12.570  1.00 18.73 ? 83  LYS A CD    1 
ATOM   552 C CE    . LYS A 1 72  ? -8.464  0.088   12.880  1.00 19.71 ? 83  LYS A CE    1 
ATOM   553 N NZ    . LYS A 1 72  ? -9.123  -1.204  13.174  1.00 26.74 ? 83  LYS A NZ    1 
ATOM   554 N N     . CYS A 1 73  ? -1.954  1.860   11.106  1.00 16.80 ? 84  CYS A N     1 
ATOM   555 C CA    . CYS A 1 73  ? -0.506  1.661   11.074  1.00 15.53 ? 84  CYS A CA    1 
ATOM   556 C C     . CYS A 1 73  ? 0.243   2.959   11.197  1.00 16.51 ? 84  CYS A C     1 
ATOM   557 O O     . CYS A 1 73  ? 1.313   2.995   11.778  1.00 19.83 ? 84  CYS A O     1 
ATOM   558 C CB    . CYS A 1 73  ? -0.060  0.966   9.797   1.00 12.16 ? 84  CYS A CB    1 
ATOM   559 S SG    . CYS A 1 73  ? -0.481  -0.747  9.818   1.00 18.38 ? 84  CYS A SG    1 
ATOM   560 N N     . ALA A 1 74  ? -0.298  4.008   10.590  1.00 15.85 ? 85  ALA A N     1 
ATOM   561 C CA    . ALA A 1 74  ? 0.319   5.324   10.624  1.00 13.64 ? 85  ALA A CA    1 
ATOM   562 C C     . ALA A 1 74  ? 0.370   5.862   12.043  1.00 15.30 ? 85  ALA A C     1 
ATOM   563 O O     . ALA A 1 74  ? 1.394   6.409   12.450  1.00 14.70 ? 85  ALA A O     1 
ATOM   564 C CB    . ALA A 1 74  ? -0.440  6.288   9.744   1.00 14.88 ? 85  ALA A CB    1 
ATOM   565 N N     . ALA A 1 75  ? -0.748  5.735   12.766  1.00 14.16 ? 86  ALA A N     1 
ATOM   566 C CA    . ALA A 1 75  ? -0.841  6.188   14.157  1.00 19.20 ? 86  ALA A CA    1 
ATOM   567 C C     . ALA A 1 75  ? 0.098   5.374   15.041  1.00 17.85 ? 86  ALA A C     1 
ATOM   568 O O     . ALA A 1 75  ? 0.769   5.933   15.887  1.00 23.44 ? 86  ALA A O     1 
ATOM   569 C CB    . ALA A 1 75  ? -2.273  6.074   14.670  1.00 14.99 ? 86  ALA A CB    1 
ATOM   570 N N     . ASP A 1 76  ? 0.184   4.069   14.792  1.00 19.31 ? 87  ASP A N     1 
ATOM   571 C CA    . ASP A 1 76  ? 1.048   3.163   15.546  1.00 19.69 ? 87  ASP A CA    1 
ATOM   572 C C     . ASP A 1 76  ? 2.534   3.426   15.274  1.00 22.93 ? 87  ASP A C     1 
ATOM   573 O O     . ASP A 1 76  ? 3.410   3.038   16.070  1.00 23.94 ? 87  ASP A O     1 
ATOM   574 C CB    . ASP A 1 76  ? 0.703   1.713   15.216  1.00 24.22 ? 87  ASP A CB    1 
ATOM   575 C CG    . ASP A 1 76  ? 1.357   0.722   16.169  1.00 28.93 ? 87  ASP A CG    1 
ATOM   576 O OD1   . ASP A 1 76  ? 1.091   0.794   17.383  1.00 28.45 ? 87  ASP A OD1   1 
ATOM   577 O OD2   . ASP A 1 76  ? 2.139   -0.130  15.703  1.00 31.27 ? 87  ASP A OD2   1 
ATOM   578 N N     . LEU A 1 77  ? 2.820   4.033   14.128  1.00 20.01 ? 88  LEU A N     1 
ATOM   579 C CA    . LEU A 1 77  ? 4.190   4.371   13.768  1.00 20.96 ? 88  LEU A CA    1 
ATOM   580 C C     . LEU A 1 77  ? 4.490   5.818   14.152  1.00 18.75 ? 88  LEU A C     1 
ATOM   581 O O     . LEU A 1 77  ? 5.535   6.351   13.810  1.00 20.90 ? 88  LEU A O     1 
ATOM   582 C CB    . LEU A 1 77  ? 4.458   4.145   12.277  1.00 18.91 ? 88  LEU A CB    1 
ATOM   583 C CG    . LEU A 1 77  ? 4.508   2.695   11.768  1.00 23.06 ? 88  LEU A CG    1 
ATOM   584 C CD1   . LEU A 1 77  ? 4.768   2.670   10.262  1.00 27.34 ? 88  LEU A CD1   1 
ATOM   585 C CD2   . LEU A 1 77  ? 5.598   1.936   12.477  1.00 20.06 ? 88  LEU A CD2   1 
ATOM   586 N N     . GLY A 1 78  ? 3.546   6.452   14.839  1.00 20.58 ? 89  GLY A N     1 
ATOM   587 C CA    . GLY A 1 78  ? 3.722   7.822   15.290  1.00 21.01 ? 89  GLY A CA    1 
ATOM   588 C C     . GLY A 1 78  ? 3.525   8.980   14.327  1.00 22.62 ? 89  GLY A C     1 
ATOM   589 O O     . GLY A 1 78  ? 4.043   10.062  14.581  1.00 24.37 ? 89  GLY A O     1 
ATOM   590 N N     . LEU A 1 79  ? 2.771   8.801   13.248  1.00 24.05 ? 90  LEU A N     1 
ATOM   591 C CA    . LEU A 1 79  ? 2.577   9.901   12.298  1.00 22.19 ? 90  LEU A CA    1 
ATOM   592 C C     . LEU A 1 79  ? 1.440   10.743  12.807  1.00 23.45 ? 90  LEU A C     1 
ATOM   593 O O     . LEU A 1 79  ? 0.395   10.837  12.166  1.00 24.40 ? 90  LEU A O     1 
ATOM   594 C CB    . LEU A 1 79  ? 2.271   9.370   10.885  1.00 16.19 ? 90  LEU A CB    1 
ATOM   595 C CG    . LEU A 1 79  ? 3.288   8.421   10.233  1.00 17.73 ? 90  LEU A CG    1 
ATOM   596 C CD1   . LEU A 1 79  ? 2.902   8.142   8.784   1.00 11.59 ? 90  LEU A CD1   1 
ATOM   597 C CD2   . LEU A 1 79  ? 4.693   9.016   10.312  1.00 14.70 ? 90  LEU A CD2   1 
ATOM   598 N N     . LYS A 1 80  ? 1.654   11.378  13.956  1.00 25.75 ? 91  LYS A N     1 
ATOM   599 C CA    . LYS A 1 80  ? 0.601   12.187  14.559  1.00 29.18 ? 91  LYS A CA    1 
ATOM   600 C C     . LYS A 1 80  ? 0.415   13.608  14.027  1.00 23.42 ? 91  LYS A C     1 
ATOM   601 O O     . LYS A 1 80  ? -0.615  14.239  14.265  1.00 25.09 ? 91  LYS A O     1 
ATOM   602 C CB    . LYS A 1 80  ? 0.695   12.148  16.084  1.00 38.94 ? 91  LYS A CB    1 
ATOM   603 C CG    . LYS A 1 80  ? -0.663  11.870  16.757  1.00 52.07 ? 91  LYS A CG    1 
ATOM   604 C CD    . LYS A 1 80  ? -1.272  10.556  16.284  1.00 54.40 ? 91  LYS A CD    1 
ATOM   605 C CE    . LYS A 1 80  ? -2.516  10.229  17.082  1.00 61.22 ? 91  LYS A CE    1 
ATOM   606 N NZ    . LYS A 1 80  ? -2.906  8.804   16.899  1.00 64.84 ? 91  LYS A NZ    1 
ATOM   607 N N     . LYS A 1 81  ? 1.414   14.118  13.323  1.00 24.36 ? 92  LYS A N     1 
ATOM   608 C CA    . LYS A 1 81  ? 1.265   15.432  12.701  1.00 26.52 ? 92  LYS A CA    1 
ATOM   609 C C     . LYS A 1 81  ? 0.648   15.265  11.287  1.00 24.31 ? 92  LYS A C     1 
ATOM   610 O O     . LYS A 1 81  ? 0.470   16.230  10.559  1.00 24.96 ? 92  LYS A O     1 
ATOM   611 C CB    . LYS A 1 81  ? 2.597   16.185  12.642  1.00 30.02 ? 92  LYS A CB    1 
ATOM   612 C CG    . LYS A 1 81  ? 2.906   16.974  13.905  1.00 38.20 ? 92  LYS A CG    1 
ATOM   613 C CD    . LYS A 1 81  ? 4.140   17.856  13.768  1.00 45.43 ? 92  LYS A CD    1 
ATOM   614 C CE    . LYS A 1 81  ? 4.306   18.745  15.019  1.00 53.47 ? 92  LYS A CE    1 
ATOM   615 N NZ    . LYS A 1 81  ? 5.586   19.536  15.074  1.00 58.50 ? 92  LYS A NZ    1 
ATOM   616 N N     . GLY A 1 82  ? 0.313   14.031  10.919  1.00 23.11 ? 93  GLY A N     1 
ATOM   617 C CA    . GLY A 1 82  ? -0.296  13.786  9.620   1.00 18.45 ? 93  GLY A CA    1 
ATOM   618 C C     . GLY A 1 82  ? 0.483   12.957  8.612   1.00 14.66 ? 93  GLY A C     1 
ATOM   619 O O     . GLY A 1 82  ? 1.642   12.611  8.809   1.00 12.80 ? 93  GLY A O     1 
ATOM   620 N N     . TYR A 1 83  ? -0.164  12.686  7.491   1.00 14.11 ? 94  TYR A N     1 
ATOM   621 C CA    . TYR A 1 83  ? 0.431   11.891  6.426   1.00 13.84 ? 94  TYR A CA    1 
ATOM   622 C C     . TYR A 1 83  ? -0.385  12.043  5.119   1.00 14.27 ? 94  TYR A C     1 
ATOM   623 O O     . TYR A 1 83  ? -1.393  12.743  5.065   1.00 9.73  ? 94  TYR A O     1 
ATOM   624 C CB    . TYR A 1 83  ? 0.479   10.416  6.862   1.00 13.70 ? 94  TYR A CB    1 
ATOM   625 C CG    . TYR A 1 83  ? -0.852  9.883   7.371   1.00 19.28 ? 94  TYR A CG    1 
ATOM   626 C CD1   . TYR A 1 83  ? -1.828  9.412   6.487   1.00 15.48 ? 94  TYR A CD1   1 
ATOM   627 C CD2   . TYR A 1 83  ? -1.141  9.862   8.738   1.00 18.29 ? 94  TYR A CD2   1 
ATOM   628 C CE1   . TYR A 1 83  ? -3.052  8.942   6.946   1.00 16.81 ? 94  TYR A CE1   1 
ATOM   629 C CE2   . TYR A 1 83  ? -2.372  9.393   9.202   1.00 18.42 ? 94  TYR A CE2   1 
ATOM   630 C CZ    . TYR A 1 83  ? -3.315  8.937   8.304   1.00 20.66 ? 94  TYR A CZ    1 
ATOM   631 O OH    . TYR A 1 83  ? -4.518  8.490   8.764   1.00 23.05 ? 94  TYR A OH    1 
ATOM   632 N N     . ARG A 1 84  ? 0.082   11.388  4.066   1.00 16.11 ? 95  ARG A N     1 
ATOM   633 C CA    . ARG A 1 84  ? -0.594  11.417  2.784   1.00 14.96 ? 95  ARG A CA    1 
ATOM   634 C C     . ARG A 1 84  ? -0.715  9.993   2.258   1.00 15.06 ? 95  ARG A C     1 
ATOM   635 O O     . ARG A 1 84  ? 0.238   9.221   2.345   1.00 15.65 ? 95  ARG A O     1 
ATOM   636 C CB    . ARG A 1 84  ? 0.203   12.274  1.798   1.00 16.17 ? 95  ARG A CB    1 
ATOM   637 C CG    . ARG A 1 84  ? -0.303  12.218  0.350   1.00 14.98 ? 95  ARG A CG    1 
ATOM   638 C CD    . ARG A 1 84  ? 0.366   13.263  -0.531  1.00 16.36 ? 95  ARG A CD    1 
ATOM   639 N NE    . ARG A 1 84  ? -0.032  14.612  -0.142  1.00 12.90 ? 95  ARG A NE    1 
ATOM   640 C CZ    . ARG A 1 84  ? 0.645   15.707  -0.454  1.00 10.60 ? 95  ARG A CZ    1 
ATOM   641 N NH1   . ARG A 1 84  ? 1.747   15.608  -1.175  1.00 11.84 ? 95  ARG A NH1   1 
ATOM   642 N NH2   . ARG A 1 84  ? 0.260   16.886  0.012   1.00 11.93 ? 95  ARG A NH2   1 
ATOM   643 N N     . MET A 1 85  ? -1.900  9.630   1.785   1.00 14.72 ? 96  MET A N     1 
ATOM   644 C CA    . MET A 1 85  ? -2.131  8.302   1.199   1.00 14.12 ? 96  MET A CA    1 
ATOM   645 C C     . MET A 1 85  ? -2.162  8.475   -0.320  1.00 13.31 ? 96  MET A C     1 
ATOM   646 O O     . MET A 1 85  ? -2.700  9.454   -0.815  1.00 13.30 ? 96  MET A O     1 
ATOM   647 C CB    . MET A 1 85  ? -3.446  7.726   1.705   1.00 15.14 ? 96  MET A CB    1 
ATOM   648 C CG    . MET A 1 85  ? -3.433  7.484   3.201   1.00 13.87 ? 96  MET A CG    1 
ATOM   649 S SD    . MET A 1 85  ? -4.960  6.769   3.733   1.00 22.22 ? 96  MET A SD    1 
ATOM   650 C CE    . MET A 1 85  ? -4.387  5.663   5.044   1.00 17.07 ? 96  MET A CE    1 
ATOM   651 N N     . VAL A 1 86  ? -1.564  7.540   -1.051  1.00 16.25 ? 97  VAL A N     1 
ATOM   652 C CA    . VAL A 1 86  ? -1.507  7.655   -2.509  1.00 14.39 ? 97  VAL A CA    1 
ATOM   653 C C     . VAL A 1 86  ? -1.740  6.348   -3.226  1.00 12.96 ? 97  VAL A C     1 
ATOM   654 O O     . VAL A 1 86  ? -1.192  5.332   -2.822  1.00 15.18 ? 97  VAL A O     1 
ATOM   655 C CB    . VAL A 1 86  ? -0.097  8.176   -2.969  1.00 13.94 ? 97  VAL A CB    1 
ATOM   656 C CG1   . VAL A 1 86  ? -0.002  8.279   -4.496  1.00 8.82  ? 97  VAL A CG1   1 
ATOM   657 C CG2   . VAL A 1 86  ? 0.167   9.524   -2.376  1.00 13.02 ? 97  VAL A CG2   1 
ATOM   658 N N     . VAL A 1 87  ? -2.545  6.392   -4.296  1.00 16.65 ? 98  VAL A N     1 
ATOM   659 C CA    . VAL A 1 87  ? -2.816  5.233   -5.170  1.00 11.47 ? 98  VAL A CA    1 
ATOM   660 C C     . VAL A 1 87  ? -2.444  5.672   -6.594  1.00 11.62 ? 98  VAL A C     1 
ATOM   661 O O     . VAL A 1 87  ? -2.969  6.661   -7.090  1.00 11.31 ? 98  VAL A O     1 
ATOM   662 C CB    . VAL A 1 87  ? -4.311  4.809   -5.186  1.00 15.31 ? 98  VAL A CB    1 
ATOM   663 C CG1   . VAL A 1 87  ? -4.491  3.618   -6.125  1.00 15.68 ? 98  VAL A CG1   1 
ATOM   664 C CG2   . VAL A 1 87  ? -4.802  4.413   -3.790  1.00 13.19 ? 98  VAL A CG2   1 
ATOM   665 N N     . ASN A 1 88  ? -1.502  4.978   -7.224  1.00 13.32 ? 99  ASN A N     1 
ATOM   666 C CA    . ASN A 1 88  ? -1.066  5.314   -8.588  1.00 13.04 ? 99  ASN A CA    1 
ATOM   667 C C     . ASN A 1 88  ? -1.688  4.360   -9.588  1.00 14.10 ? 99  ASN A C     1 
ATOM   668 O O     . ASN A 1 88  ? -1.642  3.151   -9.399  1.00 17.76 ? 99  ASN A O     1 
ATOM   669 C CB    . ASN A 1 88  ? 0.453   5.209   -8.721  1.00 10.42 ? 99  ASN A CB    1 
ATOM   670 C CG    . ASN A 1 88  ? 1.192   6.252   -7.905  1.00 7.08  ? 99  ASN A CG    1 
ATOM   671 O OD1   . ASN A 1 88  ? 0.677   7.317   -7.651  1.00 11.98 ? 99  ASN A OD1   1 
ATOM   672 N ND2   . ASN A 1 88  ? 2.424   5.952   -7.533  1.00 7.43  ? 99  ASN A ND2   1 
ATOM   673 N N     . GLU A 1 89  ? -2.252  4.900   -10.663 1.00 17.73 ? 100 GLU A N     1 
ATOM   674 C CA    . GLU A 1 89  ? -2.875  4.064   -11.688 1.00 14.30 ? 100 GLU A CA    1 
ATOM   675 C C     . GLU A 1 89  ? -2.269  4.287   -13.073 1.00 15.68 ? 100 GLU A C     1 
ATOM   676 O O     . GLU A 1 89  ? -2.277  5.407   -13.581 1.00 13.07 ? 100 GLU A O     1 
ATOM   677 C CB    . GLU A 1 89  ? -4.370  4.324   -11.727 1.00 13.13 ? 100 GLU A CB    1 
ATOM   678 C CG    . GLU A 1 89  ? -5.070  3.935   -13.032 1.00 19.23 ? 100 GLU A CG    1 
ATOM   679 C CD    . GLU A 1 89  ? -5.345  2.451   -13.169 1.00 19.93 ? 100 GLU A CD    1 
ATOM   680 O OE1   . GLU A 1 89  ? -5.580  1.777   -12.158 1.00 20.33 ? 100 GLU A OE1   1 
ATOM   681 O OE2   . GLU A 1 89  ? -5.345  1.956   -14.310 1.00 27.44 ? 100 GLU A OE2   1 
ATOM   682 N N     . GLY A 1 90  ? -1.702  3.222   -13.646 1.00 17.10 ? 101 GLY A N     1 
ATOM   683 C CA    . GLY A 1 90  ? -1.143  3.287   -14.985 1.00 18.63 ? 101 GLY A CA    1 
ATOM   684 C C     . GLY A 1 90  ? 0.077   4.144   -15.209 1.00 22.28 ? 101 GLY A C     1 
ATOM   685 O O     . GLY A 1 90  ? 0.701   4.630   -14.269 1.00 18.02 ? 101 GLY A O     1 
ATOM   686 N N     . SER A 1 91  ? 0.343   4.396   -16.489 1.00 20.37 ? 102 SER A N     1 
ATOM   687 C CA    . SER A 1 91  ? 1.482   5.166   -16.945 1.00 20.25 ? 102 SER A CA    1 
ATOM   688 C C     . SER A 1 91  ? 1.548   6.578   -16.358 1.00 21.12 ? 102 SER A C     1 
ATOM   689 O O     . SER A 1 91  ? 2.528   6.934   -15.681 1.00 23.93 ? 102 SER A O     1 
ATOM   690 C CB    . SER A 1 91  ? 1.466   5.195   -18.483 1.00 22.59 ? 102 SER A CB    1 
ATOM   691 O OG    . SER A 1 91  ? 2.585   5.873   -19.003 1.00 30.80 ? 102 SER A OG    1 
ATOM   692 N N     . ASP A 1 92  ? 0.490   7.361   -16.558 1.00 20.11 ? 103 ASP A N     1 
ATOM   693 C CA    . ASP A 1 92  ? 0.442   8.734   -16.050 1.00 18.22 ? 103 ASP A CA    1 
ATOM   694 C C     . ASP A 1 92  ? 0.488   8.823   -14.521 1.00 17.87 ? 103 ASP A C     1 
ATOM   695 O O     . ASP A 1 92  ? 0.939   9.826   -13.965 1.00 20.04 ? 103 ASP A O     1 
ATOM   696 C CB    . ASP A 1 92  ? -0.818  9.443   -16.528 1.00 17.49 ? 103 ASP A CB    1 
ATOM   697 C CG    . ASP A 1 92  ? -0.698  10.015  -17.924 1.00 18.40 ? 103 ASP A CG    1 
ATOM   698 O OD1   . ASP A 1 92  ? 0.393   9.986   -18.542 1.00 14.08 ? 103 ASP A OD1   1 
ATOM   699 O OD2   . ASP A 1 92  ? -1.741  10.522  -18.379 1.00 20.75 ? 103 ASP A OD2   1 
ATOM   700 N N     . GLY A 1 93  ? -0.042  7.809   -13.851 1.00 15.19 ? 104 GLY A N     1 
ATOM   701 C CA    . GLY A 1 93  ? -0.026  7.805   -12.398 1.00 17.98 ? 104 GLY A CA    1 
ATOM   702 C C     . GLY A 1 93  ? 1.337   7.426   -11.847 1.00 18.05 ? 104 GLY A C     1 
ATOM   703 O O     . GLY A 1 93  ? 1.669   7.758   -10.709 1.00 22.36 ? 104 GLY A O     1 
ATOM   704 N N     . GLY A 1 94  ? 2.141   6.768   -12.676 1.00 17.60 ? 105 GLY A N     1 
ATOM   705 C CA    . GLY A 1 94  ? 3.463   6.331   -12.273 1.00 14.08 ? 105 GLY A CA    1 
ATOM   706 C C     . GLY A 1 94  ? 3.491   4.927   -11.696 1.00 18.53 ? 105 GLY A C     1 
ATOM   707 O O     . GLY A 1 94  ? 4.476   4.536   -11.067 1.00 25.80 ? 105 GLY A O     1 
ATOM   708 N N     . GLN A 1 95  ? 2.426   4.158   -11.909 1.00 16.18 ? 106 GLN A N     1 
ATOM   709 C CA    . GLN A 1 95  ? 2.359   2.801   -11.388 1.00 13.49 ? 106 GLN A CA    1 
ATOM   710 C C     . GLN A 1 95  ? 3.422   1.920   -12.032 1.00 16.71 ? 106 GLN A C     1 
ATOM   711 O O     . GLN A 1 95  ? 3.670   2.013   -13.233 1.00 18.68 ? 106 GLN A O     1 
ATOM   712 C CB    . GLN A 1 95  ? 0.969   2.221   -11.600 1.00 10.89 ? 106 GLN A CB    1 
ATOM   713 C CG    . GLN A 1 95  ? 0.822   0.825   -11.061 1.00 12.50 ? 106 GLN A CG    1 
ATOM   714 C CD    . GLN A 1 95  ? -0.529  0.231   -11.345 1.00 13.72 ? 106 GLN A CD    1 
ATOM   715 O OE1   . GLN A 1 95  ? -1.297  0.763   -12.155 1.00 18.19 ? 106 GLN A OE1   1 
ATOM   716 N NE2   . GLN A 1 95  ? -0.832  -0.888  -10.686 1.00 12.77 ? 106 GLN A NE2   1 
ATOM   717 N N     . SER A 1 96  ? 4.112   1.132   -11.217 1.00 17.22 ? 107 SER A N     1 
ATOM   718 C CA    . SER A 1 96  ? 5.154   0.233   -11.699 1.00 20.48 ? 107 SER A CA    1 
ATOM   719 C C     . SER A 1 96  ? 4.892   -1.217  -11.310 1.00 18.69 ? 107 SER A C     1 
ATOM   720 O O     . SER A 1 96  ? 5.370   -2.136  -11.955 1.00 24.65 ? 107 SER A O     1 
ATOM   721 C CB    . SER A 1 96  ? 6.546   0.695   -11.233 1.00 25.85 ? 107 SER A CB    1 
ATOM   722 O OG    . SER A 1 96  ? 6.651   0.846   -9.820  1.00 31.94 ? 107 SER A OG    1 
ATOM   723 N N     . VAL A 1 97  ? 4.126   -1.422  -10.256 1.00 16.21 ? 108 VAL A N     1 
ATOM   724 C CA    . VAL A 1 97  ? 3.800   -2.768  -9.833  1.00 15.84 ? 108 VAL A CA    1 
ATOM   725 C C     . VAL A 1 97  ? 2.310   -2.952  -10.093 1.00 14.84 ? 108 VAL A C     1 
ATOM   726 O O     . VAL A 1 97  ? 1.473   -2.153  -9.637  1.00 17.62 ? 108 VAL A O     1 
ATOM   727 C CB    . VAL A 1 97  ? 4.142   -3.011  -8.344  1.00 16.79 ? 108 VAL A CB    1 
ATOM   728 C CG1   . VAL A 1 97  ? 3.966   -4.482  -8.004  1.00 11.12 ? 108 VAL A CG1   1 
ATOM   729 C CG2   . VAL A 1 97  ? 5.571   -2.597  -8.059  1.00 15.45 ? 108 VAL A CG2   1 
ATOM   730 N N     . TYR A 1 98  ? 1.985   -3.985  -10.859 1.00 13.18 ? 109 TYR A N     1 
ATOM   731 C CA    . TYR A 1 98  ? 0.595   -4.259  -11.218 1.00 14.61 ? 109 TYR A CA    1 
ATOM   732 C C     . TYR A 1 98  ? -0.143  -5.162  -10.236 1.00 13.90 ? 109 TYR A C     1 
ATOM   733 O O     . TYR A 1 98  ? -0.606  -6.252  -10.557 1.00 12.46 ? 109 TYR A O     1 
ATOM   734 C CB    . TYR A 1 98  ? 0.485   -4.742  -12.685 1.00 17.73 ? 109 TYR A CB    1 
ATOM   735 C CG    . TYR A 1 98  ? 1.247   -3.851  -13.654 1.00 17.24 ? 109 TYR A CG    1 
ATOM   736 C CD1   . TYR A 1 98  ? 1.075   -2.477  -13.643 1.00 18.34 ? 109 TYR A CD1   1 
ATOM   737 C CD2   . TYR A 1 98  ? 2.210   -4.386  -14.510 1.00 25.17 ? 109 TYR A CD2   1 
ATOM   738 C CE1   . TYR A 1 98  ? 1.847   -1.641  -14.437 1.00 19.87 ? 109 TYR A CE1   1 
ATOM   739 C CE2   . TYR A 1 98  ? 2.997   -3.552  -15.326 1.00 28.29 ? 109 TYR A CE2   1 
ATOM   740 C CZ    . TYR A 1 98  ? 2.810   -2.176  -15.276 1.00 29.56 ? 109 TYR A CZ    1 
ATOM   741 O OH    . TYR A 1 98  ? 3.598   -1.339  -16.039 1.00 33.30 ? 109 TYR A OH    1 
ATOM   742 N N     . HIS A 1 99  ? -0.180  -4.686  -8.998  1.00 15.70 ? 110 HIS A N     1 
ATOM   743 C CA    . HIS A 1 99  ? -0.885  -5.316  -7.893  1.00 12.91 ? 110 HIS A CA    1 
ATOM   744 C C     . HIS A 1 99  ? -1.282  -4.047  -7.139  1.00 12.84 ? 110 HIS A C     1 
ATOM   745 O O     . HIS A 1 99  ? -0.407  -3.245  -6.815  1.00 14.31 ? 110 HIS A O     1 
ATOM   746 C CB    . HIS A 1 99  ? 0.061   -6.186  -7.056  1.00 15.03 ? 110 HIS A CB    1 
ATOM   747 C CG    . HIS A 1 99  ? -0.616  -6.893  -5.920  1.00 12.61 ? 110 HIS A CG    1 
ATOM   748 N ND1   . HIS A 1 99  ? -0.568  -8.256  -5.758  1.00 15.09 ? 110 HIS A ND1   1 
ATOM   749 C CD2   . HIS A 1 99  ? -1.375  -6.420  -4.899  1.00 14.17 ? 110 HIS A CD2   1 
ATOM   750 C CE1   . HIS A 1 99  ? -1.266  -8.602  -4.691  1.00 18.19 ? 110 HIS A CE1   1 
ATOM   751 N NE2   . HIS A 1 99  ? -1.769  -7.506  -4.152  1.00 15.52 ? 110 HIS A NE2   1 
ATOM   752 N N     . VAL A 1 100 ? -2.583  -3.828  -6.927  1.00 8.59  ? 111 VAL A N     1 
ATOM   753 C CA    . VAL A 1 100 ? -3.059  -2.627  -6.242  1.00 14.52 ? 111 VAL A CA    1 
ATOM   754 C C     . VAL A 1 100 ? -2.372  -2.424  -4.880  1.00 16.03 ? 111 VAL A C     1 
ATOM   755 O O     . VAL A 1 100 ? -2.180  -3.375  -4.121  1.00 17.03 ? 111 VAL A O     1 
ATOM   756 C CB    . VAL A 1 100 ? -4.602  -2.646  -6.066  1.00 15.58 ? 111 VAL A CB    1 
ATOM   757 C CG1   . VAL A 1 100 ? -5.058  -1.452  -5.293  1.00 19.25 ? 111 VAL A CG1   1 
ATOM   758 C CG2   . VAL A 1 100 ? -5.270  -2.609  -7.404  1.00 19.22 ? 111 VAL A CG2   1 
ATOM   759 N N     . HIS A 1 101 ? -1.914  -1.204  -4.634  1.00 16.42 ? 112 HIS A N     1 
ATOM   760 C CA    . HIS A 1 101 ? -1.238  -0.867  -3.382  1.00 16.06 ? 112 HIS A CA    1 
ATOM   761 C C     . HIS A 1 101 ? -1.479  0.583   -2.979  1.00 16.14 ? 112 HIS A C     1 
ATOM   762 O O     . HIS A 1 101 ? -1.652  1.461   -3.834  1.00 16.17 ? 112 HIS A O     1 
ATOM   763 C CB    . HIS A 1 101 ? 0.271   -1.158  -3.464  1.00 13.04 ? 112 HIS A CB    1 
ATOM   764 C CG    . HIS A 1 101 ? 0.949   -0.568  -4.664  1.00 20.10 ? 112 HIS A CG    1 
ATOM   765 N ND1   . HIS A 1 101 ? 0.749   -1.048  -5.939  1.00 20.87 ? 112 HIS A ND1   1 
ATOM   766 C CD2   . HIS A 1 101 ? 1.845   0.441   -4.780  1.00 21.85 ? 112 HIS A CD2   1 
ATOM   767 C CE1   . HIS A 1 101 ? 1.493   -0.366  -6.790  1.00 20.65 ? 112 HIS A CE1   1 
ATOM   768 N NE2   . HIS A 1 101 ? 2.165   0.546   -6.111  1.00 22.87 ? 112 HIS A NE2   1 
ATOM   769 N N     . LEU A 1 102 ? -1.535  0.816   -1.671  1.00 15.98 ? 113 LEU A N     1 
ATOM   770 C CA    . LEU A 1 102 ? -1.739  2.148   -1.127  1.00 14.33 ? 113 LEU A CA    1 
ATOM   771 C C     . LEU A 1 102 ? -0.454  2.601   -0.464  1.00 15.02 ? 113 LEU A C     1 
ATOM   772 O O     . LEU A 1 102 ? 0.081   1.887   0.382   1.00 15.58 ? 113 LEU A O     1 
ATOM   773 C CB    . LEU A 1 102 ? -2.852  2.125   -0.082  1.00 14.01 ? 113 LEU A CB    1 
ATOM   774 C CG    . LEU A 1 102 ? -3.086  3.425   0.689   1.00 15.39 ? 113 LEU A CG    1 
ATOM   775 C CD1   . LEU A 1 102 ? -3.813  4.444   -0.183  1.00 13.77 ? 113 LEU A CD1   1 
ATOM   776 C CD2   . LEU A 1 102 ? -3.900  3.102   1.930   1.00 16.78 ? 113 LEU A CD2   1 
ATOM   777 N N     . HIS A 1 103 ? 0.053   3.766   -0.873  1.00 12.70 ? 114 HIS A N     1 
ATOM   778 C CA    . HIS A 1 103 ? 1.253   4.346   -0.269  1.00 13.50 ? 114 HIS A CA    1 
ATOM   779 C C     . HIS A 1 103 ? 0.830   5.219   0.923   1.00 13.53 ? 114 HIS A C     1 
ATOM   780 O O     . HIS A 1 103 ? -0.226  5.857   0.886   1.00 11.40 ? 114 HIS A O     1 
ATOM   781 C CB    . HIS A 1 103 ? 1.997   5.268   -1.264  1.00 11.08 ? 114 HIS A CB    1 
ATOM   782 C CG    . HIS A 1 103 ? 2.683   4.552   -2.390  1.00 13.65 ? 114 HIS A CG    1 
ATOM   783 N ND1   . HIS A 1 103 ? 4.016   4.224   -2.325  1.00 15.47 ? 114 HIS A ND1   1 
ATOM   784 C CD2   . HIS A 1 103 ? 2.216   4.279   -3.634  1.00 16.08 ? 114 HIS A CD2   1 
ATOM   785 C CE1   . HIS A 1 103 ? 4.336   3.767   -3.519  1.00 14.82 ? 114 HIS A CE1   1 
ATOM   786 N NE2   . HIS A 1 103 ? 3.280   3.778   -4.347  1.00 20.80 ? 114 HIS A NE2   1 
ATOM   787 N N     . VAL A 1 104 ? 1.610   5.171   2.002   1.00 16.78 ? 115 VAL A N     1 
ATOM   788 C CA    . VAL A 1 104 ? 1.378   6.049   3.160   1.00 16.94 ? 115 VAL A CA    1 
ATOM   789 C C     . VAL A 1 104 ? 2.746   6.652   3.505   1.00 13.96 ? 115 VAL A C     1 
ATOM   790 O O     . VAL A 1 104 ? 3.725   5.937   3.753   1.00 14.40 ? 115 VAL A O     1 
ATOM   791 C CB    . VAL A 1 104 ? 0.774   5.340   4.414   1.00 18.03 ? 115 VAL A CB    1 
ATOM   792 C CG1   . VAL A 1 104 ? 0.534   6.378   5.507   1.00 15.86 ? 115 VAL A CG1   1 
ATOM   793 C CG2   . VAL A 1 104 ? -0.555  4.630   4.066   1.00 16.92 ? 115 VAL A CG2   1 
ATOM   794 N N     . LEU A 1 105 ? 2.828   7.969   3.382   1.00 14.27 ? 116 LEU A N     1 
ATOM   795 C CA    . LEU A 1 105 ? 4.064   8.681   3.649   1.00 14.97 ? 116 LEU A CA    1 
ATOM   796 C C     . LEU A 1 105 ? 3.806   9.735   4.717   1.00 14.50 ? 116 LEU A C     1 
ATOM   797 O O     . LEU A 1 105 ? 2.766   10.381  4.726   1.00 13.04 ? 116 LEU A O     1 
ATOM   798 C CB    . LEU A 1 105 ? 4.575   9.380   2.378   1.00 16.33 ? 116 LEU A CB    1 
ATOM   799 C CG    . LEU A 1 105 ? 4.828   8.586   1.094   1.00 13.57 ? 116 LEU A CG    1 
ATOM   800 C CD1   . LEU A 1 105 ? 3.541   8.500   0.277   1.00 14.98 ? 116 LEU A CD1   1 
ATOM   801 C CD2   . LEU A 1 105 ? 5.902   9.282   0.294   1.00 14.73 ? 116 LEU A CD2   1 
ATOM   802 N N     . GLY A 1 106 ? 4.787   9.928   5.588   1.00 18.75 ? 117 GLY A N     1 
ATOM   803 C CA    . GLY A 1 106 ? 4.670   10.919  6.644   1.00 21.60 ? 117 GLY A CA    1 
ATOM   804 C C     . GLY A 1 106 ? 6.023   11.138  7.293   1.00 20.80 ? 117 GLY A C     1 
ATOM   805 O O     . GLY A 1 106 ? 6.997   10.498  6.902   1.00 18.41 ? 117 GLY A O     1 
ATOM   806 N N     . GLY A 1 107 ? 6.079   12.018  8.293   1.00 24.12 ? 118 GLY A N     1 
ATOM   807 C CA    . GLY A 1 107 ? 7.340   12.287  8.970   1.00 23.01 ? 118 GLY A CA    1 
ATOM   808 C C     . GLY A 1 107 ? 7.968   13.568  8.480   1.00 22.61 ? 118 GLY A C     1 
ATOM   809 O O     . GLY A 1 107 ? 9.019   13.972  8.942   1.00 25.12 ? 118 GLY A O     1 
ATOM   810 N N     . ARG A 1 108 ? 7.350   14.186  7.488   1.00 21.06 ? 119 ARG A N     1 
ATOM   811 C CA    . ARG A 1 108 ? 7.853   15.450  6.959   1.00 19.99 ? 119 ARG A CA    1 
ATOM   812 C C     . ARG A 1 108 ? 6.675   16.169  6.335   1.00 21.86 ? 119 ARG A C     1 
ATOM   813 O O     . ARG A 1 108 ? 5.593   15.591  6.207   1.00 22.63 ? 119 ARG A O     1 
ATOM   814 C CB    . ARG A 1 108 ? 8.945   15.224  5.910   1.00 20.30 ? 119 ARG A CB    1 
ATOM   815 C CG    . ARG A 1 108 ? 8.455   14.589  4.587   1.00 22.55 ? 119 ARG A CG    1 
ATOM   816 C CD    . ARG A 1 108 ? 9.542   14.689  3.538   1.00 21.02 ? 119 ARG A CD    1 
ATOM   817 N NE    . ARG A 1 108 ? 9.244   13.957  2.305   1.00 20.65 ? 119 ARG A NE    1 
ATOM   818 C CZ    . ARG A 1 108 ? 8.444   14.393  1.334   1.00 21.24 ? 119 ARG A CZ    1 
ATOM   819 N NH1   . ARG A 1 108 ? 7.826   15.566  1.433   1.00 14.00 ? 119 ARG A NH1   1 
ATOM   820 N NH2   . ARG A 1 108 ? 8.322   13.674  0.227   1.00 18.67 ? 119 ARG A NH2   1 
ATOM   821 N N     . GLN A 1 109 ? 6.855   17.439  5.993   1.00 19.80 ? 120 GLN A N     1 
ATOM   822 C CA    . GLN A 1 109 ? 5.773   18.175  5.371   1.00 24.04 ? 120 GLN A CA    1 
ATOM   823 C C     . GLN A 1 109 ? 5.636   17.713  3.927   1.00 21.59 ? 120 GLN A C     1 
ATOM   824 O O     . GLN A 1 109 ? 6.621   17.644  3.201   1.00 18.27 ? 120 GLN A O     1 
ATOM   825 C CB    . GLN A 1 109 ? 6.027   19.683  5.414   1.00 28.73 ? 120 GLN A CB    1 
ATOM   826 C CG    . GLN A 1 109 ? 5.017   20.511  4.608   1.00 33.02 ? 120 GLN A CG    1 
ATOM   827 C CD    . GLN A 1 109 ? 3.608   20.467  5.187   1.00 39.40 ? 120 GLN A CD    1 
ATOM   828 O OE1   . GLN A 1 109 ? 3.332   21.080  6.220   1.00 43.57 ? 120 GLN A OE1   1 
ATOM   829 N NE2   . GLN A 1 109 ? 2.715   19.728  4.537   1.00 39.44 ? 120 GLN A NE2   1 
ATOM   830 N N     . MET A 1 110 ? 4.422   17.325  3.552   1.00 21.90 ? 121 MET A N     1 
ATOM   831 C CA    . MET A 1 110 ? 4.149   16.893  2.196   1.00 21.49 ? 121 MET A CA    1 
ATOM   832 C C     . MET A 1 110 ? 3.733   18.156  1.442   1.00 21.99 ? 121 MET A C     1 
ATOM   833 O O     . MET A 1 110 ? 2.962   18.970  1.952   1.00 21.94 ? 121 MET A O     1 
ATOM   834 C CB    . MET A 1 110 ? 3.047   15.842  2.185   1.00 20.36 ? 121 MET A CB    1 
ATOM   835 C CG    . MET A 1 110 ? 3.344   14.593  3.022   1.00 17.30 ? 121 MET A CG    1 
ATOM   836 S SD    . MET A 1 110 ? 4.902   13.752  2.671   1.00 20.72 ? 121 MET A SD    1 
ATOM   837 C CE    . MET A 1 110 ? 4.601   13.138  1.028   1.00 18.60 ? 121 MET A CE    1 
ATOM   838 N N     . ASN A 1 111 ? 4.306   18.338  0.256   1.00 21.83 ? 122 ASN A N     1 
ATOM   839 C CA    . ASN A 1 111 ? 4.053   19.504  -0.580  1.00 21.91 ? 122 ASN A CA    1 
ATOM   840 C C     . ASN A 1 111 ? 2.924   19.340  -1.580  1.00 22.92 ? 122 ASN A C     1 
ATOM   841 O O     . ASN A 1 111 ? 2.334   18.269  -1.692  1.00 25.25 ? 122 ASN A O     1 
ATOM   842 C CB    . ASN A 1 111 ? 5.341   19.916  -1.288  1.00 31.72 ? 122 ASN A CB    1 
ATOM   843 C CG    . ASN A 1 111 ? 6.494   20.149  -0.304  1.00 39.55 ? 122 ASN A CG    1 
ATOM   844 O OD1   . ASN A 1 111 ? 6.394   20.974  0.618   1.00 41.53 ? 122 ASN A OD1   1 
ATOM   845 N ND2   . ASN A 1 111 ? 7.579   19.392  -0.474  1.00 42.00 ? 122 ASN A ND2   1 
ATOM   846 N N     . TRP A 1 112 ? 2.620   20.417  -2.300  1.00 20.12 ? 123 TRP A N     1 
ATOM   847 C CA    . TRP A 1 112 ? 1.537   20.414  -3.282  1.00 22.66 ? 123 TRP A CA    1 
ATOM   848 C C     . TRP A 1 112 ? 2.029   21.116  -4.557  1.00 23.54 ? 123 TRP A C     1 
ATOM   849 O O     . TRP A 1 112 ? 2.715   22.126  -4.457  1.00 26.78 ? 123 TRP A O     1 
ATOM   850 C CB    . TRP A 1 112 ? 0.332   21.154  -2.684  1.00 16.75 ? 123 TRP A CB    1 
ATOM   851 C CG    . TRP A 1 112 ? -1.016  20.820  -3.294  1.00 17.37 ? 123 TRP A CG    1 
ATOM   852 C CD1   . TRP A 1 112 ? -1.861  21.686  -3.919  1.00 17.26 ? 123 TRP A CD1   1 
ATOM   853 C CD2   . TRP A 1 112 ? -1.704  19.553  -3.248  1.00 16.41 ? 123 TRP A CD2   1 
ATOM   854 N NE1   . TRP A 1 112 ? -3.034  21.051  -4.252  1.00 18.76 ? 123 TRP A NE1   1 
ATOM   855 C CE2   . TRP A 1 112 ? -2.965  19.744  -3.856  1.00 14.95 ? 123 TRP A CE2   1 
ATOM   856 C CE3   . TRP A 1 112 ? -1.376  18.287  -2.746  1.00 16.81 ? 123 TRP A CE3   1 
ATOM   857 C CZ2   . TRP A 1 112 ? -3.905  18.719  -3.977  1.00 13.59 ? 123 TRP A CZ2   1 
ATOM   858 C CZ3   . TRP A 1 112 ? -2.309  17.260  -2.865  1.00 18.46 ? 123 TRP A CZ3   1 
ATOM   859 C CH2   . TRP A 1 112 ? -3.564  17.489  -3.478  1.00 18.91 ? 123 TRP A CH2   1 
ATOM   860 N N     . PRO A 1 113 ? 1.691   20.608  -5.764  1.00 23.52 ? 124 PRO A N     1 
ATOM   861 C CA    . PRO A 1 113 ? 0.899   19.445  -6.182  1.00 21.41 ? 124 PRO A CA    1 
ATOM   862 C C     . PRO A 1 113 ? 1.522   18.145  -5.719  1.00 18.49 ? 124 PRO A C     1 
ATOM   863 O O     . PRO A 1 113 ? 2.713   18.081  -5.448  1.00 18.75 ? 124 PRO A O     1 
ATOM   864 C CB    . PRO A 1 113 ? 0.914   19.567  -7.715  1.00 24.55 ? 124 PRO A CB    1 
ATOM   865 C CG    . PRO A 1 113 ? 2.213   20.204  -7.984  1.00 20.04 ? 124 PRO A CG    1 
ATOM   866 C CD    . PRO A 1 113 ? 2.190   21.307  -6.961  1.00 25.54 ? 124 PRO A CD    1 
ATOM   867 N N     . PRO A 1 114 ? 0.711   17.087  -5.607  1.00 17.08 ? 125 PRO A N     1 
ATOM   868 C CA    . PRO A 1 114 ? 1.190   15.778  -5.162  1.00 15.59 ? 125 PRO A CA    1 
ATOM   869 C C     . PRO A 1 114 ? 1.865   15.053  -6.315  1.00 18.91 ? 125 PRO A C     1 
ATOM   870 O O     . PRO A 1 114 ? 1.484   13.948  -6.699  1.00 19.35 ? 125 PRO A O     1 
ATOM   871 C CB    . PRO A 1 114 ? -0.091  15.104  -4.714  1.00 15.34 ? 125 PRO A CB    1 
ATOM   872 C CG    . PRO A 1 114 ? -1.091  15.615  -5.743  1.00 15.85 ? 125 PRO A CG    1 
ATOM   873 C CD    . PRO A 1 114 ? -0.728  17.064  -5.921  1.00 13.31 ? 125 PRO A CD    1 
ATOM   874 N N     . GLY A 1 115 ? 2.919   15.674  -6.824  1.00 22.09 ? 126 GLY A N     1 
ATOM   875 C CA    . GLY A 1 115 ? 3.611   15.132  -7.975  1.00 21.50 ? 126 GLY A CA    1 
ATOM   876 C C     . GLY A 1 115 ? 3.036   15.801  -9.222  1.00 21.60 ? 126 GLY A C     1 
ATOM   877 O O     . GLY A 1 115 ? 2.278   16.784  -9.087  1.00 17.51 ? 126 GLY A O     1 
ATOM   878 O OXT   . GLY A 1 115 ? 3.331   15.346  -10.343 1.00 18.95 ? 126 GLY A OXT   1 
HETATM 879 P P     . 5GP B 2 .   ? 4.306   2.293   -7.698  1.00 25.54 ? 201 5GP A P     1 
HETATM 880 O O1P   . 5GP B 2 .   ? 5.527   2.880   -8.242  1.00 26.33 ? 201 5GP A O1P   1 
HETATM 881 O O2P   . 5GP B 2 .   ? 3.583   1.288   -8.430  1.00 23.91 ? 201 5GP A O2P   1 
HETATM 882 O O3P   . 5GP B 2 .   ? 3.280   3.453   -7.337  1.00 26.81 ? 201 5GP A O3P   1 
HETATM 883 O "O5'" . 5GP B 2 .   ? 4.591   1.752   -6.240  1.00 30.99 ? 201 5GP A "O5'" 1 
HETATM 884 C "C5'" . 5GP B 2 .   ? 5.202   0.498   -5.952  1.00 23.12 ? 201 5GP A "C5'" 1 
HETATM 885 C "C4'" . 5GP B 2 .   ? 6.218   0.694   -4.815  1.00 18.78 ? 201 5GP A "C4'" 1 
HETATM 886 O "O4'" . 5GP B 2 .   ? 6.730   -0.557  -4.473  1.00 15.49 ? 201 5GP A "O4'" 1 
HETATM 887 C "C3'" . 5GP B 2 .   ? 7.456   1.554   -5.114  1.00 20.99 ? 201 5GP A "C3'" 1 
HETATM 888 O "O3'" . 5GP B 2 .   ? 7.492   2.660   -4.252  1.00 17.73 ? 201 5GP A "O3'" 1 
HETATM 889 C "C2'" . 5GP B 2 .   ? 8.648   0.657   -4.871  1.00 18.64 ? 201 5GP A "C2'" 1 
HETATM 890 O "O2'" . 5GP B 2 .   ? 9.762   1.283   -4.284  1.00 21.60 ? 201 5GP A "O2'" 1 
HETATM 891 C "C1'" . 5GP B 2 .   ? 8.067   -0.409  -4.008  1.00 19.76 ? 201 5GP A "C1'" 1 
HETATM 892 N N9    . 5GP B 2 .   ? 8.688   -1.733  -4.163  1.00 18.95 ? 201 5GP A N9    1 
HETATM 893 C C8    . 5GP B 2 .   ? 9.011   -2.390  -5.318  1.00 20.01 ? 201 5GP A C8    1 
HETATM 894 N N7    . 5GP B 2 .   ? 9.601   -3.524  -5.165  1.00 19.40 ? 201 5GP A N7    1 
HETATM 895 C C5    . 5GP B 2 .   ? 9.684   -3.649  -3.776  1.00 20.43 ? 201 5GP A C5    1 
HETATM 896 C C6    . 5GP B 2 .   ? 10.267  -4.680  -2.984  1.00 21.25 ? 201 5GP A C6    1 
HETATM 897 O O6    . 5GP B 2 .   ? 10.919  -5.643  -3.390  1.00 21.66 ? 201 5GP A O6    1 
HETATM 898 N N1    . 5GP B 2 .   ? 10.025  -4.514  -1.613  1.00 18.43 ? 201 5GP A N1    1 
HETATM 899 C C2    . 5GP B 2 .   ? 9.374   -3.433  -1.066  1.00 20.39 ? 201 5GP A C2    1 
HETATM 900 N N2    . 5GP B 2 .   ? 9.154   -3.432  0.234   1.00 20.51 ? 201 5GP A N2    1 
HETATM 901 N N3    . 5GP B 2 .   ? 8.950   -2.388  -1.784  1.00 22.35 ? 201 5GP A N3    1 
HETATM 902 C C4    . 5GP B 2 .   ? 9.097   -2.585  -3.149  1.00 21.90 ? 201 5GP A C4    1 
HETATM 903 O O     . HOH C 3 .   ? -7.547  -6.401  10.911  1.00 25.18 ? 211 HOH A O     1 
HETATM 904 O O     . HOH C 3 .   ? 2.117   1.559   -15.975 1.00 40.19 ? 212 HOH A O     1 
HETATM 905 O O     . HOH C 3 .   ? 7.235   -12.135 -9.791  1.00 52.93 ? 213 HOH A O     1 
HETATM 906 O O     . HOH C 3 .   ? -1.884  0.520   -7.336  1.00 18.47 ? 214 HOH A O     1 
HETATM 907 O O     . HOH C 3 .   ? -3.559  1.067   -9.588  1.00 17.25 ? 215 HOH A O     1 
HETATM 908 O O     . HOH C 3 .   ? 9.309   18.522  7.209   1.00 34.76 ? 216 HOH A O     1 
HETATM 909 O O     . HOH C 3 .   ? -1.268  3.359   -18.765 1.00 16.62 ? 217 HOH A O     1 
HETATM 910 O O     . HOH C 3 .   ? -8.600  -9.534  -9.241  1.00 68.45 ? 218 HOH A O     1 
HETATM 911 O O     . HOH C 3 .   ? 9.007   4.675   -3.668  1.00 23.11 ? 219 HOH A O     1 
HETATM 912 O O     . HOH C 3 .   ? -4.366  7.759   11.762  1.00 27.89 ? 220 HOH A O     1 
HETATM 913 O O     . HOH C 3 .   ? 4.329   12.981  12.375  1.00 23.62 ? 221 HOH A O     1 
HETATM 914 O O     . HOH C 3 .   ? 13.528  -1.980  -6.515  1.00 60.32 ? 222 HOH A O     1 
HETATM 915 O O     . HOH C 3 .   ? -5.282  -14.994 -0.216  1.00 73.30 ? 223 HOH A O     1 
HETATM 916 O O     . HOH C 3 .   ? -11.217 -7.786  -8.618  1.00 33.75 ? 224 HOH A O     1 
HETATM 917 O O     . HOH C 3 .   ? 9.373   3.681   6.277   1.00 25.34 ? 225 HOH A O     1 
HETATM 918 O O     . HOH C 3 .   ? -13.605 -5.834  4.613   1.00 41.86 ? 226 HOH A O     1 
HETATM 919 O O     . HOH C 3 .   ? 2.803   2.744   18.712  1.00 29.43 ? 227 HOH A O     1 
HETATM 920 O O     . HOH C 3 .   ? 4.178   5.451   18.462  1.00 38.16 ? 228 HOH A O     1 
HETATM 921 O O     . HOH C 3 .   ? -2.383  10.347  12.948  1.00 40.04 ? 229 HOH A O     1 
HETATM 922 O O     . HOH C 3 .   ? -17.724 -4.564  -0.907  1.00 36.68 ? 230 HOH A O     1 
HETATM 923 O O     . HOH C 3 .   ? 4.905   19.407  -10.495 1.00 43.40 ? 231 HOH A O     1 
HETATM 924 O O     . HOH C 3 .   ? 3.113   -11.605 9.707   1.00 36.50 ? 232 HOH A O     1 
HETATM 925 O O     . HOH C 3 .   ? -9.731  -3.443  10.570  1.00 34.74 ? 233 HOH A O     1 
HETATM 926 O O     . HOH C 3 .   ? -4.671  23.539  -1.600  1.00 49.86 ? 234 HOH A O     1 
HETATM 927 O O     . HOH C 3 .   ? 11.032  -6.146  0.585   1.00 26.55 ? 235 HOH A O     1 
HETATM 928 O O     . HOH C 3 .   ? 16.624  3.987   -3.135  1.00 52.08 ? 236 HOH A O     1 
HETATM 929 O O     . HOH C 3 .   ? -7.518  -9.693  0.013   1.00 20.77 ? 237 HOH A O     1 
HETATM 930 O O     . HOH C 3 .   ? -8.020  -10.250 -13.936 1.00 32.48 ? 238 HOH A O     1 
HETATM 931 O O     . HOH C 3 .   ? -0.860  -8.095  -12.869 1.00 19.66 ? 239 HOH A O     1 
HETATM 932 O O     . HOH C 3 .   ? -4.684  3.296   -16.999 1.00 35.68 ? 240 HOH A O     1 
HETATM 933 O O     . HOH C 3 .   ? 12.087  14.798  -1.396  1.00 59.97 ? 241 HOH A O     1 
HETATM 934 O O     . HOH C 3 .   ? 9.296   -0.909  -8.159  1.00 35.15 ? 242 HOH A O     1 
HETATM 935 O O     . HOH C 3 .   ? 7.688   -11.552 3.434   1.00 33.07 ? 243 HOH A O     1 
HETATM 936 O O     . HOH C 3 .   ? -7.234  -7.538  -11.804 1.00 25.91 ? 244 HOH A O     1 
HETATM 937 O O     . HOH C 3 .   ? 7.751   -3.258  -15.217 1.00 40.83 ? 245 HOH A O     1 
HETATM 938 O O     . HOH C 3 .   ? 0.726   19.905  0.849   1.00 49.93 ? 246 HOH A O     1 
HETATM 939 O O     . HOH C 3 .   ? -6.016  6.984   14.530  1.00 47.17 ? 247 HOH A O     1 
HETATM 940 O O     . HOH C 3 .   ? -14.782 -6.101  -0.715  1.00 27.07 ? 248 HOH A O     1 
HETATM 941 O O     . HOH C 3 .   ? 1.023   -10.127 -7.229  1.00 26.11 ? 249 HOH A O     1 
HETATM 942 O O     . HOH C 3 .   ? -4.131  -8.708  12.582  1.00 30.42 ? 250 HOH A O     1 
HETATM 943 O O     . HOH C 3 .   ? -3.209  -15.520 3.809   1.00 58.67 ? 251 HOH A O     1 
HETATM 944 O O     . HOH C 3 .   ? 10.130  -3.989  3.301   1.00 30.66 ? 252 HOH A O     1 
HETATM 945 O O     . HOH C 3 .   ? -6.123  -4.852  -15.255 1.00 52.88 ? 253 HOH A O     1 
HETATM 946 O O     . HOH C 3 .   ? 8.320   9.662   11.601  1.00 46.36 ? 254 HOH A O     1 
HETATM 947 O O     . HOH C 3 .   ? -13.312 -8.678  -2.347  1.00 60.31 ? 255 HOH A O     1 
HETATM 948 O O     . HOH C 3 .   ? 10.642  12.832  11.557  1.00 35.16 ? 256 HOH A O     1 
HETATM 949 O O     . HOH C 3 .   ? -5.539  -13.723 -6.249  1.00 58.98 ? 257 HOH A O     1 
HETATM 950 O O     . HOH C 3 .   ? 3.400   -16.255 -14.367 1.00 43.63 ? 258 HOH A O     1 
HETATM 951 O O     . HOH C 3 .   ? -2.973  -13.027 10.133  1.00 36.76 ? 259 HOH A O     1 
HETATM 952 O O     . HOH C 3 .   ? 7.959   16.638  10.242  1.00 50.08 ? 260 HOH A O     1 
HETATM 953 O O     . HOH C 3 .   ? -4.759  -2.491  11.724  1.00 45.33 ? 261 HOH A O     1 
HETATM 954 O O     . HOH C 3 .   ? -8.272  -1.336  -16.132 1.00 53.29 ? 262 HOH A O     1 
HETATM 955 O O     . HOH C 3 .   ? -0.205  2.668   -6.091  1.00 19.17 ? 263 HOH A O     1 
HETATM 956 O O     . HOH C 3 .   ? 6.589   3.964   -14.001 1.00 65.15 ? 264 HOH A O     1 
HETATM 957 O O     . HOH C 3 .   ? 6.391   -11.058 9.292   1.00 63.65 ? 265 HOH A O     1 
HETATM 958 O O     . HOH C 3 .   ? -7.970  -2.975  15.213  1.00 47.19 ? 266 HOH A O     1 
HETATM 959 O O     . HOH C 3 .   ? 7.447   -1.367  12.668  1.00 53.64 ? 267 HOH A O     1 
HETATM 960 O O     . HOH C 3 .   ? -13.008 -5.899  7.515   1.00 43.16 ? 268 HOH A O     1 
HETATM 961 O O     . HOH C 3 .   ? -0.305  -0.062  -14.986 1.00 65.85 ? 269 HOH A O     1 
HETATM 962 O O     . HOH C 3 .   ? -11.689 -2.931  -14.751 1.00 87.05 ? 270 HOH A O     1 
HETATM 963 O O     . HOH C 3 .   ? 10.868  -16.421 1.126   1.00 36.73 ? 271 HOH A O     1 
HETATM 964 O O     . HOH C 3 .   ? -18.989 -6.169  -8.782  1.00 31.95 ? 272 HOH A O     1 
HETATM 965 O O     . HOH C 3 .   ? -16.869 -3.363  8.227   1.00 63.80 ? 273 HOH A O     1 
HETATM 966 O O     . HOH C 3 .   ? -10.001 -6.971  -10.995 1.00 65.67 ? 274 HOH A O     1 
HETATM 967 O O     . HOH C 3 .   ? -16.410 -1.503  -11.103 1.00 68.86 ? 275 HOH A O     1 
HETATM 968 O O     . HOH C 3 .   ? 0.360   8.131   17.318  1.00 61.65 ? 276 HOH A O     1 
# 
